data_5OXF
#
_entry.id   5OXF
#
_cell.length_a   114.717
_cell.length_b   228.675
_cell.length_c   318.800
_cell.angle_alpha   90.00
_cell.angle_beta   90.00
_cell.angle_gamma   90.00
#
_symmetry.space_group_name_H-M   'P 21 21 21'
#
loop_
_entity.id
_entity.type
_entity.pdbx_description
1 polymer 'GTP-binding protein'
2 polymer 'GTP-binding protein'
3 non-polymer "GUANOSINE-5'-DIPHOSPHATE"
#
loop_
_entity_poly.entity_id
_entity_poly.type
_entity_poly.pdbx_seq_one_letter_code
_entity_poly.pdbx_strand_id
1 'polypeptide(L)'
;MKELFQKIWQNELQFLNFDAKFQDKSKLDTAECAIILSVNKDNYERYFLLKEFQELCKKIDLRVDIFSMQNAQICILNLF
KSGFISKQDLLKALKILEKISKNTEIFDFILQEKVQSIDQKALFQNDFKELNTINLELQKLSFDENLKSRLQKTLEKFQN
LEFNIAITGVMNAGKSSLLNALLKEDFLGVSNIPETANLTVLSYGKSEEAKIYFWDKKEWQNILESSHFNADLKEFIDKL
DKSVNIEDFIKDKPLIQNIALCELKNFSSAKNKISALIKKIEIKSHLEFLKNNISIVDTPGLDDVVVQREIVTNEYLRES
DFLIHLMNASQSLTQKDADFLVHCLLNSRLSKFLIVLTKADLLSKKDLEEVIVYTKESLKSRLVDLDENLVEKIDFLCVS
AKMASDFYKGLASKESLQKSGMQEFENYLFNELYAGEKSKIALRAYKKELHLELKNILSEYEMQNRLIKENKQGVSEENQ
KLLLELQKQNTLLKEAQDEISNSIAKLKNIDSGIDNLVLLLAKKLKERLIDEFKYLKNNAQKLNLSRILNIVDITTKDGI
NDILREIKFENIKKIEELKTNLSLKYDFLKDDFDNGFEGFKDGISKNIDSIFQSEKFALLRLKIEKLSNLKSDLYELETN
LDTVIFDTFKEFKMSEILNSLNINGAFFEFLNDKLKHYEKNQKSKLESLEKVLQSLKNQDANILNSFEENLEKIEKLKQL
EMGLLNADKLHH
;
A,B
2 'polypeptide(L)'
;GSHMQINLLNDFIKAYENTYSVSFDDSFKGRIQELCKELNEPFMHASYALENELKELVFSLDKNVNIAIIGQFSSGKSSL
LNLILGRDCLPTGVVPVTFKPTFLRYAKEYFLRVEFEDGSDIITNIEKLAFYTDQRNEVKQAKSLHIFAPIPLLEKITLV
DTPGLNANENDTLTTLDELKNIHGAIWLSLIDNAGKKSEEDAIKANLELLGENSICVLNQKDKLSAEELDNVLNYAKSVF
LKYFNELIAISCKEAKDEQSYEKSNFQSLLDFLTQLDTTVLKEKFVKRKILNLCEILEDENQLFVGIFDRLLNQFQSYEK
HLLLAYENFLKEIEILNHQILEQLKSISERISSEIFASVKEKDAYFYKESKGFLKKDLYTRYDYKAPYISSDDAFLAMFY
NSDVMSKEFKKIKNELYKSFEEIKMKLKDFINILEREILLFKAEFSNIQKDHIFQSDKNFSELRAFCNASDEYFLKDFKE
LLFKSILELDLFFEKLNLKAFTNYENATKLSLAFFSRKINESRVLYELDSSEFVLFYPKKSEIYERVLNELNVYEFETLL
INKPILTKIAKNFLEQSQNLIQEKNKFLDLKKAELQKRRAQILNVRESIKEDHH
;
C,D
#
# COMPACT_ATOMS: atom_id res chain seq x y z
N MET A 1 6.77 -25.95 -21.39
CA MET A 1 6.71 -24.62 -21.99
C MET A 1 7.23 -23.54 -21.04
N LYS A 2 7.88 -23.97 -19.96
CA LYS A 2 8.58 -23.02 -19.09
C LYS A 2 9.71 -22.32 -19.85
N GLU A 3 10.36 -23.03 -20.78
CA GLU A 3 11.36 -22.41 -21.62
C GLU A 3 10.76 -21.31 -22.49
N LEU A 4 9.56 -21.55 -23.03
CA LEU A 4 8.89 -20.53 -23.84
C LEU A 4 8.61 -19.27 -23.02
N PHE A 5 8.08 -19.45 -21.80
CA PHE A 5 7.76 -18.30 -20.97
C PHE A 5 9.01 -17.57 -20.51
N GLN A 6 10.11 -18.31 -20.28
CA GLN A 6 11.38 -17.64 -20.04
C GLN A 6 11.83 -16.86 -21.26
N LYS A 7 11.59 -17.39 -22.46
CA LYS A 7 11.96 -16.68 -23.68
C LYS A 7 11.19 -15.36 -23.81
N ILE A 8 9.90 -15.36 -23.51
CA ILE A 8 9.08 -14.18 -23.80
C ILE A 8 8.93 -13.23 -22.62
N TRP A 9 9.33 -13.63 -21.41
CA TRP A 9 9.23 -12.79 -20.21
C TRP A 9 10.56 -12.80 -19.46
N GLN A 10 11.66 -12.61 -20.19
CA GLN A 10 12.99 -13.00 -19.75
C GLN A 10 13.26 -12.77 -18.27
N ASN A 11 13.14 -11.52 -17.81
CA ASN A 11 13.44 -11.21 -16.42
C ASN A 11 12.21 -10.90 -15.57
N GLU A 12 11.12 -10.43 -16.17
CA GLU A 12 9.89 -10.17 -15.42
C GLU A 12 9.02 -11.40 -15.27
N LEU A 13 9.50 -12.57 -15.70
CA LEU A 13 8.76 -13.80 -15.45
C LEU A 13 8.61 -14.02 -13.95
N GLN A 14 7.44 -14.52 -13.55
CA GLN A 14 7.12 -14.69 -12.14
C GLN A 14 6.93 -16.18 -11.84
N PHE A 15 6.79 -16.48 -10.55
CA PHE A 15 6.53 -17.85 -10.11
C PHE A 15 5.08 -18.18 -10.41
N LEU A 16 4.84 -19.13 -11.29
CA LEU A 16 3.49 -19.40 -11.75
C LEU A 16 3.30 -20.90 -12.00
N ASN A 17 2.04 -21.33 -11.88
CA ASN A 17 1.64 -22.74 -11.95
C ASN A 17 1.11 -22.98 -13.37
N PHE A 18 1.80 -23.83 -14.13
CA PHE A 18 1.46 -24.09 -15.53
C PHE A 18 0.27 -25.05 -15.62
N ASP A 19 -0.93 -24.50 -15.45
CA ASP A 19 -2.15 -25.19 -15.85
C ASP A 19 -3.23 -24.15 -16.10
N ALA A 20 -4.27 -24.54 -16.82
CA ALA A 20 -5.34 -23.60 -17.15
C ALA A 20 -6.22 -23.38 -15.93
N LYS A 21 -6.02 -22.25 -15.26
CA LYS A 21 -6.89 -21.83 -14.17
C LYS A 21 -8.28 -21.43 -14.66
N PHE A 22 -8.57 -21.61 -15.94
CA PHE A 22 -9.75 -21.03 -16.56
C PHE A 22 -11.03 -21.50 -15.88
N GLN A 23 -11.99 -20.58 -15.78
CA GLN A 23 -13.22 -20.78 -15.02
C GLN A 23 -14.44 -21.02 -15.90
N ASP A 24 -14.42 -20.55 -17.14
CA ASP A 24 -15.58 -20.61 -18.03
C ASP A 24 -15.31 -21.34 -19.34
N LYS A 25 -14.06 -21.33 -19.82
CA LYS A 25 -13.59 -21.98 -21.03
C LYS A 25 -14.09 -21.29 -22.29
N SER A 26 -15.07 -20.39 -22.15
CA SER A 26 -15.53 -19.52 -23.24
C SER A 26 -15.28 -18.07 -22.88
N LYS A 27 -14.34 -17.82 -21.98
CA LYS A 27 -14.18 -16.51 -21.36
C LYS A 27 -13.86 -15.44 -22.39
N LEU A 28 -13.09 -15.80 -23.42
CA LEU A 28 -12.69 -14.88 -24.46
C LEU A 28 -12.61 -15.63 -25.79
N ASP A 29 -12.89 -14.90 -26.87
CA ASP A 29 -12.80 -15.50 -28.21
C ASP A 29 -11.34 -15.58 -28.66
N THR A 30 -11.15 -16.12 -29.87
CA THR A 30 -9.80 -16.47 -30.31
C THR A 30 -8.96 -15.24 -30.65
N ALA A 31 -9.57 -14.19 -31.21
CA ALA A 31 -8.82 -12.96 -31.45
C ALA A 31 -8.36 -12.33 -30.16
N GLU A 32 -9.21 -12.34 -29.13
CA GLU A 32 -8.81 -11.82 -27.82
C GLU A 32 -7.72 -12.69 -27.20
N CYS A 33 -7.80 -14.01 -27.40
CA CYS A 33 -6.72 -14.90 -26.95
C CYS A 33 -5.41 -14.53 -27.62
N ALA A 34 -5.44 -14.29 -28.94
CA ALA A 34 -4.24 -13.90 -29.67
C ALA A 34 -3.69 -12.58 -29.13
N ILE A 35 -4.56 -11.62 -28.83
CA ILE A 35 -4.12 -10.36 -28.25
C ILE A 35 -3.42 -10.60 -26.91
N ILE A 36 -4.03 -11.44 -26.07
CA ILE A 36 -3.43 -11.74 -24.77
C ILE A 36 -2.07 -12.41 -24.93
N LEU A 37 -1.93 -13.28 -25.94
CA LEU A 37 -0.66 -13.97 -26.14
C LEU A 37 0.44 -13.00 -26.60
N SER A 38 0.05 -11.89 -27.24
CA SER A 38 0.99 -10.92 -27.78
C SER A 38 1.32 -9.81 -26.80
N VAL A 39 1.35 -10.12 -25.52
CA VAL A 39 1.68 -9.17 -24.45
C VAL A 39 3.07 -9.51 -23.95
N ASN A 40 3.93 -9.90 -24.90
CA ASN A 40 5.36 -10.09 -24.74
C ASN A 40 6.00 -8.99 -23.89
N LYS A 41 7.03 -9.34 -23.13
CA LYS A 41 7.66 -8.45 -22.16
C LYS A 41 8.18 -7.15 -22.75
N ASP A 42 8.21 -7.01 -24.08
CA ASP A 42 8.69 -5.76 -24.67
C ASP A 42 7.57 -4.78 -24.96
N ASN A 43 6.35 -5.25 -25.17
CA ASN A 43 5.20 -4.40 -25.41
C ASN A 43 4.33 -4.20 -24.18
N TYR A 44 4.65 -4.86 -23.07
CA TYR A 44 3.67 -5.03 -21.99
C TYR A 44 3.28 -3.70 -21.35
N GLU A 45 4.25 -2.79 -21.16
CA GLU A 45 3.92 -1.50 -20.55
C GLU A 45 2.97 -0.69 -21.44
N ARG A 46 3.25 -0.67 -22.74
CA ARG A 46 2.40 0.07 -23.67
C ARG A 46 0.99 -0.50 -23.69
N TYR A 47 0.88 -1.83 -23.80
CA TYR A 47 -0.42 -2.48 -23.74
C TYR A 47 -1.17 -2.11 -22.47
N PHE A 48 -0.49 -2.16 -21.32
CA PHE A 48 -1.16 -1.88 -20.06
C PHE A 48 -1.63 -0.44 -19.99
N LEU A 49 -0.88 0.49 -20.59
CA LEU A 49 -1.31 1.88 -20.59
C LEU A 49 -2.37 2.18 -21.64
N LEU A 50 -2.58 1.28 -22.61
CA LEU A 50 -3.54 1.52 -23.68
C LEU A 50 -4.96 1.35 -23.17
N LYS A 51 -5.80 2.36 -23.42
CA LYS A 51 -7.18 2.34 -22.92
C LYS A 51 -7.95 1.16 -23.49
N GLU A 52 -7.78 0.89 -24.79
CA GLU A 52 -8.55 -0.19 -25.42
C GLU A 52 -8.16 -1.54 -24.85
N PHE A 53 -6.86 -1.75 -24.57
CA PHE A 53 -6.44 -2.98 -23.92
C PHE A 53 -7.04 -3.11 -22.52
N GLN A 54 -7.11 -2.00 -21.78
CA GLN A 54 -7.74 -2.03 -20.46
C GLN A 54 -9.22 -2.38 -20.56
N GLU A 55 -9.91 -1.82 -21.56
CA GLU A 55 -11.31 -2.17 -21.78
C GLU A 55 -11.46 -3.65 -22.10
N LEU A 56 -10.57 -4.17 -22.94
CA LEU A 56 -10.58 -5.59 -23.27
C LEU A 56 -10.43 -6.43 -22.02
N CYS A 57 -9.44 -6.11 -21.19
CA CYS A 57 -9.18 -6.91 -19.99
C CYS A 57 -10.30 -6.77 -18.96
N LYS A 58 -11.01 -5.64 -18.95
CA LYS A 58 -12.17 -5.52 -18.08
C LYS A 58 -13.33 -6.36 -18.60
N LYS A 59 -13.45 -6.45 -19.93
CA LYS A 59 -14.40 -7.38 -20.54
C LYS A 59 -14.08 -8.83 -20.19
N ILE A 60 -12.80 -9.19 -20.18
CA ILE A 60 -12.41 -10.58 -19.95
C ILE A 60 -12.33 -10.92 -18.46
N ASP A 61 -12.41 -9.92 -17.57
CA ASP A 61 -12.07 -10.09 -16.16
C ASP A 61 -10.60 -10.48 -15.98
N LEU A 62 -9.71 -9.60 -16.43
CA LEU A 62 -8.29 -9.68 -16.16
C LEU A 62 -7.82 -8.38 -15.49
N ARG A 63 -6.65 -8.43 -14.86
CA ARG A 63 -5.98 -7.23 -14.43
C ARG A 63 -5.00 -6.79 -15.53
N VAL A 64 -4.29 -5.71 -15.30
CA VAL A 64 -3.15 -5.34 -16.14
C VAL A 64 -1.82 -5.65 -15.44
N ASP A 65 -1.86 -6.45 -14.38
CA ASP A 65 -0.61 -6.82 -13.72
C ASP A 65 0.09 -7.89 -14.55
N ILE A 66 1.40 -8.01 -14.31
CA ILE A 66 2.22 -8.91 -15.12
C ILE A 66 1.89 -10.37 -14.81
N PHE A 67 1.76 -10.69 -13.52
CA PHE A 67 1.51 -12.06 -13.10
C PHE A 67 0.22 -12.61 -13.69
N SER A 68 -0.86 -11.83 -13.61
CA SER A 68 -2.14 -12.29 -14.13
C SER A 68 -2.10 -12.41 -15.65
N MET A 69 -1.38 -11.51 -16.33
CA MET A 69 -1.18 -11.65 -17.77
C MET A 69 -0.52 -12.98 -18.11
N GLN A 70 0.57 -13.30 -17.43
CA GLN A 70 1.29 -14.55 -17.70
C GLN A 70 0.43 -15.76 -17.37
N ASN A 71 -0.31 -15.70 -16.25
CA ASN A 71 -1.20 -16.79 -15.89
C ASN A 71 -2.28 -17.01 -16.95
N ALA A 72 -2.85 -15.93 -17.48
CA ALA A 72 -3.84 -16.04 -18.54
C ALA A 72 -3.24 -16.63 -19.80
N GLN A 73 -2.00 -16.25 -20.13
CA GLN A 73 -1.32 -16.84 -21.29
C GLN A 73 -1.17 -18.34 -21.12
N ILE A 74 -0.75 -18.76 -19.91
CA ILE A 74 -0.62 -20.17 -19.59
C ILE A 74 -1.95 -20.88 -19.84
N CYS A 75 -3.02 -20.34 -19.28
CA CYS A 75 -4.32 -20.99 -19.39
C CYS A 75 -4.76 -21.06 -20.85
N ILE A 76 -4.51 -20.00 -21.61
CA ILE A 76 -4.85 -20.00 -23.03
C ILE A 76 -4.10 -21.12 -23.75
N LEU A 77 -2.80 -21.26 -23.47
CA LEU A 77 -2.02 -22.28 -24.15
C LEU A 77 -2.44 -23.68 -23.75
N ASN A 78 -2.82 -23.87 -22.47
CA ASN A 78 -3.28 -25.19 -22.05
C ASN A 78 -4.63 -25.53 -22.67
N LEU A 79 -5.50 -24.53 -22.85
CA LEU A 79 -6.75 -24.80 -23.57
C LEU A 79 -6.48 -25.09 -25.05
N PHE A 80 -5.51 -24.39 -25.64
CA PHE A 80 -5.08 -24.70 -26.99
C PHE A 80 -4.62 -26.15 -27.10
N LYS A 81 -3.89 -26.64 -26.10
CA LYS A 81 -3.52 -28.05 -26.07
C LYS A 81 -4.73 -28.95 -25.82
N SER A 82 -5.35 -28.82 -24.65
CA SER A 82 -6.25 -29.85 -24.14
C SER A 82 -7.65 -29.76 -24.73
N GLY A 83 -8.38 -28.69 -24.40
CA GLY A 83 -9.72 -28.47 -24.91
C GLY A 83 -9.75 -28.12 -26.37
N PHE A 84 -8.57 -27.87 -26.92
CA PHE A 84 -8.35 -27.65 -28.34
C PHE A 84 -9.38 -26.69 -28.93
N ILE A 85 -9.29 -25.46 -28.47
CA ILE A 85 -10.20 -24.44 -28.93
C ILE A 85 -9.67 -23.74 -30.18
N SER A 86 -8.36 -23.63 -30.31
CA SER A 86 -7.77 -22.86 -31.40
C SER A 86 -7.31 -23.76 -32.55
N LYS A 87 -7.56 -23.29 -33.77
CA LYS A 87 -7.10 -23.87 -35.03
C LYS A 87 -5.75 -23.25 -35.40
N GLN A 88 -5.34 -23.42 -36.65
CA GLN A 88 -4.36 -22.51 -37.23
C GLN A 88 -4.91 -21.08 -37.35
N ASP A 89 -6.21 -20.87 -37.10
CA ASP A 89 -6.76 -19.52 -37.18
C ASP A 89 -6.22 -18.64 -36.05
N LEU A 90 -5.91 -19.26 -34.90
CA LEU A 90 -5.17 -18.58 -33.86
C LEU A 90 -3.83 -18.08 -34.38
N LEU A 91 -3.13 -18.92 -35.13
CA LEU A 91 -1.87 -18.54 -35.76
C LEU A 91 -2.09 -17.43 -36.78
N LYS A 92 -3.19 -17.51 -37.55
CA LYS A 92 -3.60 -16.41 -38.42
C LYS A 92 -3.68 -15.10 -37.65
N ALA A 93 -4.41 -15.13 -36.52
CA ALA A 93 -4.65 -13.91 -35.77
C ALA A 93 -3.36 -13.34 -35.21
N LEU A 94 -2.44 -14.21 -34.78
CA LEU A 94 -1.15 -13.71 -34.31
C LEU A 94 -0.34 -13.09 -35.45
N LYS A 95 -0.39 -13.69 -36.64
CA LYS A 95 0.25 -13.06 -37.79
C LYS A 95 -0.35 -11.70 -38.10
N ILE A 96 -1.68 -11.60 -38.00
CA ILE A 96 -2.36 -10.30 -38.15
C ILE A 96 -1.80 -9.31 -37.14
N LEU A 97 -1.72 -9.72 -35.88
CA LEU A 97 -1.29 -8.84 -34.80
C LEU A 97 0.17 -8.43 -34.93
N GLU A 98 0.98 -9.22 -35.65
CA GLU A 98 2.39 -8.90 -35.79
C GLU A 98 2.64 -7.50 -36.39
N LYS A 99 1.59 -6.82 -36.88
CA LYS A 99 1.69 -5.39 -37.13
C LYS A 99 2.24 -4.66 -35.92
N ILE A 100 1.72 -4.98 -34.73
CA ILE A 100 2.15 -4.39 -33.48
C ILE A 100 3.29 -5.19 -32.86
N SER A 101 2.99 -6.45 -32.53
CA SER A 101 3.85 -7.27 -31.69
C SER A 101 4.51 -8.36 -32.51
N LYS A 102 5.84 -8.32 -32.61
CA LYS A 102 6.59 -9.31 -33.38
C LYS A 102 6.82 -10.58 -32.56
N ASN A 103 5.71 -11.25 -32.24
CA ASN A 103 5.75 -12.39 -31.31
C ASN A 103 5.99 -13.67 -32.11
N THR A 104 7.28 -13.94 -32.36
CA THR A 104 7.66 -15.10 -33.16
C THR A 104 7.64 -16.39 -32.36
N GLU A 105 8.11 -16.34 -31.11
CA GLU A 105 8.30 -17.56 -30.31
C GLU A 105 6.97 -18.26 -30.04
N ILE A 106 5.98 -17.52 -29.55
CA ILE A 106 4.68 -18.13 -29.27
C ILE A 106 4.05 -18.67 -30.55
N PHE A 107 4.24 -17.94 -31.65
CA PHE A 107 3.77 -18.38 -32.96
C PHE A 107 4.35 -19.73 -33.33
N ASP A 108 5.67 -19.88 -33.16
CA ASP A 108 6.33 -21.14 -33.48
C ASP A 108 5.87 -22.26 -32.56
N PHE A 109 5.72 -21.97 -31.26
CA PHE A 109 5.27 -23.00 -30.33
C PHE A 109 3.86 -23.49 -30.70
N ILE A 110 2.97 -22.56 -31.01
CA ILE A 110 1.61 -22.94 -31.45
C ILE A 110 1.68 -23.76 -32.73
N LEU A 111 2.60 -23.43 -33.63
CA LEU A 111 2.76 -24.19 -34.86
C LEU A 111 3.21 -25.62 -34.57
N GLN A 112 4.35 -25.76 -33.88
CA GLN A 112 4.97 -27.07 -33.64
C GLN A 112 4.62 -27.56 -32.25
N GLU A 113 3.42 -28.13 -32.14
CA GLU A 113 2.95 -28.71 -30.88
C GLU A 113 1.87 -29.74 -31.21
N LYS A 114 2.06 -30.97 -30.71
CA LYS A 114 1.03 -32.00 -30.87
C LYS A 114 -0.29 -31.50 -30.33
N VAL A 115 -1.32 -31.52 -31.18
CA VAL A 115 -2.47 -30.69 -30.85
C VAL A 115 -3.36 -31.37 -29.82
N GLN A 116 -4.22 -32.32 -30.26
CA GLN A 116 -5.01 -33.21 -29.41
C GLN A 116 -6.09 -33.92 -30.23
N SER A 117 -6.78 -34.89 -29.62
CA SER A 117 -8.05 -35.37 -30.13
C SER A 117 -9.05 -34.22 -30.26
N ILE A 118 -9.92 -34.29 -31.27
CA ILE A 118 -10.78 -33.17 -31.63
C ILE A 118 -12.21 -33.41 -31.15
N ASP A 119 -12.85 -34.47 -31.64
CA ASP A 119 -14.04 -35.07 -31.02
C ASP A 119 -15.27 -34.15 -31.05
N GLN A 120 -15.48 -33.41 -32.13
CA GLN A 120 -16.48 -32.34 -32.12
C GLN A 120 -17.90 -32.89 -32.15
N LYS A 121 -18.23 -33.69 -33.18
CA LYS A 121 -19.62 -34.06 -33.40
C LYS A 121 -20.16 -34.94 -32.27
N ALA A 122 -19.31 -35.78 -31.67
CA ALA A 122 -19.75 -36.56 -30.53
C ALA A 122 -20.13 -35.65 -29.36
N LEU A 123 -19.33 -34.62 -29.11
CA LEU A 123 -19.66 -33.66 -28.06
C LEU A 123 -20.95 -32.91 -28.38
N PHE A 124 -21.15 -32.56 -29.66
CA PHE A 124 -22.39 -31.91 -30.08
C PHE A 124 -23.60 -32.79 -29.77
N GLN A 125 -23.53 -34.07 -30.14
CA GLN A 125 -24.65 -34.96 -29.91
C GLN A 125 -24.90 -35.16 -28.41
N ASN A 126 -23.81 -35.27 -27.63
CA ASN A 126 -23.95 -35.41 -26.18
C ASN A 126 -24.65 -34.20 -25.56
N ASP A 127 -24.18 -33.00 -25.90
CA ASP A 127 -24.80 -31.79 -25.34
C ASP A 127 -26.25 -31.67 -25.78
N PHE A 128 -26.53 -31.97 -27.05
CA PHE A 128 -27.88 -31.81 -27.56
C PHE A 128 -28.84 -32.80 -26.89
N LYS A 129 -28.38 -34.03 -26.63
CA LYS A 129 -29.27 -34.98 -25.97
C LYS A 129 -29.36 -34.72 -24.47
N GLU A 130 -28.34 -34.11 -23.87
CA GLU A 130 -28.49 -33.52 -22.54
C GLU A 130 -29.65 -32.55 -22.50
N LEU A 131 -29.66 -31.61 -23.46
CA LEU A 131 -30.71 -30.61 -23.50
C LEU A 131 -32.07 -31.24 -23.76
N ASN A 132 -32.11 -32.27 -24.61
CA ASN A 132 -33.36 -33.00 -24.84
C ASN A 132 -33.86 -33.63 -23.55
N THR A 133 -32.97 -34.24 -22.78
CA THR A 133 -33.37 -34.84 -21.51
C THR A 133 -33.90 -33.78 -20.54
N ILE A 134 -33.24 -32.61 -20.51
CA ILE A 134 -33.72 -31.52 -19.65
C ILE A 134 -35.11 -31.08 -20.09
N ASN A 135 -35.33 -30.98 -21.40
CA ASN A 135 -36.65 -30.61 -21.92
C ASN A 135 -37.71 -31.62 -21.51
N LEU A 136 -37.36 -32.91 -21.58
CA LEU A 136 -38.29 -33.97 -21.18
C LEU A 136 -38.64 -33.84 -19.69
N GLU A 137 -37.63 -33.64 -18.85
CA GLU A 137 -37.86 -33.46 -17.41
C GLU A 137 -38.76 -32.26 -17.15
N LEU A 138 -38.53 -31.16 -17.86
CA LEU A 138 -39.41 -29.99 -17.72
C LEU A 138 -40.84 -30.33 -18.14
N GLN A 139 -40.99 -31.11 -19.22
CA GLN A 139 -42.32 -31.53 -19.65
C GLN A 139 -43.01 -32.36 -18.58
N LYS A 140 -42.25 -33.12 -17.78
CA LYS A 140 -42.87 -33.92 -16.74
C LYS A 140 -43.55 -33.07 -15.66
N LEU A 141 -43.06 -31.85 -15.44
CA LEU A 141 -43.66 -30.97 -14.42
C LEU A 141 -43.31 -29.49 -14.65
N ASP A 144 -49.83 -25.70 -16.76
CA ASP A 144 -48.69 -26.54 -17.12
C ASP A 144 -48.82 -27.06 -18.55
N GLU A 145 -50.06 -27.25 -19.00
CA GLU A 145 -50.29 -27.80 -20.34
C GLU A 145 -49.73 -26.87 -21.42
N ASN A 146 -49.97 -25.56 -21.27
CA ASN A 146 -49.39 -24.58 -22.20
C ASN A 146 -47.87 -24.67 -22.21
N LEU A 147 -47.26 -24.78 -21.02
CA LEU A 147 -45.80 -24.88 -20.95
C LEU A 147 -45.29 -26.14 -21.63
N LYS A 148 -46.00 -27.26 -21.43
CA LYS A 148 -45.59 -28.51 -22.09
C LYS A 148 -45.70 -28.40 -23.60
N SER A 149 -46.77 -27.77 -24.09
CA SER A 149 -46.90 -27.57 -25.54
C SER A 149 -45.78 -26.68 -26.07
N ARG A 150 -45.43 -25.62 -25.33
CA ARG A 150 -44.31 -24.76 -25.72
C ARG A 150 -43.01 -25.56 -25.80
N LEU A 151 -42.75 -26.39 -24.79
CA LEU A 151 -41.55 -27.21 -24.79
C LEU A 151 -41.53 -28.17 -25.96
N GLN A 152 -42.68 -28.79 -26.28
CA GLN A 152 -42.75 -29.71 -27.40
C GLN A 152 -42.48 -28.99 -28.72
N LYS A 153 -43.02 -27.77 -28.87
CA LYS A 153 -42.78 -26.99 -30.07
C LYS A 153 -41.30 -26.63 -30.19
N THR A 154 -40.67 -26.26 -29.07
CA THR A 154 -39.24 -25.94 -29.08
C THR A 154 -38.42 -27.16 -29.49
N LEU A 155 -38.77 -28.34 -28.96
CA LEU A 155 -38.05 -29.56 -29.33
C LEU A 155 -38.23 -29.88 -30.81
N GLU A 156 -39.45 -29.72 -31.33
CA GLU A 156 -39.68 -29.92 -32.76
C GLU A 156 -38.85 -28.96 -33.59
N LYS A 157 -38.74 -27.70 -33.14
CA LYS A 157 -37.95 -26.71 -33.87
C LYS A 157 -36.48 -27.10 -33.90
N PHE A 158 -35.92 -27.51 -32.75
CA PHE A 158 -34.50 -27.79 -32.69
C PHE A 158 -34.13 -29.19 -33.15
N GLN A 159 -35.11 -30.07 -33.34
CA GLN A 159 -34.85 -31.40 -33.88
C GLN A 159 -34.87 -31.34 -35.41
N ASN A 160 -33.77 -31.75 -36.05
CA ASN A 160 -33.71 -31.94 -37.51
C ASN A 160 -34.00 -30.63 -38.25
N LEU A 161 -33.06 -29.68 -38.14
CA LEU A 161 -33.31 -28.30 -38.57
C LEU A 161 -32.27 -27.77 -39.56
N GLU A 162 -32.59 -27.84 -40.86
CA GLU A 162 -32.25 -26.82 -41.85
C GLU A 162 -30.83 -26.24 -41.84
N PHE A 163 -29.84 -26.99 -42.30
CA PHE A 163 -28.55 -26.42 -42.65
C PHE A 163 -28.48 -26.25 -44.17
N ASN A 164 -28.44 -25.00 -44.63
CA ASN A 164 -28.44 -24.70 -46.06
C ASN A 164 -27.04 -24.30 -46.51
N ILE A 165 -26.54 -25.01 -47.52
CA ILE A 165 -25.26 -24.73 -48.16
C ILE A 165 -25.53 -24.15 -49.54
N ALA A 166 -25.15 -22.90 -49.75
CA ALA A 166 -25.06 -22.37 -51.11
C ALA A 166 -23.72 -22.72 -51.71
N ILE A 167 -23.70 -23.08 -52.98
CA ILE A 167 -22.44 -23.33 -53.67
C ILE A 167 -22.47 -22.60 -55.01
N THR A 168 -21.35 -21.98 -55.37
CA THR A 168 -21.31 -21.09 -56.51
C THR A 168 -19.97 -21.23 -57.22
N GLY A 169 -19.87 -20.56 -58.36
CA GLY A 169 -18.70 -20.59 -59.19
C GLY A 169 -19.07 -20.34 -60.64
N VAL A 170 -18.05 -20.05 -61.45
CA VAL A 170 -18.25 -19.83 -62.88
C VAL A 170 -18.46 -21.21 -63.50
N MET A 171 -18.90 -21.24 -64.75
CA MET A 171 -19.51 -22.43 -65.31
C MET A 171 -18.48 -23.46 -65.73
N ASN A 172 -17.48 -23.05 -66.50
CA ASN A 172 -16.47 -23.99 -66.96
C ASN A 172 -15.68 -24.57 -65.78
N ALA A 173 -15.54 -23.80 -64.70
CA ALA A 173 -14.83 -24.29 -63.53
C ALA A 173 -15.43 -25.59 -63.01
N GLY A 174 -16.77 -25.69 -63.00
CA GLY A 174 -17.43 -26.96 -62.77
C GLY A 174 -17.90 -27.20 -61.36
N LYS A 175 -19.23 -27.13 -61.16
CA LYS A 175 -19.84 -27.35 -59.87
C LYS A 175 -20.72 -28.59 -59.81
N SER A 176 -21.43 -28.91 -60.91
CA SER A 176 -22.29 -30.08 -60.92
C SER A 176 -21.50 -31.35 -60.71
N SER A 177 -20.32 -31.45 -61.34
CA SER A 177 -19.49 -32.63 -61.19
C SER A 177 -18.96 -32.78 -59.77
N LEU A 178 -18.61 -31.66 -59.12
CA LEU A 178 -18.19 -31.72 -57.73
C LEU A 178 -19.33 -32.18 -56.83
N LEU A 179 -20.55 -31.71 -57.12
CA LEU A 179 -21.71 -32.14 -56.35
C LEU A 179 -21.96 -33.63 -56.52
N ASN A 180 -21.83 -34.15 -57.75
CA ASN A 180 -21.96 -35.58 -57.99
C ASN A 180 -20.96 -36.36 -57.14
N ALA A 181 -19.70 -35.93 -57.13
CA ALA A 181 -18.67 -36.65 -56.37
C ALA A 181 -18.95 -36.61 -54.87
N LEU A 182 -19.44 -35.47 -54.37
CA LEU A 182 -19.79 -35.38 -52.96
C LEU A 182 -20.90 -36.36 -52.60
N LEU A 183 -21.90 -36.50 -53.48
CA LEU A 183 -23.02 -37.40 -53.21
C LEU A 183 -22.68 -38.85 -53.52
N LYS A 184 -21.58 -39.09 -54.23
CA LYS A 184 -21.09 -40.44 -54.54
C LYS A 184 -22.05 -41.19 -55.46
N GLU A 185 -22.66 -40.47 -56.40
CA GLU A 185 -23.38 -41.00 -57.56
C GLU A 185 -23.70 -39.81 -58.46
N ASP A 186 -24.37 -40.09 -59.57
CA ASP A 186 -24.61 -39.04 -60.54
C ASP A 186 -25.93 -38.31 -60.27
N PHE A 187 -25.97 -37.06 -60.72
CA PHE A 187 -27.16 -36.24 -60.71
C PHE A 187 -27.02 -35.26 -61.88
N LEU A 188 -27.91 -34.26 -61.93
CA LEU A 188 -28.12 -33.46 -63.12
C LEU A 188 -26.83 -32.83 -63.66
N GLY A 189 -26.37 -33.31 -64.81
CA GLY A 189 -25.32 -32.67 -65.56
C GLY A 189 -23.90 -33.07 -65.19
N VAL A 190 -23.17 -33.62 -66.16
CA VAL A 190 -21.73 -33.79 -66.04
C VAL A 190 -20.99 -33.34 -67.28
N SER A 191 -21.69 -32.81 -68.27
CA SER A 191 -21.09 -32.47 -69.56
C SER A 191 -21.09 -30.95 -69.73
N ASN A 192 -19.90 -30.40 -69.98
CA ASN A 192 -19.78 -28.95 -70.13
C ASN A 192 -20.54 -28.46 -71.36
N ILE A 193 -21.33 -27.39 -71.17
CA ILE A 193 -22.13 -26.81 -72.24
C ILE A 193 -22.07 -25.30 -72.10
N PRO A 194 -21.88 -24.55 -73.21
CA PRO A 194 -21.71 -23.10 -73.08
C PRO A 194 -22.99 -22.39 -72.70
N GLU A 195 -24.14 -22.89 -73.14
CA GLU A 195 -25.43 -22.32 -72.77
C GLU A 195 -25.93 -22.92 -71.45
N THR A 196 -26.77 -22.17 -70.73
CA THR A 196 -27.25 -22.64 -69.43
C THR A 196 -28.23 -21.72 -68.71
N ALA A 197 -29.14 -22.29 -67.91
CA ALA A 197 -29.14 -22.08 -66.46
C ALA A 197 -30.49 -22.44 -65.84
N ASN A 198 -30.47 -22.81 -64.57
CA ASN A 198 -31.62 -22.80 -63.67
C ASN A 198 -31.11 -23.27 -62.32
N LEU A 199 -31.67 -22.72 -61.25
CA LEU A 199 -31.25 -23.12 -59.92
C LEU A 199 -31.76 -24.51 -59.58
N THR A 200 -31.01 -25.23 -58.74
CA THR A 200 -31.35 -26.59 -58.36
C THR A 200 -31.16 -26.72 -56.85
N VAL A 201 -32.22 -27.10 -56.15
CA VAL A 201 -32.22 -27.21 -54.70
C VAL A 201 -32.34 -28.68 -54.32
N LEU A 202 -31.24 -29.26 -53.86
CA LEU A 202 -31.22 -30.67 -53.42
C LEU A 202 -31.63 -30.69 -51.94
N SER A 203 -32.84 -31.20 -51.68
CA SER A 203 -33.36 -31.39 -50.34
C SER A 203 -33.59 -32.88 -50.07
N TYR A 204 -34.09 -33.19 -48.88
CA TYR A 204 -34.35 -34.57 -48.48
C TYR A 204 -35.82 -34.77 -48.16
N GLY A 205 -36.37 -35.90 -48.60
CA GLY A 205 -37.75 -36.23 -48.33
C GLY A 205 -38.06 -37.63 -48.82
N LYS A 206 -39.21 -38.14 -48.37
CA LYS A 206 -39.61 -39.49 -48.74
C LYS A 206 -40.00 -39.56 -50.21
N SER A 207 -40.81 -38.60 -50.67
CA SER A 207 -41.13 -38.51 -52.09
C SER A 207 -39.91 -38.01 -52.86
N GLU A 208 -39.82 -38.43 -54.13
CA GLU A 208 -38.64 -38.20 -54.97
C GLU A 208 -38.97 -37.21 -56.09
N GLU A 209 -39.68 -36.13 -55.74
CA GLU A 209 -40.16 -35.12 -56.68
C GLU A 209 -39.01 -34.39 -57.38
N ALA A 210 -39.38 -33.67 -58.43
CA ALA A 210 -38.50 -32.75 -59.14
C ALA A 210 -39.25 -31.45 -59.50
N LYS A 211 -39.94 -30.86 -58.51
CA LYS A 211 -40.79 -29.70 -58.75
C LYS A 211 -40.08 -28.60 -59.53
N ILE A 212 -40.77 -28.04 -60.52
CA ILE A 212 -40.19 -27.12 -61.49
C ILE A 212 -40.92 -25.78 -61.44
N TYR A 213 -40.18 -24.69 -61.65
CA TYR A 213 -40.74 -23.35 -61.73
C TYR A 213 -40.24 -22.63 -62.98
N PHE A 214 -41.16 -22.07 -63.74
CA PHE A 214 -40.82 -21.22 -64.89
C PHE A 214 -40.95 -19.76 -64.52
N TRP A 215 -40.46 -18.90 -65.41
CA TRP A 215 -40.54 -17.47 -65.21
C TRP A 215 -42.00 -17.02 -65.15
N ASP A 216 -42.20 -15.85 -64.56
CA ASP A 216 -43.48 -15.18 -64.65
C ASP A 216 -43.56 -14.41 -65.97
N LYS A 217 -44.75 -13.88 -66.25
CA LYS A 217 -44.89 -12.97 -67.38
C LYS A 217 -43.96 -11.77 -67.25
N LYS A 218 -43.85 -11.23 -66.02
CA LYS A 218 -43.06 -10.04 -65.80
C LYS A 218 -41.57 -10.32 -65.80
N GLU A 219 -41.16 -11.48 -65.25
CA GLU A 219 -39.75 -11.85 -65.31
C GLU A 219 -39.30 -12.04 -66.75
N TRP A 220 -40.17 -12.64 -67.58
CA TRP A 220 -39.84 -12.80 -68.99
C TRP A 220 -39.80 -11.44 -69.69
N GLN A 221 -40.71 -10.53 -69.32
CA GLN A 221 -40.68 -9.20 -69.90
C GLN A 221 -39.39 -8.48 -69.55
N ASN A 222 -38.91 -8.66 -68.32
CA ASN A 222 -37.62 -8.09 -67.93
C ASN A 222 -36.49 -8.70 -68.73
N ILE A 223 -36.54 -10.01 -68.96
CA ILE A 223 -35.48 -10.67 -69.75
C ILE A 223 -35.46 -10.12 -71.18
N LEU A 224 -36.64 -9.97 -71.79
CA LEU A 224 -36.68 -9.44 -73.16
C LEU A 224 -36.23 -7.98 -73.17
N GLU A 225 -36.54 -7.22 -72.11
CA GLU A 225 -36.05 -5.86 -72.00
C GLU A 225 -34.53 -5.80 -71.99
N SER A 226 -33.91 -6.67 -71.19
CA SER A 226 -32.45 -6.68 -71.09
C SER A 226 -31.78 -7.25 -72.32
N SER A 227 -32.50 -8.06 -73.11
CA SER A 227 -31.94 -8.55 -74.36
C SER A 227 -31.52 -7.39 -75.27
N HIS A 228 -32.27 -6.28 -75.22
CA HIS A 228 -31.92 -5.11 -76.02
C HIS A 228 -30.51 -4.61 -75.72
N PHE A 229 -30.03 -4.80 -74.50
CA PHE A 229 -28.75 -4.27 -74.06
C PHE A 229 -27.62 -5.30 -74.09
N ASN A 230 -27.91 -6.56 -73.77
CA ASN A 230 -26.82 -7.52 -73.58
C ASN A 230 -26.11 -7.85 -74.90
N ALA A 231 -26.89 -8.14 -75.96
CA ALA A 231 -26.48 -8.43 -77.34
C ALA A 231 -25.91 -9.85 -77.50
N ASP A 232 -25.67 -10.61 -76.44
CA ASP A 232 -25.57 -12.06 -76.52
C ASP A 232 -26.85 -12.75 -76.06
N LEU A 233 -27.49 -12.20 -75.03
CA LEU A 233 -28.80 -12.67 -74.63
C LEU A 233 -29.83 -12.42 -75.73
N LYS A 234 -29.69 -11.31 -76.46
CA LYS A 234 -30.59 -11.03 -77.58
C LYS A 234 -30.49 -12.12 -78.65
N GLU A 235 -29.26 -12.49 -79.01
CA GLU A 235 -29.03 -13.59 -79.95
C GLU A 235 -29.67 -14.88 -79.45
N PHE A 236 -29.43 -15.22 -78.18
CA PHE A 236 -29.96 -16.47 -77.65
C PHE A 236 -31.48 -16.44 -77.61
N ILE A 237 -32.06 -15.26 -77.36
CA ILE A 237 -33.51 -15.16 -77.27
C ILE A 237 -34.11 -15.29 -78.66
N ASP A 238 -33.41 -14.77 -79.66
CA ASP A 238 -33.83 -14.95 -81.05
C ASP A 238 -33.77 -16.42 -81.44
N LYS A 239 -32.73 -17.13 -81.01
CA LYS A 239 -32.65 -18.56 -81.32
C LYS A 239 -33.75 -19.34 -80.60
N LEU A 240 -34.07 -18.95 -79.36
CA LEU A 240 -35.09 -19.65 -78.59
C LEU A 240 -36.48 -19.45 -79.18
N ASP A 241 -36.83 -18.22 -79.55
CA ASP A 241 -38.22 -17.95 -79.95
C ASP A 241 -38.60 -18.60 -81.27
N LYS A 242 -37.65 -19.18 -82.01
CA LYS A 242 -38.02 -19.98 -83.17
C LYS A 242 -38.83 -21.19 -82.73
N SER A 243 -38.37 -21.88 -81.68
CA SER A 243 -39.14 -22.94 -81.04
C SER A 243 -40.07 -22.26 -80.04
N VAL A 244 -41.30 -21.97 -80.48
CA VAL A 244 -42.20 -21.15 -79.69
C VAL A 244 -42.84 -22.04 -78.63
N ASN A 245 -42.16 -22.18 -77.49
CA ASN A 245 -42.71 -22.86 -76.33
C ASN A 245 -43.48 -21.91 -75.43
N ILE A 246 -43.52 -20.62 -75.79
CA ILE A 246 -44.42 -19.67 -75.13
C ILE A 246 -45.85 -20.18 -75.20
N GLU A 247 -46.25 -20.69 -76.35
CA GLU A 247 -47.56 -21.30 -76.53
C GLU A 247 -47.67 -22.60 -75.75
N PRO A 254 -44.87 -21.16 -68.45
CA PRO A 254 -44.22 -20.10 -69.22
C PRO A 254 -45.12 -18.89 -69.39
N LEU A 255 -46.01 -18.67 -68.42
CA LEU A 255 -47.07 -17.68 -68.58
C LEU A 255 -47.37 -17.06 -67.22
N ILE A 256 -48.57 -16.49 -67.09
CA ILE A 256 -48.82 -15.39 -66.17
C ILE A 256 -48.35 -15.71 -64.75
N GLN A 257 -48.99 -16.69 -64.10
CA GLN A 257 -48.92 -16.74 -62.63
C GLN A 257 -48.16 -17.94 -62.07
N ASN A 258 -48.61 -19.17 -62.33
CA ASN A 258 -48.09 -20.32 -61.58
C ASN A 258 -47.79 -21.47 -62.51
N ILE A 259 -46.54 -21.91 -62.53
CA ILE A 259 -46.11 -23.08 -63.30
C ILE A 259 -45.42 -24.00 -62.31
N ALA A 260 -46.10 -25.08 -61.90
CA ALA A 260 -45.56 -26.04 -60.93
C ALA A 260 -45.71 -27.45 -61.50
N LEU A 261 -44.73 -27.87 -62.29
CA LEU A 261 -44.61 -29.25 -62.70
C LEU A 261 -44.04 -30.06 -61.54
N CYS A 262 -44.57 -31.27 -61.35
CA CYS A 262 -44.34 -32.00 -60.11
C CYS A 262 -43.28 -33.10 -60.20
N GLU A 263 -43.04 -33.67 -61.37
CA GLU A 263 -42.16 -34.84 -61.44
C GLU A 263 -41.52 -34.94 -62.82
N LEU A 264 -40.35 -35.59 -62.86
CA LEU A 264 -39.69 -35.97 -64.09
C LEU A 264 -38.63 -37.03 -63.78
N LYS A 265 -38.26 -37.81 -64.79
CA LYS A 265 -37.16 -38.77 -64.72
C LYS A 265 -36.10 -38.38 -65.74
N ASN A 266 -35.23 -37.45 -65.33
CA ASN A 266 -33.97 -37.15 -66.02
C ASN A 266 -34.16 -36.92 -67.52
N PHE A 267 -35.19 -36.17 -67.89
CA PHE A 267 -35.39 -35.89 -69.31
C PHE A 267 -34.38 -34.82 -69.75
N SER A 268 -33.66 -35.11 -70.83
CA SER A 268 -32.61 -34.24 -71.33
C SER A 268 -33.06 -33.35 -72.47
N SER A 269 -34.38 -33.28 -72.72
CA SER A 269 -34.89 -32.36 -73.74
C SER A 269 -34.75 -30.91 -73.32
N ALA A 270 -34.75 -30.64 -72.00
CA ALA A 270 -34.57 -29.28 -71.53
C ALA A 270 -33.21 -28.72 -71.91
N LYS A 271 -32.20 -29.59 -72.01
CA LYS A 271 -30.89 -29.17 -72.52
C LYS A 271 -30.99 -28.62 -73.93
N ASN A 272 -32.07 -28.94 -74.65
CA ASN A 272 -32.30 -28.38 -75.98
C ASN A 272 -32.92 -26.99 -75.86
N LYS A 273 -32.29 -26.11 -75.07
CA LYS A 273 -32.51 -24.68 -75.00
C LYS A 273 -33.80 -24.27 -74.28
N ILE A 274 -34.49 -25.19 -73.61
CA ILE A 274 -35.70 -24.81 -72.88
C ILE A 274 -35.44 -24.42 -71.44
N SER A 275 -34.31 -24.86 -70.86
CA SER A 275 -33.97 -24.50 -69.48
C SER A 275 -33.96 -22.99 -69.28
N ALA A 276 -33.70 -22.22 -70.35
CA ALA A 276 -33.76 -20.76 -70.28
C ALA A 276 -35.12 -20.26 -69.82
N LEU A 277 -36.18 -21.04 -70.01
CA LEU A 277 -37.50 -20.67 -69.49
C LEU A 277 -37.72 -21.12 -68.06
N ILE A 278 -36.91 -22.06 -67.57
CA ILE A 278 -36.99 -22.51 -66.19
C ILE A 278 -36.09 -21.62 -65.33
N LYS A 279 -36.52 -21.37 -64.09
CA LYS A 279 -35.72 -20.61 -63.14
C LYS A 279 -35.32 -21.42 -61.91
N LYS A 280 -36.19 -22.30 -61.42
CA LYS A 280 -36.05 -22.91 -60.11
C LYS A 280 -36.54 -24.35 -60.17
N ILE A 281 -35.67 -25.30 -59.81
CA ILE A 281 -36.00 -26.72 -59.77
C ILE A 281 -35.75 -27.20 -58.36
N GLU A 282 -36.80 -27.68 -57.70
CA GLU A 282 -36.78 -28.01 -56.27
C GLU A 282 -36.88 -29.53 -56.12
N ILE A 283 -35.73 -30.18 -55.85
CA ILE A 283 -35.57 -31.63 -55.77
C ILE A 283 -35.70 -32.08 -54.32
N LYS A 284 -36.34 -33.24 -54.13
CA LYS A 284 -36.47 -33.91 -52.84
C LYS A 284 -35.93 -35.34 -53.02
N SER A 285 -34.62 -35.51 -52.83
CA SER A 285 -33.94 -36.77 -53.11
C SER A 285 -33.66 -37.56 -51.83
N HIS A 286 -33.20 -38.80 -52.04
CA HIS A 286 -32.77 -39.71 -50.98
C HIS A 286 -31.26 -39.94 -51.08
N LEU A 287 -30.50 -39.24 -50.24
CA LEU A 287 -29.06 -39.43 -50.14
C LEU A 287 -28.69 -39.20 -48.68
N GLU A 288 -27.92 -40.13 -48.10
CA GLU A 288 -27.62 -40.08 -46.67
C GLU A 288 -26.96 -38.75 -46.29
N PHE A 289 -26.12 -38.22 -47.20
CA PHE A 289 -25.58 -36.88 -47.03
C PHE A 289 -26.67 -35.89 -46.66
N LEU A 290 -27.75 -35.85 -47.46
CA LEU A 290 -28.89 -35.01 -47.15
C LEU A 290 -29.77 -35.61 -46.05
N LYS A 291 -29.71 -36.93 -45.84
CA LYS A 291 -30.38 -37.55 -44.70
C LYS A 291 -29.93 -36.96 -43.37
N ASN A 292 -28.77 -36.33 -43.33
CA ASN A 292 -28.37 -35.60 -42.12
C ASN A 292 -29.02 -34.21 -41.99
N ASN A 293 -30.16 -33.99 -42.66
CA ASN A 293 -30.87 -32.70 -42.61
C ASN A 293 -30.03 -31.57 -43.19
N ILE A 294 -29.41 -31.82 -44.33
CA ILE A 294 -28.71 -30.80 -45.10
C ILE A 294 -29.57 -30.44 -46.31
N SER A 295 -29.35 -29.25 -46.85
CA SER A 295 -29.96 -28.86 -48.11
C SER A 295 -28.96 -28.03 -48.90
N ILE A 296 -28.71 -28.43 -50.15
CA ILE A 296 -27.73 -27.75 -50.99
C ILE A 296 -28.46 -26.94 -52.07
N VAL A 297 -27.85 -25.81 -52.42
CA VAL A 297 -28.34 -24.91 -53.45
C VAL A 297 -27.24 -24.75 -54.48
N ASP A 298 -27.44 -25.33 -55.67
CA ASP A 298 -26.56 -25.13 -56.81
C ASP A 298 -26.93 -23.82 -57.51
N THR A 299 -25.93 -23.12 -58.04
CA THR A 299 -26.15 -21.78 -58.56
C THR A 299 -25.44 -21.52 -59.88
N PRO A 300 -26.12 -20.85 -60.82
CA PRO A 300 -25.49 -20.48 -62.09
C PRO A 300 -24.40 -19.42 -61.89
N GLY A 301 -23.58 -19.27 -62.93
CA GLY A 301 -22.54 -18.25 -62.92
C GLY A 301 -22.88 -16.97 -63.67
N LEU A 302 -23.15 -17.08 -64.98
CA LEU A 302 -23.21 -15.88 -65.81
C LEU A 302 -24.40 -15.78 -66.76
N ASP A 303 -25.11 -16.88 -67.01
CA ASP A 303 -26.11 -16.84 -68.06
C ASP A 303 -27.45 -16.25 -67.61
N ASP A 304 -28.25 -15.88 -68.60
CA ASP A 304 -29.57 -15.27 -68.42
C ASP A 304 -29.54 -14.28 -67.28
N VAL A 305 -28.70 -13.25 -67.46
CA VAL A 305 -28.33 -12.30 -66.42
C VAL A 305 -29.57 -11.84 -65.66
N VAL A 306 -30.55 -11.38 -66.43
CA VAL A 306 -31.56 -10.42 -66.03
C VAL A 306 -32.15 -10.73 -64.66
N VAL A 307 -32.72 -11.91 -64.52
CA VAL A 307 -33.35 -12.30 -63.26
C VAL A 307 -32.80 -13.60 -62.72
N GLN A 308 -32.08 -14.40 -63.52
CA GLN A 308 -31.44 -15.57 -62.94
C GLN A 308 -30.32 -15.17 -61.99
N ARG A 309 -29.61 -14.07 -62.26
CA ARG A 309 -28.64 -13.60 -61.26
C ARG A 309 -29.35 -13.05 -60.02
N GLU A 310 -30.47 -12.36 -60.21
CA GLU A 310 -31.23 -11.84 -59.07
C GLU A 310 -31.73 -12.98 -58.19
N ILE A 311 -32.23 -14.05 -58.80
CA ILE A 311 -32.73 -15.18 -58.02
C ILE A 311 -31.57 -15.95 -57.40
N VAL A 312 -30.40 -15.95 -58.05
CA VAL A 312 -29.20 -16.55 -57.44
C VAL A 312 -28.87 -15.83 -56.14
N THR A 313 -28.79 -14.49 -56.20
CA THR A 313 -28.45 -13.73 -55.00
C THR A 313 -29.59 -13.72 -53.99
N ASN A 314 -30.84 -13.94 -54.43
CA ASN A 314 -31.92 -14.19 -53.47
C ASN A 314 -31.66 -15.48 -52.70
N GLU A 315 -31.41 -16.58 -53.43
CA GLU A 315 -31.20 -17.87 -52.79
C GLU A 315 -30.00 -17.82 -51.86
N TYR A 316 -28.94 -17.11 -52.25
CA TYR A 316 -27.74 -17.01 -51.42
C TYR A 316 -27.95 -16.09 -50.22
N LEU A 317 -28.59 -14.93 -50.45
CA LEU A 317 -28.88 -13.99 -49.36
C LEU A 317 -29.96 -14.52 -48.43
N ARG A 318 -30.74 -15.49 -48.88
CA ARG A 318 -31.75 -16.13 -48.03
C ARG A 318 -31.05 -17.06 -47.07
N GLU A 319 -31.80 -17.99 -46.46
CA GLU A 319 -31.34 -18.85 -45.36
C GLU A 319 -29.86 -19.21 -45.41
N SER A 320 -29.29 -19.34 -46.63
CA SER A 320 -28.07 -20.12 -46.84
C SER A 320 -27.07 -19.92 -45.71
N ASP A 321 -26.89 -20.99 -44.92
CA ASP A 321 -26.06 -20.92 -43.73
C ASP A 321 -24.59 -21.13 -44.04
N PHE A 322 -24.25 -21.39 -45.30
CA PHE A 322 -22.85 -21.46 -45.66
C PHE A 322 -22.67 -21.14 -47.14
N LEU A 323 -21.46 -20.73 -47.50
CA LEU A 323 -21.10 -20.46 -48.88
C LEU A 323 -19.83 -21.20 -49.25
N ILE A 324 -19.91 -22.00 -50.32
CA ILE A 324 -18.73 -22.60 -50.95
C ILE A 324 -18.61 -22.01 -52.34
N HIS A 325 -17.42 -21.54 -52.70
CA HIS A 325 -17.16 -21.01 -54.03
C HIS A 325 -16.05 -21.81 -54.70
N LEU A 326 -16.27 -22.19 -55.95
CA LEU A 326 -15.36 -23.06 -56.66
C LEU A 326 -14.61 -22.30 -57.75
N MET A 327 -13.32 -22.60 -57.88
CA MET A 327 -12.54 -22.12 -59.02
C MET A 327 -11.67 -23.27 -59.55
N ASN A 328 -11.58 -23.38 -60.87
CA ASN A 328 -10.74 -24.43 -61.44
C ASN A 328 -9.27 -24.09 -61.23
N ALA A 329 -8.45 -25.14 -61.09
CA ALA A 329 -7.07 -24.98 -60.64
C ALA A 329 -6.27 -24.04 -61.54
N SER A 330 -6.64 -23.91 -62.81
CA SER A 330 -5.85 -23.13 -63.77
C SER A 330 -6.64 -21.97 -64.38
N GLN A 331 -7.53 -21.36 -63.59
CA GLN A 331 -8.23 -20.16 -64.03
C GLN A 331 -7.47 -18.92 -63.55
N SER A 332 -7.34 -17.93 -64.44
CA SER A 332 -6.62 -16.70 -64.12
C SER A 332 -7.56 -15.69 -63.45
N LEU A 333 -8.11 -16.13 -62.32
CA LEU A 333 -8.84 -15.31 -61.35
C LEU A 333 -10.23 -14.88 -61.83
N THR A 334 -10.54 -15.05 -63.11
CA THR A 334 -11.91 -15.01 -63.61
C THR A 334 -12.66 -13.77 -63.10
N GLN A 335 -12.28 -12.60 -63.65
CA GLN A 335 -12.63 -11.28 -63.11
C GLN A 335 -14.00 -11.19 -62.45
N LYS A 336 -15.01 -11.85 -63.02
CA LYS A 336 -16.31 -11.92 -62.37
C LYS A 336 -16.21 -12.67 -61.03
N ASP A 337 -15.47 -13.78 -61.01
CA ASP A 337 -15.23 -14.50 -59.75
C ASP A 337 -14.57 -13.59 -58.72
N ALA A 338 -13.59 -12.79 -59.15
CA ALA A 338 -12.88 -11.91 -58.24
C ALA A 338 -13.81 -10.83 -57.68
N ASP A 339 -14.65 -10.24 -58.53
CA ASP A 339 -15.62 -9.27 -58.06
C ASP A 339 -16.59 -9.90 -57.06
N PHE A 340 -17.04 -11.13 -57.34
CA PHE A 340 -17.93 -11.83 -56.41
C PHE A 340 -17.25 -12.07 -55.07
N LEU A 341 -15.99 -12.50 -55.09
CA LEU A 341 -15.27 -12.74 -53.85
C LEU A 341 -15.05 -11.44 -53.09
N VAL A 342 -14.81 -10.35 -53.81
CA VAL A 342 -14.69 -9.05 -53.14
C VAL A 342 -16.00 -8.70 -52.43
N HIS A 343 -17.12 -8.81 -53.15
CA HIS A 343 -18.43 -8.57 -52.55
C HIS A 343 -18.64 -9.45 -51.31
N CYS A 344 -18.19 -10.71 -51.38
CA CYS A 344 -18.26 -11.60 -50.24
C CYS A 344 -17.46 -11.05 -49.06
N LEU A 345 -16.23 -10.63 -49.33
CA LEU A 345 -15.35 -10.14 -48.27
C LEU A 345 -15.91 -8.91 -47.58
N LEU A 346 -16.46 -7.96 -48.36
CA LEU A 346 -17.02 -6.76 -47.74
C LEU A 346 -18.29 -7.05 -46.94
N ASN A 347 -19.03 -8.09 -47.29
CA ASN A 347 -20.29 -8.36 -46.59
C ASN A 347 -19.98 -8.88 -45.19
N SER A 348 -20.33 -8.09 -44.17
CA SER A 348 -20.04 -8.45 -42.80
C SER A 348 -20.94 -9.57 -42.28
N ARG A 349 -22.04 -9.87 -42.99
CA ARG A 349 -22.90 -10.96 -42.58
C ARG A 349 -22.31 -12.34 -42.92
N LEU A 350 -21.33 -12.38 -43.82
CA LEU A 350 -20.93 -13.67 -44.41
C LEU A 350 -20.19 -14.56 -43.41
N SER A 351 -19.22 -13.98 -42.68
CA SER A 351 -18.59 -14.63 -41.53
C SER A 351 -17.87 -15.93 -41.95
N LYS A 352 -16.77 -15.75 -42.68
CA LYS A 352 -15.79 -16.80 -43.02
C LYS A 352 -16.42 -17.91 -43.88
N PHE A 353 -16.67 -17.55 -45.14
CA PHE A 353 -17.07 -18.47 -46.19
C PHE A 353 -15.88 -19.32 -46.65
N LEU A 354 -16.15 -20.25 -47.58
CA LEU A 354 -15.18 -21.25 -48.01
C LEU A 354 -14.92 -21.21 -49.52
N ILE A 355 -13.70 -21.59 -49.89
CA ILE A 355 -13.25 -21.70 -51.28
C ILE A 355 -12.75 -23.13 -51.52
N VAL A 356 -13.16 -23.71 -52.64
CA VAL A 356 -12.63 -24.97 -53.15
C VAL A 356 -11.99 -24.72 -54.50
N LEU A 357 -10.72 -25.11 -54.63
CA LEU A 357 -10.04 -25.19 -55.92
C LEU A 357 -10.39 -26.55 -56.51
N THR A 358 -11.36 -26.57 -57.43
CA THR A 358 -11.80 -27.80 -58.03
C THR A 358 -10.82 -28.26 -59.11
N LYS A 359 -10.88 -29.55 -59.43
CA LYS A 359 -9.90 -30.21 -60.30
C LYS A 359 -8.50 -30.10 -59.72
N ALA A 360 -8.27 -30.69 -58.53
CA ALA A 360 -6.95 -30.67 -57.90
C ALA A 360 -5.91 -31.45 -58.69
N ASP A 361 -6.33 -32.42 -59.50
CA ASP A 361 -5.45 -33.00 -60.49
C ASP A 361 -5.15 -31.94 -61.56
N LEU A 362 -4.42 -32.34 -62.60
CA LEU A 362 -4.06 -31.49 -63.73
C LEU A 362 -3.12 -30.37 -63.31
N LEU A 363 -2.53 -30.47 -62.12
CA LEU A 363 -1.70 -29.40 -61.58
C LEU A 363 -0.84 -29.99 -60.46
N SER A 364 0.44 -29.69 -60.48
CA SER A 364 1.36 -30.25 -59.49
C SER A 364 1.06 -29.70 -58.11
N LYS A 365 1.07 -30.58 -57.11
CA LYS A 365 0.98 -30.12 -55.74
C LYS A 365 2.24 -29.36 -55.36
N LYS A 366 2.08 -28.36 -54.50
CA LYS A 366 3.02 -27.29 -54.15
C LYS A 366 3.07 -26.22 -55.25
N ASP A 367 2.46 -26.46 -56.40
CA ASP A 367 2.11 -25.39 -57.33
C ASP A 367 0.68 -24.90 -57.12
N LEU A 368 -0.18 -25.77 -56.59
CA LEU A 368 -1.52 -25.37 -56.17
C LEU A 368 -1.46 -24.34 -55.06
N GLU A 369 -0.53 -24.52 -54.13
CA GLU A 369 -0.36 -23.55 -53.04
C GLU A 369 0.04 -22.18 -53.58
N GLU A 370 0.88 -22.16 -54.63
CA GLU A 370 1.22 -20.88 -55.25
C GLU A 370 0.01 -20.24 -55.92
N VAL A 371 -0.87 -21.06 -56.50
CA VAL A 371 -2.11 -20.54 -57.07
C VAL A 371 -2.96 -19.89 -55.98
N ILE A 372 -3.06 -20.56 -54.83
CA ILE A 372 -3.82 -20.01 -53.71
C ILE A 372 -3.21 -18.71 -53.22
N VAL A 373 -1.87 -18.66 -53.15
CA VAL A 373 -1.18 -17.44 -52.71
C VAL A 373 -1.46 -16.30 -53.69
N TYR A 374 -1.44 -16.59 -54.99
CA TYR A 374 -1.77 -15.58 -56.00
C TYR A 374 -3.19 -15.08 -55.82
N THR A 375 -4.14 -15.99 -55.60
CA THR A 375 -5.53 -15.62 -55.36
C THR A 375 -5.64 -14.67 -54.18
N LYS A 376 -4.99 -15.02 -53.06
CA LYS A 376 -5.10 -14.21 -51.86
C LYS A 376 -4.45 -12.84 -52.04
N GLU A 377 -3.32 -12.78 -52.78
CA GLU A 377 -2.70 -11.50 -53.04
C GLU A 377 -3.58 -10.62 -53.92
N SER A 378 -4.24 -11.21 -54.91
CA SER A 378 -5.18 -10.43 -55.72
C SER A 378 -6.31 -9.88 -54.87
N LEU A 379 -6.89 -10.73 -54.02
CA LEU A 379 -7.97 -10.27 -53.16
C LEU A 379 -7.52 -9.17 -52.20
N LYS A 380 -6.28 -9.27 -51.71
CA LYS A 380 -5.74 -8.20 -50.86
C LYS A 380 -5.56 -6.92 -51.65
N SER A 381 -5.13 -7.04 -52.92
CA SER A 381 -4.92 -5.86 -53.75
C SER A 381 -6.24 -5.16 -54.05
N ARG A 382 -7.35 -5.90 -54.09
CA ARG A 382 -8.64 -5.24 -54.26
C ARG A 382 -9.13 -4.54 -53.00
N LEU A 383 -8.48 -4.75 -51.85
CA LEU A 383 -8.89 -4.15 -50.57
C LEU A 383 -7.68 -3.51 -49.91
N VAL A 384 -7.42 -2.23 -50.19
CA VAL A 384 -6.20 -1.57 -49.70
C VAL A 384 -6.56 -0.84 -48.40
N ASP A 385 -6.43 -1.56 -47.28
CA ASP A 385 -6.36 -1.02 -45.93
C ASP A 385 -6.03 -2.19 -45.03
N LEU A 386 -6.20 -2.06 -43.71
CA LEU A 386 -6.27 -3.24 -42.86
C LEU A 386 -7.36 -4.20 -43.36
N ASP A 387 -8.23 -3.69 -44.25
CA ASP A 387 -9.17 -4.49 -45.03
C ASP A 387 -8.50 -5.75 -45.59
N GLU A 388 -7.21 -5.69 -45.92
CA GLU A 388 -6.50 -6.85 -46.46
C GLU A 388 -6.68 -8.09 -45.60
N ASN A 389 -6.65 -7.91 -44.27
CA ASN A 389 -6.77 -9.05 -43.37
C ASN A 389 -8.11 -9.76 -43.50
N LEU A 390 -9.09 -9.12 -44.15
CA LEU A 390 -10.36 -9.77 -44.44
C LEU A 390 -10.20 -10.95 -45.38
N VAL A 391 -9.13 -11.00 -46.18
CA VAL A 391 -8.90 -12.18 -47.01
C VAL A 391 -8.57 -13.39 -46.15
N GLU A 392 -8.09 -13.17 -44.93
CA GLU A 392 -7.90 -14.29 -44.00
C GLU A 392 -9.22 -14.80 -43.48
N LYS A 393 -10.32 -14.23 -43.99
CA LYS A 393 -11.66 -14.75 -43.75
C LYS A 393 -11.90 -16.05 -44.49
N ILE A 394 -11.16 -16.30 -45.57
CA ILE A 394 -11.43 -17.41 -46.46
C ILE A 394 -10.64 -18.63 -46.05
N ASP A 395 -11.27 -19.80 -46.14
CA ASP A 395 -10.58 -21.09 -46.07
C ASP A 395 -10.44 -21.65 -47.48
N PHE A 396 -9.36 -22.39 -47.71
CA PHE A 396 -9.06 -22.94 -49.03
C PHE A 396 -8.90 -24.45 -48.94
N LEU A 397 -9.63 -25.19 -49.78
CA LEU A 397 -9.38 -26.62 -49.95
C LEU A 397 -9.08 -26.91 -51.42
N CYS A 398 -8.48 -28.09 -51.65
CA CYS A 398 -7.97 -28.49 -52.97
C CYS A 398 -8.46 -29.91 -53.25
N VAL A 399 -9.65 -30.01 -53.85
CA VAL A 399 -10.29 -31.29 -54.11
C VAL A 399 -10.43 -31.51 -55.61
N SER A 400 -10.28 -32.77 -56.03
CA SER A 400 -10.51 -33.20 -57.40
C SER A 400 -11.66 -34.21 -57.41
N ALA A 401 -12.74 -33.88 -58.11
CA ALA A 401 -13.94 -34.72 -58.07
C ALA A 401 -13.80 -35.97 -58.94
N LYS A 402 -12.99 -35.90 -60.01
CA LYS A 402 -12.89 -37.02 -60.93
C LYS A 402 -12.33 -38.26 -60.26
N MET A 403 -11.27 -38.09 -59.44
CA MET A 403 -10.64 -39.25 -58.81
C MET A 403 -11.59 -39.89 -57.79
N ALA A 404 -12.30 -39.07 -57.02
CA ALA A 404 -13.26 -39.60 -56.06
C ALA A 404 -14.41 -40.32 -56.76
N SER A 405 -14.92 -39.74 -57.85
CA SER A 405 -15.99 -40.42 -58.59
C SER A 405 -15.49 -41.69 -59.25
N ASP A 406 -14.23 -41.70 -59.68
CA ASP A 406 -13.65 -42.89 -60.29
C ASP A 406 -13.52 -44.02 -59.29
N PHE A 407 -13.14 -43.70 -58.05
CA PHE A 407 -12.90 -44.76 -57.07
C PHE A 407 -14.16 -45.56 -56.77
N TYR A 408 -15.34 -44.92 -56.82
CA TYR A 408 -16.57 -45.63 -56.47
C TYR A 408 -16.89 -46.72 -57.49
N LYS A 409 -16.96 -46.38 -58.78
CA LYS A 409 -17.35 -47.35 -59.79
C LYS A 409 -16.53 -47.32 -61.06
N GLY A 410 -15.63 -46.35 -61.25
CA GLY A 410 -15.05 -46.08 -62.55
C GLY A 410 -13.64 -46.63 -62.74
N LEU A 411 -12.85 -45.88 -63.52
CA LEU A 411 -11.55 -46.35 -63.96
C LEU A 411 -10.59 -46.58 -62.79
N ALA A 412 -10.41 -45.57 -61.95
CA ALA A 412 -9.39 -45.60 -60.90
C ALA A 412 -9.94 -46.29 -59.65
N SER A 413 -10.14 -47.61 -59.77
CA SER A 413 -10.48 -48.41 -58.60
C SER A 413 -9.30 -48.52 -57.63
N LYS A 414 -8.08 -48.37 -58.13
CA LYS A 414 -6.94 -48.14 -57.24
C LYS A 414 -7.09 -46.79 -56.58
N GLU A 415 -6.61 -46.69 -55.34
CA GLU A 415 -7.11 -45.68 -54.41
C GLU A 415 -6.71 -44.28 -54.86
N SER A 416 -7.67 -43.59 -55.48
CA SER A 416 -7.58 -42.17 -55.76
C SER A 416 -8.52 -41.35 -54.88
N LEU A 417 -9.30 -42.01 -54.01
CA LEU A 417 -10.17 -41.27 -53.08
C LEU A 417 -9.34 -40.37 -52.17
N GLN A 418 -8.35 -40.95 -51.50
CA GLN A 418 -7.27 -40.15 -50.95
C GLN A 418 -6.28 -39.84 -52.07
N LYS A 419 -5.59 -38.70 -51.92
CA LYS A 419 -4.82 -37.99 -52.95
C LYS A 419 -5.75 -37.17 -53.84
N SER A 420 -7.05 -37.10 -53.52
CA SER A 420 -7.99 -36.23 -54.20
C SER A 420 -8.44 -35.08 -53.33
N GLY A 421 -8.88 -35.36 -52.11
CA GLY A 421 -9.34 -34.35 -51.17
C GLY A 421 -10.82 -34.43 -50.83
N MET A 422 -11.58 -35.28 -51.51
CA MET A 422 -13.03 -35.33 -51.27
C MET A 422 -13.35 -35.74 -49.84
N GLN A 423 -12.60 -36.70 -49.30
CA GLN A 423 -12.77 -37.12 -47.92
C GLN A 423 -12.59 -35.97 -46.95
N GLU A 424 -11.54 -35.16 -47.15
CA GLU A 424 -11.28 -34.05 -46.25
C GLU A 424 -12.36 -32.98 -46.38
N PHE A 425 -12.81 -32.71 -47.61
CA PHE A 425 -13.89 -31.74 -47.82
C PHE A 425 -15.17 -32.21 -47.11
N GLU A 426 -15.47 -33.50 -47.18
CA GLU A 426 -16.62 -34.07 -46.49
C GLU A 426 -16.48 -33.91 -44.97
N ASN A 427 -15.28 -34.19 -44.44
CA ASN A 427 -15.01 -33.99 -43.02
C ASN A 427 -15.24 -32.54 -42.62
N TYR A 428 -14.77 -31.61 -43.44
CA TYR A 428 -14.96 -30.17 -43.20
C TYR A 428 -16.45 -29.82 -43.11
N LEU A 429 -17.22 -30.26 -44.10
CA LEU A 429 -18.64 -29.94 -44.11
C LEU A 429 -19.35 -30.52 -42.90
N PHE A 430 -18.99 -31.74 -42.50
CA PHE A 430 -19.61 -32.33 -41.31
C PHE A 430 -19.17 -31.61 -40.04
N ASN A 431 -17.93 -31.11 -40.01
CA ASN A 431 -17.44 -30.36 -38.84
C ASN A 431 -18.17 -29.04 -38.69
N GLU A 432 -18.59 -28.43 -39.80
CA GLU A 432 -19.32 -27.16 -39.73
C GLU A 432 -20.69 -27.34 -39.06
N LEU A 433 -21.01 -28.54 -38.57
CA LEU A 433 -22.25 -28.79 -37.86
C LEU A 433 -22.08 -28.87 -36.34
N TYR A 434 -20.86 -28.75 -35.83
CA TYR A 434 -20.68 -28.25 -34.46
C TYR A 434 -19.78 -27.03 -34.47
N ALA A 435 -18.64 -27.13 -35.18
CA ALA A 435 -17.67 -26.05 -35.20
C ALA A 435 -18.23 -24.80 -35.87
N GLY A 436 -19.14 -24.97 -36.82
CA GLY A 436 -19.76 -23.82 -37.45
C GLY A 436 -20.55 -23.00 -36.44
N GLU A 437 -20.50 -21.67 -36.62
CA GLU A 437 -21.14 -20.76 -35.68
C GLU A 437 -22.65 -21.04 -35.54
N LYS A 438 -23.27 -21.52 -36.62
CA LYS A 438 -24.73 -21.69 -36.62
C LYS A 438 -25.17 -22.72 -35.58
N SER A 439 -24.45 -23.85 -35.51
CA SER A 439 -24.81 -24.90 -34.56
C SER A 439 -24.69 -24.39 -33.12
N LYS A 440 -23.62 -23.67 -32.82
CA LYS A 440 -23.42 -23.14 -31.47
C LYS A 440 -24.50 -22.11 -31.14
N ILE A 441 -24.87 -21.27 -32.11
CA ILE A 441 -25.92 -20.28 -31.88
C ILE A 441 -27.25 -20.97 -31.60
N ALA A 442 -27.56 -22.05 -32.35
CA ALA A 442 -28.79 -22.79 -32.11
C ALA A 442 -28.79 -23.43 -30.73
N LEU A 443 -27.64 -23.98 -30.30
CA LEU A 443 -27.53 -24.54 -28.96
C LEU A 443 -27.76 -23.47 -27.89
N ARG A 444 -27.18 -22.29 -28.09
CA ARG A 444 -27.37 -21.18 -27.15
C ARG A 444 -28.85 -20.78 -27.07
N ALA A 445 -29.52 -20.72 -28.21
CA ALA A 445 -30.95 -20.39 -28.22
C ALA A 445 -31.76 -21.45 -27.49
N TYR A 446 -31.45 -22.72 -27.72
CA TYR A 446 -32.15 -23.80 -27.00
C TYR A 446 -31.92 -23.69 -25.50
N LYS A 447 -30.70 -23.38 -25.08
CA LYS A 447 -30.42 -23.22 -23.66
C LYS A 447 -31.20 -22.06 -23.06
N LYS A 448 -31.29 -20.94 -23.80
CA LYS A 448 -32.06 -19.80 -23.30
C LYS A 448 -33.54 -20.15 -23.18
N GLU A 449 -34.08 -20.89 -24.17
CA GLU A 449 -35.47 -21.33 -24.09
C GLU A 449 -35.70 -22.22 -22.89
N LEU A 450 -34.76 -23.14 -22.61
CA LEU A 450 -34.93 -24.01 -21.46
C LEU A 450 -34.88 -23.22 -20.16
N HIS A 451 -33.97 -22.24 -20.07
CA HIS A 451 -33.91 -21.39 -18.89
C HIS A 451 -35.23 -20.63 -18.70
N LEU A 452 -35.80 -20.10 -19.78
CA LEU A 452 -37.01 -19.30 -19.64
C LEU A 452 -38.22 -20.16 -19.28
N GLU A 453 -38.34 -21.34 -19.87
CA GLU A 453 -39.41 -22.25 -19.47
C GLU A 453 -39.24 -22.70 -18.02
N LEU A 454 -37.99 -22.91 -17.60
CA LEU A 454 -37.71 -23.23 -16.20
C LEU A 454 -38.16 -22.09 -15.29
N LYS A 455 -37.89 -20.86 -15.69
CA LYS A 455 -38.33 -19.69 -14.93
C LYS A 455 -39.85 -19.62 -14.83
N ASN A 456 -40.53 -19.92 -15.95
CA ASN A 456 -41.99 -19.96 -15.94
C ASN A 456 -42.50 -21.03 -14.97
N ILE A 457 -41.87 -22.20 -14.97
CA ILE A 457 -42.30 -23.29 -14.09
C ILE A 457 -42.07 -22.91 -12.63
N LEU A 458 -40.94 -22.24 -12.35
CA LEU A 458 -40.70 -21.73 -11.00
C LEU A 458 -41.80 -20.75 -10.59
N SER A 459 -42.14 -19.81 -11.47
CA SER A 459 -43.22 -18.87 -11.17
C SER A 459 -44.52 -19.59 -10.88
N GLU A 460 -44.79 -20.66 -11.63
CA GLU A 460 -46.02 -21.42 -11.44
C GLU A 460 -46.04 -22.12 -10.09
N TYR A 461 -44.94 -22.79 -9.74
CA TYR A 461 -44.93 -23.69 -8.59
C TYR A 461 -44.65 -23.01 -7.25
N GLU A 462 -43.99 -21.85 -7.23
CA GLU A 462 -43.80 -21.14 -5.97
C GLU A 462 -45.11 -20.52 -5.47
N MET A 463 -45.99 -20.11 -6.40
CA MET A 463 -47.24 -19.47 -6.03
C MET A 463 -48.16 -20.42 -5.26
N GLN A 464 -48.12 -21.71 -5.58
CA GLN A 464 -48.91 -22.69 -4.84
C GLN A 464 -48.47 -22.75 -3.38
N ASN A 465 -47.16 -22.79 -3.15
CA ASN A 465 -46.63 -22.77 -1.79
C ASN A 465 -47.02 -21.48 -1.07
N ARG A 466 -46.95 -20.35 -1.77
CA ARG A 466 -47.35 -19.07 -1.16
C ARG A 466 -48.81 -19.09 -0.76
N LEU A 467 -49.68 -19.64 -1.62
CA LEU A 467 -51.09 -19.73 -1.30
C LEU A 467 -51.35 -20.65 -0.11
N ILE A 468 -50.61 -21.76 -0.03
CA ILE A 468 -50.75 -22.66 1.11
C ILE A 468 -50.33 -21.97 2.40
N LYS A 469 -49.24 -21.20 2.34
CA LYS A 469 -48.81 -20.44 3.52
C LYS A 469 -49.85 -19.41 3.93
N GLU A 470 -50.46 -18.72 2.96
CA GLU A 470 -51.50 -17.76 3.28
C GLU A 470 -52.71 -18.44 3.91
N ASN A 471 -53.07 -19.63 3.42
CA ASN A 471 -54.18 -20.38 4.01
C ASN A 471 -53.87 -20.79 5.44
N LYS A 472 -52.62 -21.22 5.71
CA LYS A 472 -52.22 -21.57 7.07
C LYS A 472 -52.29 -20.34 7.98
N GLN A 473 -51.84 -19.19 7.49
CA GLN A 473 -51.91 -17.96 8.28
C GLN A 473 -53.37 -17.59 8.59
N GLY A 474 -54.25 -17.74 7.60
CA GLY A 474 -55.67 -17.48 7.84
C GLY A 474 -56.27 -18.42 8.86
N VAL A 475 -55.88 -19.70 8.81
CA VAL A 475 -56.36 -20.66 9.80
C VAL A 475 -55.88 -20.28 11.19
N SER A 476 -54.62 -19.86 11.31
CA SER A 476 -54.11 -19.42 12.60
C SER A 476 -54.86 -18.20 13.12
N GLU A 477 -55.16 -17.25 12.22
CA GLU A 477 -55.93 -16.07 12.62
C GLU A 477 -57.32 -16.45 13.09
N GLU A 478 -57.96 -17.41 12.41
CA GLU A 478 -59.27 -17.86 12.82
C GLU A 478 -59.23 -18.53 14.20
N ASN A 479 -58.18 -19.32 14.45
CA ASN A 479 -58.03 -19.95 15.77
C ASN A 479 -57.83 -18.88 16.85
N GLN A 480 -57.05 -17.85 16.56
CA GLN A 480 -56.86 -16.77 17.52
C GLN A 480 -58.16 -16.04 17.79
N LYS A 481 -58.96 -15.80 16.74
CA LYS A 481 -60.26 -15.15 16.93
C LYS A 481 -61.19 -16.01 17.76
N LEU A 482 -61.17 -17.33 17.56
CA LEU A 482 -61.99 -18.22 18.38
C LEU A 482 -61.56 -18.19 19.84
N LEU A 483 -60.25 -18.15 20.09
CA LEU A 483 -59.76 -18.06 21.46
C LEU A 483 -60.19 -16.74 22.11
N LEU A 484 -60.13 -15.64 21.35
CA LEU A 484 -60.56 -14.35 21.87
C LEU A 484 -62.06 -14.36 22.19
N GLU A 485 -62.86 -15.01 21.33
CA GLU A 485 -64.29 -15.12 21.58
C GLU A 485 -64.57 -15.93 22.84
N LEU A 486 -63.82 -17.02 23.04
CA LEU A 486 -63.98 -17.81 24.27
C LEU A 486 -63.62 -17.00 25.50
N GLN A 487 -62.53 -16.21 25.43
CA GLN A 487 -62.17 -15.36 26.56
C GLN A 487 -63.24 -14.33 26.83
N LYS A 488 -63.83 -13.75 25.78
CA LYS A 488 -64.90 -12.77 25.97
C LYS A 488 -66.12 -13.42 26.60
N GLN A 489 -66.45 -14.64 26.20
CA GLN A 489 -67.58 -15.36 26.82
C GLN A 489 -67.31 -15.63 28.30
N ASN A 490 -66.07 -16.02 28.64
CA ASN A 490 -65.72 -16.22 30.04
C ASN A 490 -65.86 -14.93 30.84
N THR A 491 -65.41 -13.81 30.27
CA THR A 491 -65.54 -12.52 30.94
C THR A 491 -67.01 -12.15 31.14
N LEU A 492 -67.85 -12.44 30.14
CA LEU A 492 -69.28 -12.16 30.27
C LEU A 492 -69.92 -13.01 31.36
N LEU A 493 -69.51 -14.28 31.45
CA LEU A 493 -70.01 -15.14 32.52
C LEU A 493 -69.59 -14.62 33.89
N LYS A 494 -68.34 -14.17 34.02
CA LYS A 494 -67.89 -13.60 35.28
C LYS A 494 -68.68 -12.34 35.65
N GLU A 495 -68.96 -11.49 34.64
CA GLU A 495 -69.75 -10.29 34.89
C GLU A 495 -71.17 -10.64 35.33
N ALA A 496 -71.76 -11.67 34.72
CA ALA A 496 -73.09 -12.11 35.11
C ALA A 496 -73.09 -12.64 36.54
N GLN A 497 -72.05 -13.39 36.92
CA GLN A 497 -71.95 -13.86 38.30
C GLN A 497 -71.83 -12.70 39.28
N ASP A 498 -71.03 -11.68 38.92
CA ASP A 498 -70.91 -10.50 39.77
C ASP A 498 -72.23 -9.77 39.91
N GLU A 499 -73.00 -9.67 38.81
CA GLU A 499 -74.31 -9.02 38.88
C GLU A 499 -75.27 -9.81 39.76
N ILE A 500 -75.21 -11.14 39.68
CA ILE A 500 -76.06 -11.97 40.55
C ILE A 500 -75.70 -11.77 42.01
N SER A 501 -74.39 -11.70 42.31
CA SER A 501 -73.95 -11.43 43.68
C SER A 501 -74.44 -10.08 44.17
N ASN A 502 -74.34 -9.05 43.32
CA ASN A 502 -74.84 -7.73 43.68
C ASN A 502 -76.33 -7.75 43.96
N SER A 503 -77.10 -8.46 43.12
CA SER A 503 -78.53 -8.58 43.34
C SER A 503 -78.84 -9.26 44.67
N ILE A 504 -78.09 -10.33 44.98
CA ILE A 504 -78.26 -11.01 46.26
C ILE A 504 -77.98 -10.05 47.42
N ALA A 505 -76.95 -9.22 47.28
CA ALA A 505 -76.60 -8.28 48.35
C ALA A 505 -77.66 -7.20 48.51
N LYS A 506 -77.98 -6.49 47.44
CA LYS A 506 -78.93 -5.37 47.49
C LYS A 506 -80.27 -5.74 46.88
N ILE A 514 -95.40 4.08 53.24
CA ILE A 514 -96.63 4.01 54.02
C ILE A 514 -97.05 5.41 54.48
N ASP A 515 -96.05 6.26 54.79
CA ASP A 515 -96.33 7.55 55.41
C ASP A 515 -96.99 8.52 54.44
N ASN A 516 -96.69 8.42 53.15
CA ASN A 516 -97.24 9.36 52.18
C ASN A 516 -98.76 9.23 52.08
N LEU A 517 -99.26 7.98 52.10
CA LEU A 517 -100.70 7.76 52.09
C LEU A 517 -101.36 8.33 53.34
N VAL A 518 -100.72 8.17 54.49
CA VAL A 518 -101.27 8.72 55.74
C VAL A 518 -101.31 10.24 55.67
N LEU A 519 -100.27 10.85 55.10
CA LEU A 519 -100.25 12.31 54.95
C LEU A 519 -101.36 12.77 54.01
N LEU A 520 -101.59 12.04 52.91
CA LEU A 520 -102.67 12.39 51.99
C LEU A 520 -104.03 12.28 52.68
N LEU A 521 -104.22 11.23 53.49
CA LEU A 521 -105.48 11.08 54.22
C LEU A 521 -105.67 12.21 55.23
N ALA A 522 -104.60 12.61 55.92
CA ALA A 522 -104.69 13.73 56.85
C ALA A 522 -105.04 15.03 56.13
N LYS A 523 -104.45 15.24 54.94
CA LYS A 523 -104.78 16.44 54.16
C LYS A 523 -106.24 16.43 53.73
N LYS A 524 -106.75 15.26 53.33
CA LYS A 524 -108.17 15.15 52.96
C LYS A 524 -109.07 15.45 54.15
N LEU A 525 -108.70 14.95 55.34
CA LEU A 525 -109.48 15.23 56.55
C LEU A 525 -109.46 16.72 56.87
N LYS A 526 -108.31 17.37 56.71
CA LYS A 526 -108.23 18.81 56.94
C LYS A 526 -109.10 19.58 55.95
N GLU A 527 -109.11 19.16 54.68
CA GLU A 527 -109.97 19.80 53.69
C GLU A 527 -111.44 19.63 54.05
N ARG A 528 -111.82 18.44 54.51
CA ARG A 528 -113.21 18.22 54.93
C ARG A 528 -113.58 19.10 56.12
N LEU A 529 -112.65 19.25 57.08
CA LEU A 529 -112.90 20.13 58.22
C LEU A 529 -113.06 21.58 57.79
N ILE A 530 -112.24 22.02 56.83
CA ILE A 530 -112.36 23.38 56.31
C ILE A 530 -113.70 23.59 55.62
N ASP A 531 -114.14 22.58 54.85
CA ASP A 531 -115.45 22.67 54.21
C ASP A 531 -116.57 22.75 55.24
N GLU A 532 -116.46 21.96 56.32
CA GLU A 532 -117.48 22.02 57.37
C GLU A 532 -117.50 23.38 58.06
N PHE A 533 -116.31 23.96 58.29
CA PHE A 533 -116.25 25.30 58.88
C PHE A 533 -116.89 26.34 57.95
N LYS A 534 -116.60 26.25 56.66
CA LYS A 534 -117.23 27.16 55.70
C LYS A 534 -118.75 27.01 55.71
N TYR A 535 -119.24 25.77 55.75
CA TYR A 535 -120.67 25.53 55.83
C TYR A 535 -121.27 26.13 57.10
N LEU A 536 -120.52 26.07 58.21
CA LEU A 536 -121.01 26.65 59.46
C LEU A 536 -121.04 28.17 59.39
N LYS A 537 -120.08 28.78 58.71
CA LYS A 537 -120.10 30.23 58.53
C LYS A 537 -121.34 30.68 57.76
N ASN A 538 -121.59 30.05 56.61
CA ASN A 538 -122.88 30.12 55.92
C ASN A 538 -123.85 29.14 56.58
N ASN A 539 -124.92 28.76 55.87
CA ASN A 539 -125.79 27.68 56.32
C ASN A 539 -125.63 26.49 55.36
N ALA A 540 -125.77 25.28 55.90
CA ALA A 540 -125.19 24.07 55.32
C ALA A 540 -126.04 23.46 54.20
N GLN A 541 -125.36 22.98 53.17
CA GLN A 541 -125.97 22.48 51.95
C GLN A 541 -125.65 21.00 51.72
N LYS A 542 -126.47 20.37 50.88
CA LYS A 542 -126.21 19.00 50.46
C LYS A 542 -125.14 18.93 49.37
N LEU A 543 -124.99 20.02 48.59
CA LEU A 543 -123.98 20.04 47.54
C LEU A 543 -122.57 19.97 48.12
N ASN A 544 -122.34 20.65 49.24
CA ASN A 544 -121.04 20.57 49.91
C ASN A 544 -120.76 19.15 50.41
N LEU A 545 -121.78 18.49 50.97
CA LEU A 545 -121.62 17.12 51.42
C LEU A 545 -121.29 16.20 50.24
N SER A 546 -121.94 16.41 49.10
CA SER A 546 -121.64 15.62 47.91
C SER A 546 -120.22 15.86 47.43
N ARG A 547 -119.78 17.12 47.45
CA ARG A 547 -118.41 17.45 47.05
C ARG A 547 -117.38 16.86 48.00
N ILE A 548 -117.76 16.67 49.27
CA ILE A 548 -116.80 16.12 50.24
C ILE A 548 -116.23 14.79 49.75
N LEU A 549 -117.04 13.98 49.07
CA LEU A 549 -116.58 12.66 48.61
C LEU A 549 -115.57 12.74 47.47
N ASN A 550 -115.51 13.87 46.75
CA ASN A 550 -114.52 14.01 45.68
C ASN A 550 -113.11 14.15 46.22
N ILE A 551 -112.97 14.65 47.45
CA ILE A 551 -111.65 14.75 48.07
C ILE A 551 -111.04 13.37 48.24
N VAL A 552 -111.87 12.33 48.39
CA VAL A 552 -111.37 10.96 48.49
C VAL A 552 -110.69 10.55 47.18
N ASP A 553 -111.34 10.84 46.05
CA ASP A 553 -110.75 10.55 44.76
C ASP A 553 -109.47 11.35 44.55
N ILE A 554 -109.45 12.60 45.01
CA ILE A 554 -108.24 13.42 44.90
C ILE A 554 -107.09 12.80 45.69
N THR A 555 -107.37 12.33 46.91
CA THR A 555 -106.34 11.69 47.72
C THR A 555 -105.84 10.41 47.07
N THR A 556 -106.75 9.60 46.51
CA THR A 556 -106.34 8.41 45.78
C THR A 556 -105.41 8.76 44.62
N LYS A 557 -105.75 9.83 43.89
CA LYS A 557 -104.89 10.27 42.78
C LYS A 557 -103.51 10.69 43.28
N ASP A 558 -103.45 11.37 44.43
CA ASP A 558 -102.16 11.78 44.97
C ASP A 558 -101.30 10.57 45.35
N GLY A 559 -101.90 9.59 46.02
CA GLY A 559 -101.17 8.37 46.33
C GLY A 559 -100.68 7.66 45.09
N ILE A 560 -101.53 7.58 44.07
CA ILE A 560 -101.12 6.97 42.79
C ILE A 560 -99.95 7.73 42.19
N ASN A 561 -99.95 9.06 42.33
CA ASN A 561 -98.86 9.88 41.80
C ASN A 561 -97.53 9.53 42.49
N ASP A 562 -97.57 9.38 43.82
CA ASP A 562 -96.38 8.97 44.56
C ASP A 562 -95.88 7.61 44.08
N ILE A 563 -96.81 6.67 43.88
CA ILE A 563 -96.42 5.33 43.41
C ILE A 563 -95.79 5.40 42.03
N LEU A 564 -96.35 6.23 41.15
CA LEU A 564 -95.80 6.39 39.80
C LEU A 564 -94.40 6.99 39.84
N ARG A 565 -94.18 7.97 40.72
CA ARG A 565 -92.84 8.54 40.86
C ARG A 565 -91.85 7.48 41.34
N GLU A 566 -92.26 6.63 42.27
CA GLU A 566 -91.39 5.55 42.74
C GLU A 566 -91.06 4.58 41.59
N ILE A 567 -92.06 4.27 40.76
CA ILE A 567 -91.83 3.37 39.64
C ILE A 567 -90.85 3.98 38.64
N LYS A 568 -90.98 5.29 38.38
CA LYS A 568 -90.06 5.98 37.49
C LYS A 568 -88.63 5.95 38.04
N PHE A 569 -88.49 6.16 39.36
CA PHE A 569 -87.17 6.10 39.97
C PHE A 569 -86.56 4.70 39.85
N GLU A 570 -87.38 3.66 40.04
CA GLU A 570 -86.89 2.29 39.87
C GLU A 570 -86.44 2.04 38.43
N ASN A 571 -87.21 2.54 37.45
CA ASN A 571 -86.81 2.38 36.06
C ASN A 571 -85.49 3.10 35.76
N ILE A 572 -85.31 4.29 36.33
CA ILE A 572 -84.05 5.02 36.14
C ILE A 572 -82.88 4.24 36.75
N LYS A 573 -83.09 3.65 37.93
CA LYS A 573 -82.05 2.85 38.55
C LYS A 573 -81.70 1.64 37.70
N LYS A 574 -82.71 0.98 37.13
CA LYS A 574 -82.47 -0.15 36.24
C LYS A 574 -81.68 0.26 35.00
N ILE A 575 -82.00 1.44 34.45
CA ILE A 575 -81.27 1.94 33.28
C ILE A 575 -79.81 2.21 33.63
N GLU A 576 -79.56 2.80 34.81
CA GLU A 576 -78.19 3.03 35.25
C GLU A 576 -77.44 1.72 35.41
N GLU A 577 -78.07 0.72 36.03
CA GLU A 577 -77.45 -0.59 36.18
C GLU A 577 -77.10 -1.19 34.83
N LEU A 578 -78.01 -1.09 33.87
CA LEU A 578 -77.72 -1.57 32.52
C LEU A 578 -76.53 -0.83 31.92
N LYS A 579 -76.42 0.47 32.20
CA LYS A 579 -75.33 1.26 31.62
C LYS A 579 -73.98 0.95 32.26
N THR A 580 -73.97 0.49 33.52
CA THR A 580 -72.74 0.38 34.31
C THR A 580 -71.60 -0.28 33.54
N ASN A 581 -71.77 -1.55 33.17
CA ASN A 581 -70.75 -2.28 32.43
C ASN A 581 -71.40 -3.07 31.31
N LEU A 582 -70.74 -3.11 30.16
CA LEU A 582 -71.33 -3.63 28.92
C LEU A 582 -71.27 -5.15 28.92
N SER A 583 -72.33 -5.77 29.44
CA SER A 583 -72.43 -7.23 29.50
C SER A 583 -73.38 -7.82 28.47
N LEU A 584 -74.58 -7.25 28.31
CA LEU A 584 -75.55 -7.77 27.36
C LEU A 584 -76.54 -6.67 27.03
N LYS A 585 -76.60 -6.25 25.76
CA LYS A 585 -77.45 -5.12 25.39
C LYS A 585 -78.88 -5.57 25.09
N TYR A 586 -79.03 -6.67 24.34
CA TYR A 586 -80.36 -7.16 23.99
C TYR A 586 -81.16 -7.53 25.23
N ASP A 587 -80.52 -8.19 26.20
CA ASP A 587 -81.19 -8.53 27.46
C ASP A 587 -81.62 -7.27 28.20
N PHE A 588 -80.77 -6.24 28.21
CA PHE A 588 -81.14 -4.98 28.84
C PHE A 588 -82.34 -4.35 28.17
N LEU A 589 -82.38 -4.39 26.83
CA LEU A 589 -83.52 -3.83 26.11
C LEU A 589 -84.80 -4.60 26.39
N LYS A 590 -84.69 -5.93 26.53
CA LYS A 590 -85.89 -6.77 26.63
C LYS A 590 -86.73 -6.43 27.87
N ASP A 591 -86.07 -6.27 29.02
CA ASP A 591 -86.79 -6.19 30.29
C ASP A 591 -87.52 -4.87 30.50
N ASP A 592 -87.37 -3.89 29.62
CA ASP A 592 -88.06 -2.62 29.79
C ASP A 592 -89.57 -2.79 29.68
N PHE A 593 -90.02 -3.61 28.71
CA PHE A 593 -91.45 -3.87 28.57
C PHE A 593 -92.00 -4.59 29.80
N ASP A 594 -91.25 -5.54 30.34
CA ASP A 594 -91.68 -6.23 31.56
C ASP A 594 -91.78 -5.27 32.74
N ASN A 595 -90.82 -4.35 32.86
CA ASN A 595 -90.87 -3.35 33.92
C ASN A 595 -92.09 -2.45 33.76
N GLY A 596 -92.38 -2.03 32.53
CA GLY A 596 -93.58 -1.23 32.29
C GLY A 596 -94.86 -1.97 32.64
N PHE A 597 -94.91 -3.27 32.31
CA PHE A 597 -96.08 -4.07 32.66
C PHE A 597 -96.23 -4.19 34.17
N GLU A 598 -95.11 -4.38 34.87
CA GLU A 598 -95.16 -4.45 36.34
C GLU A 598 -95.66 -3.14 36.93
N GLY A 599 -95.18 -2.01 36.41
CA GLY A 599 -95.67 -0.71 36.87
C GLY A 599 -97.14 -0.52 36.61
N PHE A 600 -97.62 -0.96 35.45
CA PHE A 600 -99.05 -0.88 35.15
C PHE A 600 -99.87 -1.74 36.11
N LYS A 601 -99.37 -2.94 36.43
CA LYS A 601 -100.06 -3.79 37.40
C LYS A 601 -100.10 -3.14 38.78
N ASP A 602 -99.00 -2.51 39.19
CA ASP A 602 -98.97 -1.81 40.47
C ASP A 602 -99.96 -0.65 40.48
N GLY A 603 -100.03 0.11 39.38
CA GLY A 603 -101.01 1.17 39.29
C GLY A 603 -102.44 0.68 39.34
N ILE A 604 -102.71 -0.46 38.72
CA ILE A 604 -104.05 -1.05 38.76
C ILE A 604 -104.38 -1.49 40.18
N SER A 605 -103.42 -2.09 40.88
CA SER A 605 -103.65 -2.50 42.26
C SER A 605 -103.90 -1.30 43.15
N LYS A 606 -103.16 -0.20 42.93
CA LYS A 606 -103.40 1.04 43.65
C LYS A 606 -104.81 1.54 43.39
N ASN A 607 -105.21 1.60 42.12
CA ASN A 607 -106.57 2.01 41.77
C ASN A 607 -107.60 1.17 42.53
N ILE A 608 -107.44 -0.15 42.50
CA ILE A 608 -108.46 -1.04 43.08
C ILE A 608 -108.54 -0.86 44.60
N ASP A 609 -107.42 -1.07 45.29
CA ASP A 609 -107.43 -1.02 46.76
C ASP A 609 -107.74 0.38 47.27
N SER A 610 -107.14 1.41 46.65
CA SER A 610 -107.42 2.79 47.05
C SER A 610 -108.86 3.17 46.77
N ILE A 611 -109.46 2.62 45.70
CA ILE A 611 -110.86 2.90 45.41
C ILE A 611 -111.75 2.25 46.46
N PHE A 612 -111.42 1.03 46.89
CA PHE A 612 -112.15 0.41 47.99
C PHE A 612 -112.04 1.24 49.27
N GLN A 613 -110.83 1.73 49.56
CA GLN A 613 -110.64 2.57 50.75
C GLN A 613 -111.43 3.87 50.65
N SER A 614 -111.45 4.49 49.47
CA SER A 614 -112.21 5.72 49.27
C SER A 614 -113.71 5.47 49.41
N GLU A 615 -114.20 4.34 48.91
CA GLU A 615 -115.60 3.99 49.08
C GLU A 615 -115.94 3.79 50.56
N LYS A 616 -115.06 3.13 51.30
CA LYS A 616 -115.28 2.95 52.73
C LYS A 616 -115.31 4.30 53.46
N PHE A 617 -114.40 5.21 53.09
CA PHE A 617 -114.39 6.54 53.69
C PHE A 617 -115.66 7.31 53.37
N ALA A 618 -116.15 7.20 52.13
CA ALA A 618 -117.40 7.86 51.75
C ALA A 618 -118.57 7.29 52.55
N LEU A 619 -118.61 5.97 52.74
CA LEU A 619 -119.67 5.37 53.54
C LEU A 619 -119.61 5.86 54.99
N LEU A 620 -118.41 5.96 55.55
CA LEU A 620 -118.26 6.48 56.91
C LEU A 620 -118.73 7.93 57.01
N ARG A 621 -118.40 8.74 56.00
CA ARG A 621 -118.85 10.13 56.00
C ARG A 621 -120.38 10.22 55.90
N LEU A 622 -120.98 9.37 55.07
CA LEU A 622 -122.44 9.34 54.98
C LEU A 622 -123.07 8.93 56.30
N LYS A 623 -122.49 7.95 56.98
CA LYS A 623 -123.00 7.55 58.29
C LYS A 623 -122.89 8.69 59.29
N ILE A 624 -121.77 9.42 59.25
CA ILE A 624 -121.60 10.56 60.15
C ILE A 624 -122.66 11.63 59.88
N GLU A 625 -122.94 11.88 58.59
CA GLU A 625 -123.96 12.86 58.24
C GLU A 625 -125.33 12.44 58.73
N LYS A 626 -125.64 11.15 58.65
CA LYS A 626 -126.92 10.61 59.10
C LYS A 626 -127.10 10.82 60.61
N ASN A 629 -124.99 16.33 61.44
CA ASN A 629 -126.21 16.27 62.23
C ASN A 629 -126.07 17.03 63.55
N LEU A 630 -124.84 17.21 64.01
CA LEU A 630 -124.56 17.40 65.43
C LEU A 630 -123.88 18.73 65.70
N LYS A 631 -123.49 18.90 66.97
CA LYS A 631 -122.66 20.01 67.40
C LYS A 631 -121.38 20.04 66.57
N SER A 632 -121.08 21.21 66.00
CA SER A 632 -120.08 21.30 64.95
C SER A 632 -118.71 20.79 65.41
N ASP A 633 -118.28 21.18 66.61
CA ASP A 633 -117.00 20.70 67.13
C ASP A 633 -117.02 19.21 67.36
N LEU A 634 -118.13 18.69 67.89
CA LEU A 634 -118.26 17.24 68.09
C LEU A 634 -118.26 16.51 66.76
N TYR A 635 -118.92 17.08 65.74
CA TYR A 635 -118.90 16.47 64.41
C TYR A 635 -117.49 16.44 63.84
N GLU A 636 -116.72 17.52 64.04
CA GLU A 636 -115.34 17.56 63.59
C GLU A 636 -114.50 16.51 64.30
N LEU A 637 -114.72 16.33 65.60
CA LEU A 637 -113.99 15.30 66.33
C LEU A 637 -114.35 13.90 65.84
N GLU A 638 -115.63 13.65 65.58
CA GLU A 638 -116.05 12.37 65.03
C GLU A 638 -115.42 12.13 63.67
N THR A 639 -115.34 13.17 62.83
CA THR A 639 -114.70 13.03 61.53
C THR A 639 -113.21 12.76 61.68
N ASN A 640 -112.57 13.39 62.67
CA ASN A 640 -111.17 13.12 62.95
C ASN A 640 -110.96 11.65 63.31
N LEU A 641 -111.83 11.10 64.16
CA LEU A 641 -111.72 9.69 64.55
C LEU A 641 -111.90 8.78 63.34
N ASP A 642 -112.98 9.00 62.58
CA ASP A 642 -113.29 8.12 61.46
C ASP A 642 -112.22 8.19 60.38
N THR A 643 -111.78 9.39 60.02
CA THR A 643 -110.74 9.55 59.03
C THR A 643 -109.38 9.12 59.54
N VAL A 644 -109.18 9.08 60.87
CA VAL A 644 -107.96 8.50 61.41
C VAL A 644 -107.95 6.99 61.22
N ILE A 645 -109.10 6.34 61.44
CA ILE A 645 -109.22 4.92 61.13
C ILE A 645 -108.99 4.68 59.63
N PHE A 646 -109.57 5.54 58.79
CA PHE A 646 -109.40 5.41 57.35
C PHE A 646 -107.94 5.62 56.94
N ASP A 647 -107.26 6.56 57.61
CA ASP A 647 -105.85 6.80 57.33
C ASP A 647 -104.99 5.60 57.74
N THR A 648 -105.32 4.97 58.87
CA THR A 648 -104.63 3.76 59.27
C THR A 648 -104.84 2.65 58.25
N PHE A 649 -106.07 2.51 57.74
CA PHE A 649 -106.33 1.52 56.70
C PHE A 649 -105.53 1.81 55.43
N LYS A 650 -105.45 3.10 55.06
CA LYS A 650 -104.69 3.48 53.88
C LYS A 650 -103.20 3.21 54.07
N GLU A 651 -102.67 3.43 55.27
CA GLU A 651 -101.29 3.13 55.56
C GLU A 651 -101.01 1.63 55.49
N PHE A 652 -101.94 0.81 56.00
CA PHE A 652 -101.80 -0.63 55.90
C PHE A 652 -101.80 -1.08 54.44
N LYS A 653 -102.70 -0.49 53.64
CA LYS A 653 -102.73 -0.80 52.20
C LYS A 653 -101.42 -0.41 51.53
N MET A 654 -100.89 0.77 51.86
CA MET A 654 -99.60 1.20 51.31
C MET A 654 -98.50 0.22 51.67
N SER A 655 -98.47 -0.23 52.93
CA SER A 655 -97.42 -1.15 53.37
C SER A 655 -97.50 -2.48 52.64
N GLU A 656 -98.69 -3.10 52.62
CA GLU A 656 -98.83 -4.41 52.00
C GLU A 656 -98.57 -4.34 50.49
N ILE A 657 -99.13 -3.31 49.84
CA ILE A 657 -98.95 -3.16 48.40
C ILE A 657 -97.50 -2.85 48.06
N LEU A 658 -96.80 -2.12 48.94
CA LEU A 658 -95.39 -1.84 48.72
C LEU A 658 -94.56 -3.11 48.84
N ASN A 659 -94.88 -3.97 49.81
CA ASN A 659 -94.22 -5.27 49.90
C ASN A 659 -94.46 -6.10 48.63
N SER A 660 -95.70 -6.10 48.14
CA SER A 660 -96.00 -6.82 46.90
C SER A 660 -95.22 -6.27 45.72
N LEU A 661 -95.12 -4.93 45.64
CA LEU A 661 -94.37 -4.31 44.55
C LEU A 661 -92.89 -4.63 44.64
N ASN A 662 -92.34 -4.67 45.85
CA ASN A 662 -90.94 -5.06 46.02
C ASN A 662 -90.72 -6.51 45.58
N ILE A 663 -91.66 -7.39 45.91
CA ILE A 663 -91.55 -8.79 45.47
C ILE A 663 -91.60 -8.86 43.95
N ASN A 664 -92.48 -8.08 43.33
CA ASN A 664 -92.57 -8.07 41.87
C ASN A 664 -91.29 -7.55 41.23
N GLY A 665 -90.70 -6.52 41.82
CA GLY A 665 -89.42 -6.01 41.31
C GLY A 665 -88.30 -7.02 41.44
N ALA A 666 -88.28 -7.75 42.56
CA ALA A 666 -87.29 -8.81 42.73
C ALA A 666 -87.47 -9.91 41.68
N PHE A 667 -88.72 -10.28 41.39
CA PHE A 667 -88.99 -11.27 40.37
C PHE A 667 -88.54 -10.78 39.00
N PHE A 668 -88.77 -9.49 38.70
CA PHE A 668 -88.34 -8.93 37.43
C PHE A 668 -86.82 -8.93 37.32
N GLU A 669 -86.12 -8.62 38.42
CA GLU A 669 -84.66 -8.66 38.42
C GLU A 669 -84.16 -10.09 38.18
N PHE A 670 -84.81 -11.08 38.81
CA PHE A 670 -84.43 -12.47 38.58
C PHE A 670 -84.64 -12.87 37.13
N LEU A 671 -85.75 -12.43 36.53
CA LEU A 671 -86.00 -12.72 35.12
C LEU A 671 -84.96 -12.07 34.22
N ASN A 672 -84.56 -10.84 34.53
CA ASN A 672 -83.51 -10.17 33.77
C ASN A 672 -82.19 -10.91 33.88
N ASP A 673 -81.86 -11.38 35.08
CA ASP A 673 -80.63 -12.16 35.28
C ASP A 673 -80.67 -13.45 34.47
N LYS A 674 -81.82 -14.13 34.47
CA LYS A 674 -81.97 -15.35 33.67
C LYS A 674 -81.79 -15.06 32.18
N LEU A 675 -82.36 -13.95 31.71
CA LEU A 675 -82.21 -13.57 30.31
C LEU A 675 -80.74 -13.30 29.97
N LYS A 676 -80.02 -12.61 30.87
CA LYS A 676 -78.61 -12.36 30.66
C LYS A 676 -77.82 -13.66 30.58
N HIS A 677 -78.17 -14.63 31.42
CA HIS A 677 -77.51 -15.93 31.44
C HIS A 677 -77.68 -16.65 30.09
N GLU A 690 -60.72 -27.65 20.09
CA GLU A 690 -59.83 -28.75 19.75
C GLU A 690 -60.30 -29.49 18.51
N LYS A 691 -61.62 -29.62 18.36
CA LYS A 691 -62.18 -30.33 17.21
C LYS A 691 -61.81 -29.65 15.90
N VAL A 692 -61.93 -28.32 15.86
CA VAL A 692 -61.58 -27.57 14.65
C VAL A 692 -60.10 -27.77 14.33
N LEU A 693 -59.24 -27.78 15.36
CA LEU A 693 -57.82 -28.02 15.14
C LEU A 693 -57.57 -29.41 14.56
N GLN A 694 -58.31 -30.42 15.04
CA GLN A 694 -58.14 -31.77 14.53
C GLN A 694 -58.59 -31.87 13.07
N SER A 695 -59.70 -31.20 12.73
CA SER A 695 -60.14 -31.18 11.34
C SER A 695 -59.10 -30.50 10.45
N LEU A 696 -58.56 -29.38 10.92
CA LEU A 696 -57.51 -28.69 10.18
C LEU A 696 -56.27 -29.56 10.05
N LYS A 697 -55.99 -30.41 11.03
CA LYS A 697 -54.86 -31.33 10.94
C LYS A 697 -55.11 -32.40 9.90
N ASN A 698 -56.33 -32.94 9.85
CA ASN A 698 -56.67 -33.91 8.81
C ASN A 698 -56.46 -33.32 7.43
N GLN A 699 -56.99 -32.11 7.21
CA GLN A 699 -56.79 -31.43 5.93
C GLN A 699 -55.31 -31.09 5.69
N ASP A 700 -54.58 -30.78 6.76
CA ASP A 700 -53.16 -30.43 6.71
C ASP A 700 -52.27 -31.65 6.58
N ALA A 701 -52.86 -32.85 6.52
CA ALA A 701 -52.09 -34.00 6.06
C ALA A 701 -51.92 -33.98 4.55
N ASN A 702 -53.03 -33.86 3.81
CA ASN A 702 -52.96 -33.73 2.36
C ASN A 702 -52.25 -32.45 1.96
N ILE A 703 -52.50 -31.36 2.71
CA ILE A 703 -51.82 -30.09 2.43
C ILE A 703 -50.32 -30.24 2.65
N LEU A 704 -49.91 -30.93 3.71
CA LEU A 704 -48.50 -31.17 3.96
C LEU A 704 -47.87 -31.98 2.84
N ASN A 705 -48.57 -33.02 2.36
CA ASN A 705 -48.05 -33.82 1.26
C ASN A 705 -47.88 -32.98 0.00
N SER A 706 -48.87 -32.10 -0.30
CA SER A 706 -48.75 -31.21 -1.45
C SER A 706 -47.56 -30.27 -1.30
N PHE A 707 -47.34 -29.73 -0.10
CA PHE A 707 -46.21 -28.83 0.13
C PHE A 707 -44.88 -29.56 -0.05
N GLU A 708 -44.80 -30.79 0.43
CA GLU A 708 -43.57 -31.58 0.26
C GLU A 708 -43.31 -31.88 -1.20
N GLU A 709 -44.36 -32.22 -1.96
CA GLU A 709 -44.19 -32.43 -3.39
C GLU A 709 -43.69 -31.16 -4.07
N ASN A 710 -44.28 -30.01 -3.74
CA ASN A 710 -43.83 -28.76 -4.32
C ASN A 710 -42.37 -28.48 -3.99
N LEU A 711 -41.96 -28.75 -2.74
CA LEU A 711 -40.57 -28.57 -2.36
C LEU A 711 -39.65 -29.46 -3.19
N GLU A 712 -40.06 -30.70 -3.45
CA GLU A 712 -39.24 -31.59 -4.29
C GLU A 712 -39.16 -31.06 -5.72
N LYS A 713 -40.26 -30.53 -6.25
CA LYS A 713 -40.22 -29.93 -7.58
C LYS A 713 -39.23 -28.78 -7.63
N ILE A 714 -39.25 -27.93 -6.59
CA ILE A 714 -38.33 -26.79 -6.54
C ILE A 714 -36.88 -27.28 -6.49
N GLU A 715 -36.61 -28.32 -5.70
CA GLU A 715 -35.26 -28.86 -5.63
C GLU A 715 -34.81 -29.40 -6.98
N LYS A 716 -35.72 -30.07 -7.70
CA LYS A 716 -35.39 -30.59 -9.03
C LYS A 716 -35.07 -29.46 -10.00
N LEU A 717 -35.85 -28.38 -9.95
CA LEU A 717 -35.58 -27.23 -10.81
C LEU A 717 -34.23 -26.61 -10.48
N LYS A 718 -33.91 -26.53 -9.18
CA LYS A 718 -32.60 -26.04 -8.77
C LYS A 718 -31.48 -26.88 -9.36
N GLN A 719 -31.60 -28.20 -9.27
CA GLN A 719 -30.63 -29.10 -9.90
C GLN A 719 -30.51 -28.81 -11.40
N LEU A 720 -31.66 -28.62 -12.06
CA LEU A 720 -31.69 -28.36 -13.49
C LEU A 720 -30.87 -27.13 -13.85
N GLU A 721 -30.96 -26.06 -13.04
CA GLU A 721 -30.28 -24.82 -13.43
C GLU A 721 -28.76 -24.98 -13.38
N MET A 722 -28.24 -25.68 -12.35
CA MET A 722 -26.81 -25.98 -12.32
C MET A 722 -26.40 -26.83 -13.52
N GLY A 723 -27.21 -27.85 -13.85
CA GLY A 723 -26.90 -28.67 -15.01
C GLY A 723 -26.84 -27.85 -16.29
N LEU A 724 -27.79 -26.93 -16.46
CA LEU A 724 -27.82 -26.07 -17.63
C LEU A 724 -26.59 -25.18 -17.70
N LEU A 725 -26.15 -24.66 -16.55
CA LEU A 725 -24.94 -23.83 -16.55
C LEU A 725 -23.72 -24.64 -16.96
N ASN A 726 -23.62 -25.89 -16.49
CA ASN A 726 -22.51 -26.75 -16.90
C ASN A 726 -22.54 -26.99 -18.40
N ALA A 727 -23.72 -27.30 -18.95
CA ALA A 727 -23.87 -27.51 -20.37
C ALA A 727 -23.42 -26.28 -21.16
N ASP A 728 -23.80 -25.09 -20.69
CA ASP A 728 -23.34 -23.86 -21.33
C ASP A 728 -21.83 -23.74 -21.28
N LYS A 729 -21.24 -24.06 -20.12
CA LYS A 729 -19.80 -23.93 -19.95
C LYS A 729 -19.05 -24.80 -20.95
N LEU A 730 -19.58 -25.97 -21.28
CA LEU A 730 -18.86 -26.87 -22.18
C LEU A 730 -18.69 -26.33 -23.60
N HIS A 731 -19.40 -25.27 -23.98
CA HIS A 731 -19.61 -24.97 -25.38
C HIS A 731 -18.38 -24.42 -26.11
N HIS A 732 -17.43 -23.82 -25.40
CA HIS A 732 -16.25 -23.27 -26.06
C HIS A 732 -15.09 -23.19 -25.08
N MET B 1 19.28 0.87 24.52
CA MET B 1 18.11 1.74 24.65
C MET B 1 17.05 1.42 23.59
N LYS B 2 17.20 0.28 22.93
CA LYS B 2 16.24 -0.10 21.89
C LYS B 2 14.89 -0.51 22.46
N GLU B 3 14.81 -0.73 23.77
CA GLU B 3 13.51 -0.96 24.40
C GLU B 3 12.61 0.27 24.26
N LEU B 4 13.18 1.47 24.40
CA LEU B 4 12.39 2.70 24.20
C LEU B 4 11.86 2.79 22.78
N PHE B 5 12.69 2.49 21.79
CA PHE B 5 12.25 2.57 20.40
C PHE B 5 11.21 1.50 20.10
N GLN B 6 11.34 0.33 20.72
CA GLN B 6 10.26 -0.66 20.64
C GLN B 6 8.98 -0.11 21.23
N LYS B 7 9.08 0.61 22.35
CA LYS B 7 7.90 1.21 22.97
C LYS B 7 7.21 2.18 22.01
N ILE B 8 7.98 3.07 21.39
CA ILE B 8 7.38 4.20 20.69
C ILE B 8 7.18 3.96 19.19
N TRP B 9 7.73 2.89 18.64
CA TRP B 9 7.56 2.55 17.21
C TRP B 9 7.12 1.11 17.07
N GLN B 10 6.14 0.69 17.89
CA GLN B 10 5.85 -0.71 18.17
C GLN B 10 6.01 -1.64 16.96
N ASN B 11 5.28 -1.37 15.87
CA ASN B 11 5.33 -2.24 14.71
C ASN B 11 6.02 -1.64 13.49
N GLU B 12 6.07 -0.32 13.35
CA GLU B 12 6.81 0.30 12.25
C GLU B 12 8.29 0.44 12.54
N LEU B 13 8.77 -0.04 13.68
CA LEU B 13 10.19 0.03 13.99
C LEU B 13 10.99 -0.76 12.95
N GLN B 14 12.16 -0.23 12.61
CA GLN B 14 12.99 -0.81 11.57
C GLN B 14 14.30 -1.32 12.15
N PHE B 15 15.08 -1.97 11.30
CA PHE B 15 16.43 -2.42 11.65
C PHE B 15 17.33 -1.20 11.77
N LEU B 16 17.91 -0.98 12.95
CA LEU B 16 18.59 0.28 13.24
C LEU B 16 19.91 0.04 13.95
N ASN B 17 20.90 0.88 13.62
CA ASN B 17 22.19 0.91 14.29
C ASN B 17 22.13 2.03 15.34
N PHE B 18 22.13 1.63 16.62
CA PHE B 18 22.01 2.60 17.72
C PHE B 18 23.38 3.22 17.99
N ASP B 19 23.76 4.11 17.08
CA ASP B 19 25.03 4.82 17.15
C ASP B 19 24.86 6.17 16.48
N ALA B 20 25.11 7.23 17.23
CA ALA B 20 24.91 8.59 16.72
C ALA B 20 25.95 8.91 15.65
N LYS B 21 25.49 9.06 14.41
CA LYS B 21 26.40 9.51 13.36
C LYS B 21 26.62 11.03 13.47
N PHE B 22 25.57 11.81 13.18
CA PHE B 22 25.53 13.26 13.33
C PHE B 22 26.80 13.95 12.84
N GLN B 23 27.02 13.91 11.53
CA GLN B 23 28.25 14.44 10.93
C GLN B 23 28.56 15.86 11.37
N ASP B 24 27.54 16.67 11.65
CA ASP B 24 27.72 18.03 12.13
C ASP B 24 26.96 18.14 13.45
N LYS B 25 27.70 18.24 14.55
CA LYS B 25 27.12 18.02 15.88
C LYS B 25 26.06 19.06 16.25
N SER B 26 26.10 20.26 15.67
CA SER B 26 25.13 21.29 15.98
C SER B 26 24.06 21.42 14.90
N LYS B 27 23.68 20.30 14.28
CA LYS B 27 22.83 20.35 13.09
C LYS B 27 21.47 20.97 13.38
N LEU B 28 20.92 20.77 14.57
CA LEU B 28 19.62 21.33 14.91
C LEU B 28 19.63 21.76 16.37
N ASP B 29 18.83 22.78 16.68
CA ASP B 29 18.74 23.26 18.05
C ASP B 29 17.84 22.36 18.89
N THR B 30 17.69 22.71 20.17
CA THR B 30 17.05 21.81 21.12
C THR B 30 15.54 21.69 20.89
N ALA B 31 14.88 22.79 20.51
CA ALA B 31 13.46 22.72 20.20
C ALA B 31 13.20 21.81 19.01
N GLU B 32 14.04 21.92 17.97
CA GLU B 32 13.91 21.04 16.81
C GLU B 32 14.20 19.59 17.19
N CYS B 33 15.17 19.37 18.07
CA CYS B 33 15.43 18.03 18.58
C CYS B 33 14.20 17.46 19.29
N ALA B 34 13.54 18.28 20.11
CA ALA B 34 12.33 17.81 20.80
C ALA B 34 11.22 17.49 19.80
N ILE B 35 11.06 18.33 18.78
CA ILE B 35 10.09 18.04 17.74
C ILE B 35 10.38 16.69 17.10
N ILE B 36 11.65 16.44 16.74
CA ILE B 36 12.02 15.17 16.13
C ILE B 36 11.74 14.01 17.08
N LEU B 37 12.03 14.19 18.36
CA LEU B 37 11.77 13.13 19.33
C LEU B 37 10.28 12.85 19.46
N SER B 38 9.43 13.85 19.23
CA SER B 38 7.99 13.72 19.46
C SER B 38 7.24 13.19 18.23
N VAL B 39 7.88 12.38 17.38
CA VAL B 39 7.21 11.85 16.20
C VAL B 39 6.23 10.73 16.58
N ASN B 40 6.70 9.76 17.37
CA ASN B 40 5.92 8.93 18.29
C ASN B 40 5.08 7.82 17.64
N LYS B 41 5.07 7.70 16.30
CA LYS B 41 4.46 6.60 15.55
C LYS B 41 2.93 6.59 15.53
N ASP B 42 2.30 7.37 16.40
CA ASP B 42 0.87 7.61 16.28
C ASP B 42 0.58 8.96 15.65
N ASN B 43 1.56 9.87 15.70
CA ASN B 43 1.48 11.16 15.06
C ASN B 43 2.25 11.19 13.75
N TYR B 44 2.94 10.10 13.40
CA TYR B 44 3.99 10.17 12.39
C TYR B 44 3.44 10.54 11.00
N GLU B 45 2.29 9.97 10.61
CA GLU B 45 1.71 10.33 9.33
C GLU B 45 1.31 11.81 9.30
N ARG B 46 0.68 12.29 10.38
CA ARG B 46 0.28 13.70 10.43
C ARG B 46 1.49 14.61 10.34
N TYR B 47 2.52 14.32 11.14
CA TYR B 47 3.75 15.12 11.07
C TYR B 47 4.33 15.12 9.66
N PHE B 48 4.37 13.96 9.01
CA PHE B 48 4.97 13.88 7.68
C PHE B 48 4.16 14.68 6.67
N LEU B 49 2.84 14.72 6.81
CA LEU B 49 2.03 15.49 5.89
C LEU B 49 2.02 16.99 6.20
N LEU B 50 2.48 17.39 7.39
CA LEU B 50 2.49 18.79 7.78
C LEU B 50 3.59 19.55 7.04
N LYS B 51 3.23 20.67 6.40
CA LYS B 51 4.20 21.40 5.58
C LYS B 51 5.32 21.97 6.43
N GLU B 52 5.01 22.46 7.64
CA GLU B 52 6.04 23.05 8.48
C GLU B 52 7.04 22.00 8.95
N PHE B 53 6.56 20.78 9.24
CA PHE B 53 7.47 19.69 9.56
C PHE B 53 8.39 19.34 8.38
N GLN B 54 7.84 19.35 7.16
CA GLN B 54 8.66 19.09 5.97
C GLN B 54 9.70 20.19 5.79
N GLU B 55 9.31 21.45 6.02
CA GLU B 55 10.27 22.55 5.95
C GLU B 55 11.37 22.37 6.98
N LEU B 56 10.99 21.98 8.20
CA LEU B 56 11.98 21.72 9.25
C LEU B 56 12.97 20.65 8.81
N CYS B 57 12.46 19.53 8.27
CA CYS B 57 13.33 18.42 7.89
C CYS B 57 14.19 18.75 6.68
N LYS B 58 13.72 19.65 5.80
CA LYS B 58 14.57 20.12 4.71
C LYS B 58 15.65 21.06 5.23
N LYS B 59 15.33 21.84 6.26
CA LYS B 59 16.32 22.66 6.94
C LYS B 59 17.42 21.82 7.58
N ILE B 60 17.03 20.71 8.23
CA ILE B 60 18.00 19.89 8.95
C ILE B 60 18.73 18.90 8.06
N ASP B 61 18.29 18.72 6.80
CA ASP B 61 18.70 17.60 5.96
C ASP B 61 18.26 16.26 6.55
N LEU B 62 16.95 16.09 6.69
CA LEU B 62 16.32 14.81 6.98
C LEU B 62 15.38 14.43 5.84
N ARG B 63 15.05 13.15 5.78
CA ARG B 63 13.93 12.70 4.97
C ARG B 63 12.67 12.73 5.84
N VAL B 64 11.52 12.48 5.23
CA VAL B 64 10.29 12.24 5.97
C VAL B 64 9.95 10.76 6.01
N ASP B 65 10.89 9.89 5.66
CA ASP B 65 10.64 8.46 5.77
C ASP B 65 10.75 8.05 7.23
N ILE B 66 10.20 6.87 7.53
CA ILE B 66 10.14 6.40 8.92
C ILE B 66 11.53 6.07 9.42
N PHE B 67 12.30 5.32 8.63
CA PHE B 67 13.62 4.87 9.04
C PHE B 67 14.55 6.05 9.35
N SER B 68 14.53 7.07 8.50
CA SER B 68 15.39 8.23 8.72
C SER B 68 14.98 8.98 9.98
N MET B 69 13.67 9.08 10.24
CA MET B 69 13.19 9.69 11.48
C MET B 69 13.72 8.94 12.70
N GLN B 70 13.61 7.61 12.68
CA GLN B 70 14.06 6.81 13.82
C GLN B 70 15.57 6.92 14.00
N ASN B 71 16.31 6.92 12.90
CA ASN B 71 17.76 7.08 12.97
C ASN B 71 18.13 8.44 13.57
N ALA B 72 17.42 9.49 13.17
CA ALA B 72 17.64 10.82 13.73
C ALA B 72 17.36 10.85 15.23
N GLN B 73 16.27 10.22 15.65
CA GLN B 73 15.97 10.10 17.08
C GLN B 73 17.10 9.40 17.82
N ILE B 74 17.59 8.30 17.23
CA ILE B 74 18.70 7.56 17.83
C ILE B 74 19.89 8.48 18.06
N CYS B 75 20.32 9.19 17.01
CA CYS B 75 21.53 10.00 17.16
C CYS B 75 21.29 11.19 18.08
N ILE B 76 20.07 11.73 18.11
CA ILE B 76 19.74 12.78 19.08
C ILE B 76 19.92 12.27 20.50
N LEU B 77 19.40 11.07 20.78
CA LEU B 77 19.49 10.54 22.14
C LEU B 77 20.93 10.20 22.50
N ASN B 78 21.72 9.73 21.55
CA ASN B 78 23.12 9.43 21.86
C ASN B 78 23.92 10.72 22.07
N LEU B 79 23.58 11.80 21.37
CA LEU B 79 24.22 13.07 21.68
C LEU B 79 23.80 13.58 23.05
N PHE B 80 22.54 13.34 23.42
CA PHE B 80 22.08 13.66 24.77
C PHE B 80 22.89 12.93 25.82
N LYS B 81 23.17 11.64 25.59
CA LYS B 81 24.07 10.90 26.47
C LYS B 81 25.48 11.50 26.45
N SER B 82 25.94 11.91 25.27
CA SER B 82 27.32 12.34 25.05
C SER B 82 27.56 13.78 25.51
N GLY B 83 28.63 14.40 25.00
CA GLY B 83 29.02 15.76 25.35
C GLY B 83 28.00 16.72 24.79
N PHE B 84 26.85 16.72 25.45
CA PHE B 84 25.59 17.12 24.84
C PHE B 84 25.59 18.56 24.34
N ILE B 85 24.93 18.76 23.20
CA ILE B 85 24.22 20.01 22.94
C ILE B 85 22.90 20.02 23.69
N SER B 86 22.40 18.84 24.07
CA SER B 86 21.11 18.69 24.71
C SER B 86 21.29 18.64 26.22
N LYS B 87 20.99 19.74 26.89
CA LYS B 87 20.80 19.69 28.33
C LYS B 87 19.48 18.98 28.58
N GLN B 88 19.04 18.95 29.83
CA GLN B 88 17.68 18.52 30.08
C GLN B 88 16.69 19.69 29.99
N ASP B 89 17.17 20.84 29.48
CA ASP B 89 16.33 21.84 28.85
C ASP B 89 15.26 21.17 28.01
N LEU B 90 15.70 20.18 27.23
CA LEU B 90 14.91 19.36 26.33
C LEU B 90 13.56 19.00 26.96
N LEU B 91 13.58 18.62 28.24
CA LEU B 91 12.35 18.22 28.91
C LEU B 91 11.28 19.30 28.77
N LYS B 92 11.63 20.54 29.12
CA LYS B 92 10.73 21.68 28.93
C LYS B 92 10.06 21.60 27.57
N ALA B 93 10.90 21.58 26.53
CA ALA B 93 10.39 21.61 25.16
C ALA B 93 9.40 20.49 24.94
N LEU B 94 9.75 19.27 25.37
CA LEU B 94 8.87 18.14 25.18
C LEU B 94 7.54 18.39 25.88
N LYS B 95 7.59 18.87 27.12
CA LYS B 95 6.37 19.22 27.84
C LYS B 95 5.53 20.20 27.03
N ILE B 96 6.18 21.20 26.44
CA ILE B 96 5.45 22.12 25.57
C ILE B 96 4.78 21.34 24.45
N LEU B 97 5.56 20.53 23.73
CA LEU B 97 5.02 19.73 22.64
C LEU B 97 3.96 18.76 23.10
N GLU B 98 3.82 18.56 24.42
CA GLU B 98 2.73 17.76 24.97
C GLU B 98 1.38 18.22 24.48
N LYS B 99 1.27 19.47 24.01
CA LYS B 99 0.03 19.92 23.40
C LYS B 99 -0.41 18.97 22.29
N ILE B 100 0.51 18.62 21.40
CA ILE B 100 0.23 17.77 20.26
C ILE B 100 0.45 16.30 20.62
N SER B 101 1.64 15.97 21.08
CA SER B 101 2.13 14.61 21.13
C SER B 101 2.20 14.09 22.56
N LYS B 102 1.80 12.82 22.73
CA LYS B 102 1.98 12.09 23.99
C LYS B 102 3.45 11.68 24.06
N ASN B 103 4.26 12.54 24.67
CA ASN B 103 5.71 12.38 24.70
C ASN B 103 6.19 11.58 25.91
N THR B 104 5.31 10.78 26.50
CA THR B 104 5.55 10.25 27.85
C THR B 104 6.86 9.48 27.95
N GLU B 105 7.03 8.46 27.10
CA GLU B 105 8.13 7.51 27.27
C GLU B 105 9.48 8.17 27.02
N ILE B 106 9.57 8.97 25.95
CA ILE B 106 10.80 9.70 25.67
C ILE B 106 11.13 10.63 26.83
N PHE B 107 10.11 11.32 27.35
CA PHE B 107 10.29 12.25 28.46
C PHE B 107 10.86 11.53 29.68
N ASP B 108 10.29 10.38 30.02
CA ASP B 108 10.77 9.61 31.17
C ASP B 108 12.19 9.11 30.94
N PHE B 109 12.49 8.65 29.72
CA PHE B 109 13.84 8.16 29.43
C PHE B 109 14.87 9.29 29.57
N ILE B 110 14.54 10.47 29.05
CA ILE B 110 15.42 11.63 29.20
C ILE B 110 15.62 11.96 30.67
N LEU B 111 14.54 11.85 31.46
CA LEU B 111 14.60 12.17 32.88
C LEU B 111 15.55 11.25 33.63
N GLN B 112 15.32 9.94 33.52
CA GLN B 112 15.96 8.97 34.41
C GLN B 112 17.25 8.39 33.85
N GLU B 113 17.94 9.13 32.98
CA GLU B 113 19.28 8.78 32.52
C GLU B 113 20.28 9.82 33.02
N LYS B 114 21.26 9.36 33.79
CA LYS B 114 22.41 10.17 34.10
C LYS B 114 23.34 10.21 32.89
N VAL B 115 23.75 11.41 32.48
CA VAL B 115 24.50 11.57 31.24
C VAL B 115 25.92 12.01 31.56
N GLN B 116 26.74 12.17 30.53
CA GLN B 116 28.17 12.41 30.69
C GLN B 116 28.40 13.89 30.97
N SER B 117 28.71 14.22 32.23
CA SER B 117 29.07 15.58 32.59
C SER B 117 30.39 15.98 31.91
N ILE B 118 30.50 17.25 31.51
CA ILE B 118 31.58 17.63 30.60
C ILE B 118 32.36 18.88 31.02
N ASP B 119 31.87 19.63 32.01
CA ASP B 119 32.58 20.82 32.50
C ASP B 119 32.82 21.82 31.36
N GLN B 120 31.70 22.39 30.89
CA GLN B 120 31.72 23.16 29.64
C GLN B 120 32.69 24.36 29.70
N LYS B 121 32.99 24.88 30.89
CA LYS B 121 33.93 26.00 30.96
C LYS B 121 35.35 25.56 30.61
N ALA B 122 35.72 24.32 30.95
CA ALA B 122 37.01 23.79 30.50
C ALA B 122 37.09 23.71 28.99
N LEU B 123 35.99 23.25 28.35
CA LEU B 123 35.93 23.23 26.90
C LEU B 123 36.03 24.65 26.33
N PHE B 124 35.39 25.61 27.00
CA PHE B 124 35.49 27.00 26.57
C PHE B 124 36.92 27.49 26.57
N GLN B 125 37.63 27.24 27.67
CA GLN B 125 39.03 27.68 27.77
C GLN B 125 39.88 26.99 26.72
N ASN B 126 39.66 25.69 26.51
CA ASN B 126 40.41 24.94 25.49
C ASN B 126 40.20 25.55 24.10
N ASP B 127 38.94 25.73 23.71
CA ASP B 127 38.64 26.29 22.39
C ASP B 127 39.21 27.69 22.24
N PHE B 128 39.08 28.52 23.28
CA PHE B 128 39.53 29.91 23.18
C PHE B 128 41.04 29.98 23.04
N LYS B 129 41.77 29.13 23.76
CA LYS B 129 43.22 29.17 23.64
C LYS B 129 43.70 28.49 22.36
N GLU B 130 42.94 27.54 21.81
CA GLU B 130 43.17 27.08 20.44
C GLU B 130 43.10 28.25 19.46
N LEU B 131 42.04 29.05 19.57
CA LEU B 131 41.87 30.18 18.68
C LEU B 131 42.97 31.21 18.88
N ASN B 132 43.40 31.41 20.13
CA ASN B 132 44.53 32.30 20.40
C ASN B 132 45.80 31.80 19.72
N THR B 133 46.05 30.49 19.79
CA THR B 133 47.22 29.92 19.13
C THR B 133 47.14 30.11 17.62
N ILE B 134 45.96 29.93 17.05
CA ILE B 134 45.80 30.11 15.60
C ILE B 134 46.03 31.57 15.22
N ASN B 135 45.55 32.50 16.05
CA ASN B 135 45.81 33.92 15.81
C ASN B 135 47.31 34.20 15.84
N LEU B 136 48.01 33.63 16.82
CA LEU B 136 49.46 33.82 16.92
C LEU B 136 50.17 33.29 15.69
N GLU B 137 49.75 32.11 15.20
CA GLU B 137 50.35 31.55 14.00
C GLU B 137 50.10 32.44 12.79
N LEU B 138 48.88 32.98 12.67
CA LEU B 138 48.59 33.92 11.58
C LEU B 138 49.48 35.16 11.68
N GLN B 139 49.75 35.63 12.90
CA GLN B 139 50.62 36.78 13.08
C GLN B 139 52.04 36.54 12.61
N LYS B 140 52.46 35.27 12.49
CA LYS B 140 53.82 34.95 12.09
C LYS B 140 54.07 35.26 10.62
N LEU B 141 54.41 36.50 10.32
CA LEU B 141 54.79 36.92 8.97
C LEU B 141 53.70 36.63 7.94
N ASP B 144 51.62 42.91 5.20
CA ASP B 144 51.49 41.96 6.30
C ASP B 144 51.39 42.66 7.65
N GLU B 145 52.06 43.82 7.76
CA GLU B 145 52.07 44.54 9.03
C GLU B 145 50.67 45.00 9.41
N ASN B 146 49.89 45.50 8.45
CA ASN B 146 48.50 45.87 8.72
C ASN B 146 47.70 44.66 9.21
N LEU B 147 47.89 43.51 8.57
CA LEU B 147 47.20 42.30 8.98
C LEU B 147 47.60 41.88 10.40
N LYS B 148 48.90 41.97 10.71
CA LYS B 148 49.36 41.68 12.06
C LYS B 148 48.69 42.59 13.09
N SER B 149 48.62 43.88 12.78
CA SER B 149 48.00 44.83 13.71
C SER B 149 46.51 44.53 13.88
N ARG B 150 45.82 44.18 12.80
CA ARG B 150 44.42 43.80 12.87
C ARG B 150 44.23 42.58 13.77
N LEU B 151 45.09 41.57 13.59
CA LEU B 151 45.02 40.37 14.42
C LEU B 151 45.25 40.70 15.90
N GLN B 152 46.23 41.57 16.17
CA GLN B 152 46.51 41.95 17.55
C GLN B 152 45.32 42.68 18.17
N LYS B 153 44.69 43.57 17.40
CA LYS B 153 43.51 44.29 17.90
C LYS B 153 42.36 43.33 18.15
N THR B 154 42.17 42.34 17.27
CA THR B 154 41.12 41.34 17.49
C THR B 154 41.38 40.54 18.76
N LEU B 155 42.63 40.11 18.96
CA LEU B 155 42.97 39.37 20.17
C LEU B 155 42.74 40.21 21.42
N GLU B 156 43.09 41.50 21.36
CA GLU B 156 42.87 42.37 22.52
C GLU B 156 41.38 42.58 22.77
N LYS B 157 40.56 42.62 21.72
CA LYS B 157 39.12 42.74 21.90
C LYS B 157 38.56 41.49 22.58
N PHE B 158 38.94 40.31 22.09
CA PHE B 158 38.34 39.08 22.60
C PHE B 158 38.96 38.60 23.91
N GLN B 159 40.10 39.16 24.31
CA GLN B 159 40.69 38.83 25.60
C GLN B 159 40.09 39.71 26.69
N ASN B 160 39.50 39.09 27.71
CA ASN B 160 39.06 39.78 28.92
C ASN B 160 38.05 40.88 28.60
N LEU B 161 36.88 40.46 28.12
CA LEU B 161 35.79 41.37 27.78
C LEU B 161 34.69 41.25 28.83
N GLU B 162 34.29 42.39 29.38
CA GLU B 162 33.40 42.42 30.55
C GLU B 162 32.05 41.77 30.25
N PHE B 163 31.57 40.99 31.22
CA PHE B 163 30.25 40.40 31.22
C PHE B 163 29.43 41.11 32.29
N ASN B 164 28.38 41.82 31.87
CA ASN B 164 27.65 42.71 32.76
C ASN B 164 26.35 42.06 33.21
N ILE B 165 26.23 41.87 34.52
CA ILE B 165 25.07 41.23 35.14
C ILE B 165 24.25 42.29 35.84
N ALA B 166 23.03 42.52 35.37
CA ALA B 166 22.08 43.27 36.16
C ALA B 166 21.44 42.36 37.20
N ILE B 167 21.06 42.95 38.33
CA ILE B 167 20.32 42.19 39.34
C ILE B 167 19.24 43.11 39.90
N THR B 168 18.02 42.56 40.03
CA THR B 168 16.84 43.33 40.35
C THR B 168 16.07 42.67 41.50
N GLY B 169 15.03 43.36 41.95
CA GLY B 169 14.21 42.90 43.04
C GLY B 169 13.59 44.07 43.79
N VAL B 170 12.61 43.74 44.63
CA VAL B 170 11.93 44.71 45.47
C VAL B 170 12.78 44.92 46.73
N MET B 171 12.45 45.96 47.50
CA MET B 171 13.32 46.40 48.59
C MET B 171 13.43 45.36 49.70
N ASN B 172 12.29 44.98 50.28
CA ASN B 172 12.28 44.08 51.43
C ASN B 172 12.93 42.74 51.08
N ALA B 173 12.76 42.28 49.84
CA ALA B 173 13.29 40.97 49.44
C ALA B 173 14.78 40.88 49.69
N GLY B 174 15.53 41.92 49.35
CA GLY B 174 16.92 42.00 49.73
C GLY B 174 17.92 41.60 48.67
N LYS B 175 18.64 42.58 48.13
CA LYS B 175 19.65 42.32 47.11
C LYS B 175 21.07 42.62 47.57
N SER B 176 21.29 43.71 48.31
CA SER B 176 22.64 44.03 48.77
C SER B 176 23.19 42.94 49.67
N SER B 177 22.34 42.36 50.53
CA SER B 177 22.77 41.27 51.38
C SER B 177 23.15 40.04 50.56
N LEU B 178 22.43 39.78 49.47
CA LEU B 178 22.79 38.66 48.60
C LEU B 178 24.12 38.91 47.89
N LEU B 179 24.34 40.15 47.43
CA LEU B 179 25.65 40.50 46.87
C LEU B 179 26.76 40.30 47.90
N ASN B 180 26.53 40.69 49.15
CA ASN B 180 27.50 40.46 50.22
C ASN B 180 27.87 38.99 50.32
N ALA B 181 26.85 38.12 50.36
CA ALA B 181 27.10 36.68 50.49
C ALA B 181 27.88 36.14 49.29
N LEU B 182 27.55 36.61 48.09
CA LEU B 182 28.26 36.13 46.91
C LEU B 182 29.73 36.52 46.96
N LEU B 183 30.04 37.72 47.44
CA LEU B 183 31.42 38.19 47.52
C LEU B 183 32.14 37.65 48.75
N LYS B 184 31.39 37.10 49.71
CA LYS B 184 31.95 36.44 50.90
C LYS B 184 32.66 37.45 51.81
N GLU B 185 32.00 38.59 52.03
CA GLU B 185 32.36 39.53 53.08
C GLU B 185 31.21 40.52 53.23
N ASP B 186 31.30 41.39 54.23
CA ASP B 186 30.26 42.37 54.51
C ASP B 186 30.69 43.71 53.88
N PHE B 187 30.38 43.87 52.59
CA PHE B 187 30.70 45.11 51.87
C PHE B 187 29.47 45.48 51.02
N LEU B 188 28.46 46.05 51.68
CA LEU B 188 27.34 46.83 51.15
C LEU B 188 26.38 47.12 52.29
N GLY B 189 25.48 48.09 52.09
CA GLY B 189 24.44 48.38 53.07
C GLY B 189 23.45 47.26 53.34
N VAL B 190 23.15 47.01 54.60
CA VAL B 190 22.26 45.93 55.03
C VAL B 190 21.24 46.48 56.02
N SER B 191 20.47 45.59 56.66
CA SER B 191 19.47 45.98 57.66
C SER B 191 18.33 46.81 57.08
N ASN B 192 17.42 46.14 56.37
CA ASN B 192 16.30 46.74 55.63
C ASN B 192 15.81 48.06 56.23
N ILE B 193 15.67 49.04 55.35
CA ILE B 193 15.19 50.39 55.69
C ILE B 193 14.17 50.79 54.63
N PRO B 194 13.05 51.41 55.02
CA PRO B 194 11.99 51.69 54.03
C PRO B 194 12.37 52.80 53.07
N GLU B 195 13.13 53.79 53.52
CA GLU B 195 13.59 54.86 52.65
C GLU B 195 14.88 54.45 51.93
N THR B 196 15.09 54.98 50.73
CA THR B 196 16.18 54.44 49.93
C THR B 196 16.46 55.16 48.62
N ALA B 197 17.72 55.26 48.19
CA ALA B 197 18.22 54.43 47.10
C ALA B 197 19.28 55.11 46.26
N ASN B 198 20.06 54.30 45.55
CA ASN B 198 20.92 54.76 44.46
C ASN B 198 21.50 53.53 43.76
N LEU B 199 21.82 53.70 42.49
CA LEU B 199 22.44 52.61 41.73
C LEU B 199 23.86 52.36 42.21
N THR B 200 24.30 51.10 42.10
CA THR B 200 25.64 50.70 42.52
C THR B 200 26.25 49.78 41.46
N VAL B 201 27.40 50.18 40.92
CA VAL B 201 28.09 49.45 39.86
C VAL B 201 29.36 48.86 40.43
N LEU B 202 29.39 47.54 40.65
CA LEU B 202 30.59 46.86 41.13
C LEU B 202 31.40 46.42 39.92
N SER B 203 32.52 47.12 39.67
CA SER B 203 33.45 46.79 38.60
C SER B 203 34.80 46.40 39.19
N TYR B 204 35.73 46.03 38.32
CA TYR B 204 37.06 45.61 38.75
C TYR B 204 38.11 46.57 38.22
N GLY B 205 39.06 46.91 39.09
CA GLY B 205 40.18 47.72 38.69
C GLY B 205 41.36 47.48 39.61
N LYS B 206 42.37 48.33 39.47
CA LYS B 206 43.56 48.27 40.31
C LYS B 206 43.54 49.35 41.40
N SER B 207 42.36 49.69 41.91
CA SER B 207 42.21 50.75 42.89
C SER B 207 40.99 50.44 43.75
N GLU B 208 40.73 51.33 44.71
CA GLU B 208 39.61 51.20 45.64
C GLU B 208 38.60 52.34 45.47
N GLU B 209 38.46 52.84 44.24
CA GLU B 209 37.70 54.06 43.97
C GLU B 209 36.19 53.85 44.10
N ALA B 210 35.49 54.92 44.45
CA ALA B 210 34.04 54.88 44.71
C ALA B 210 33.32 56.10 44.11
N LYS B 211 33.55 56.39 42.84
CA LYS B 211 32.98 57.59 42.19
C LYS B 211 31.48 57.71 42.41
N ILE B 212 31.03 58.96 42.65
CA ILE B 212 29.65 59.27 43.00
C ILE B 212 29.04 60.23 41.97
N TYR B 213 27.73 60.09 41.75
CA TYR B 213 26.96 60.97 40.86
C TYR B 213 25.67 61.42 41.53
N PHE B 214 25.41 62.73 41.46
CA PHE B 214 24.17 63.33 41.96
C PHE B 214 23.28 63.76 40.79
N TRP B 215 22.02 64.07 41.12
CA TRP B 215 21.07 64.57 40.12
C TRP B 215 21.53 65.92 39.59
N ASP B 216 21.72 66.02 38.27
CA ASP B 216 22.31 67.21 37.66
C ASP B 216 21.22 68.12 37.06
N LYS B 217 20.47 68.77 37.95
CA LYS B 217 19.76 70.04 37.71
C LYS B 217 18.53 69.95 36.81
N LYS B 218 18.41 68.87 36.05
CA LYS B 218 17.20 68.60 35.28
C LYS B 218 16.44 67.43 35.84
N GLU B 219 17.19 66.40 36.26
CA GLU B 219 16.63 65.27 36.97
C GLU B 219 15.96 65.71 38.26
N TRP B 220 16.59 66.64 39.00
CA TRP B 220 15.98 67.12 40.23
C TRP B 220 14.73 67.94 39.94
N GLN B 221 14.76 68.75 38.87
CA GLN B 221 13.57 69.48 38.46
C GLN B 221 12.42 68.54 38.13
N ASN B 222 12.73 67.42 37.47
CA ASN B 222 11.70 66.43 37.17
C ASN B 222 11.15 65.80 38.44
N ILE B 223 12.04 65.45 39.38
CA ILE B 223 11.62 64.86 40.64
C ILE B 223 10.70 65.82 41.39
N LEU B 224 11.03 67.12 41.38
CA LEU B 224 10.17 68.12 42.03
C LEU B 224 8.83 68.22 41.31
N GLU B 225 8.86 68.33 39.99
CA GLU B 225 7.63 68.36 39.19
C GLU B 225 6.69 67.22 39.57
N SER B 226 7.22 66.02 39.73
CA SER B 226 6.37 64.87 39.98
C SER B 226 6.05 64.66 41.46
N SER B 227 6.78 65.32 42.36
CA SER B 227 6.34 65.36 43.76
C SER B 227 4.93 65.92 43.85
N HIS B 228 4.56 66.82 42.94
CA HIS B 228 3.20 67.34 42.91
C HIS B 228 2.17 66.22 42.80
N PHE B 229 2.49 65.17 42.05
CA PHE B 229 1.53 64.12 41.76
C PHE B 229 1.61 62.97 42.76
N ASN B 230 2.81 62.56 43.15
CA ASN B 230 3.00 61.52 44.16
C ASN B 230 3.10 62.18 45.52
N ALA B 231 2.11 61.92 46.39
CA ALA B 231 2.04 62.59 47.67
C ALA B 231 3.17 62.15 48.60
N ASP B 232 3.54 60.85 48.55
CA ASP B 232 4.58 60.35 49.43
C ASP B 232 5.95 60.90 49.03
N LEU B 233 6.24 60.99 47.74
CA LEU B 233 7.48 61.60 47.30
C LEU B 233 7.52 63.08 47.68
N LYS B 234 6.38 63.77 47.56
CA LYS B 234 6.27 65.16 47.98
C LYS B 234 6.63 65.32 49.46
N GLU B 235 6.04 64.47 50.31
CA GLU B 235 6.34 64.46 51.74
C GLU B 235 7.83 64.21 51.99
N PHE B 236 8.40 63.22 51.31
CA PHE B 236 9.81 62.91 51.55
C PHE B 236 10.71 64.05 51.08
N ILE B 237 10.35 64.73 50.00
CA ILE B 237 11.20 65.82 49.52
C ILE B 237 11.12 67.01 50.47
N ASP B 238 9.94 67.26 51.05
CA ASP B 238 9.85 68.28 52.10
C ASP B 238 10.77 67.93 53.26
N LYS B 239 10.67 66.69 53.74
CA LYS B 239 11.51 66.25 54.85
C LYS B 239 13.00 66.40 54.53
N LEU B 240 13.40 66.06 53.30
CA LEU B 240 14.76 66.31 52.86
C LEU B 240 15.09 67.80 52.89
N ASP B 241 14.14 68.63 52.46
CA ASP B 241 14.37 70.07 52.38
C ASP B 241 14.54 70.70 53.75
N LYS B 242 14.16 70.01 54.83
CA LYS B 242 14.54 70.54 56.14
C LYS B 242 16.06 70.62 56.28
N SER B 243 16.78 69.62 55.75
CA SER B 243 18.25 69.66 55.67
C SER B 243 18.61 70.13 54.27
N VAL B 244 18.82 71.44 54.12
CA VAL B 244 19.14 71.98 52.81
C VAL B 244 20.63 71.74 52.59
N ASN B 245 20.98 70.56 52.08
CA ASN B 245 22.34 70.23 51.69
C ASN B 245 22.63 70.66 50.26
N ILE B 246 21.62 71.20 49.56
CA ILE B 246 21.85 71.82 48.25
C ILE B 246 22.90 72.91 48.37
N GLU B 247 22.83 73.70 49.44
CA GLU B 247 23.84 74.70 49.73
C GLU B 247 25.20 74.07 49.97
N PRO B 254 25.08 69.39 44.63
CA PRO B 254 23.75 68.82 44.40
C PRO B 254 22.97 69.63 43.39
N LEU B 255 23.70 70.25 42.45
CA LEU B 255 23.14 71.22 41.53
C LEU B 255 23.86 71.16 40.19
N ILE B 256 23.96 72.30 39.51
CA ILE B 256 23.83 72.46 38.07
C ILE B 256 24.52 71.41 37.19
N GLN B 257 25.85 71.30 37.21
CA GLN B 257 26.52 70.72 36.05
C GLN B 257 27.23 69.40 36.32
N ASN B 258 28.21 69.35 37.21
CA ASN B 258 29.04 68.16 37.34
C ASN B 258 29.26 67.86 38.81
N ILE B 259 28.83 66.69 39.25
CA ILE B 259 29.03 66.23 40.62
C ILE B 259 29.68 64.86 40.50
N ALA B 260 31.01 64.82 40.60
CA ALA B 260 31.79 63.58 40.53
C ALA B 260 32.72 63.53 41.74
N LEU B 261 32.21 63.05 42.86
CA LEU B 261 33.04 62.79 44.03
C LEU B 261 33.81 61.51 43.82
N CYS B 262 35.07 61.49 44.28
CA CYS B 262 36.02 60.48 43.82
C CYS B 262 36.18 59.29 44.76
N GLU B 263 35.90 59.42 46.05
CA GLU B 263 36.15 58.32 46.98
C GLU B 263 35.25 58.46 48.19
N LEU B 264 35.00 57.32 48.85
CA LEU B 264 34.38 57.27 50.16
C LEU B 264 34.92 56.03 50.87
N LYS B 265 34.56 55.89 52.15
CA LYS B 265 34.90 54.67 52.89
C LYS B 265 33.74 54.30 53.80
N ASN B 266 32.82 53.48 53.27
CA ASN B 266 31.86 52.72 54.07
C ASN B 266 31.06 53.63 55.01
N PHE B 267 30.67 54.80 54.53
CA PHE B 267 30.02 55.79 55.38
C PHE B 267 28.51 55.62 55.34
N SER B 268 27.89 55.63 56.52
CA SER B 268 26.45 55.48 56.66
C SER B 268 25.74 56.80 56.90
N SER B 269 26.43 57.93 56.68
CA SER B 269 25.77 59.23 56.77
C SER B 269 24.79 59.44 55.62
N ALA B 270 25.01 58.77 54.48
CA ALA B 270 24.06 58.87 53.37
C ALA B 270 22.69 58.30 53.74
N LYS B 271 22.66 57.32 54.63
CA LYS B 271 21.38 56.84 55.16
C LYS B 271 20.59 57.95 55.84
N ASN B 272 21.27 59.04 56.24
CA ASN B 272 20.58 60.18 56.81
C ASN B 272 20.02 61.07 55.71
N LYS B 273 19.25 60.48 54.80
CA LYS B 273 18.40 61.14 53.81
C LYS B 273 19.16 61.75 52.63
N ILE B 274 20.47 61.54 52.51
CA ILE B 274 21.21 62.12 51.39
C ILE B 274 21.21 61.24 50.14
N SER B 275 21.08 59.92 50.30
CA SER B 275 21.08 59.02 49.15
C SER B 275 20.06 59.42 48.10
N ALA B 276 18.95 60.02 48.52
CA ALA B 276 17.93 60.48 47.58
C ALA B 276 18.47 61.51 46.59
N LEU B 277 19.57 62.19 46.92
CA LEU B 277 20.21 63.11 45.99
C LEU B 277 21.23 62.42 45.10
N ILE B 278 21.68 61.23 45.48
CA ILE B 278 22.61 60.43 44.67
C ILE B 278 21.81 59.55 43.74
N LYS B 279 22.33 59.33 42.52
CA LYS B 279 21.73 58.41 41.57
C LYS B 279 22.64 57.26 41.19
N LYS B 280 23.95 57.47 41.16
CA LYS B 280 24.91 56.49 40.66
C LYS B 280 26.14 56.48 41.55
N ILE B 281 26.53 55.29 42.01
CA ILE B 281 27.80 55.07 42.71
C ILE B 281 28.56 54.00 41.93
N GLU B 282 29.71 54.39 41.37
CA GLU B 282 30.44 53.55 40.42
C GLU B 282 31.76 53.11 41.06
N ILE B 283 31.81 51.86 41.51
CA ILE B 283 32.93 51.28 42.24
C ILE B 283 33.82 50.51 41.27
N LYS B 284 35.12 50.51 41.55
CA LYS B 284 36.16 49.85 40.77
C LYS B 284 37.03 48.96 41.66
N SER B 285 36.37 48.08 42.42
CA SER B 285 36.94 47.40 43.57
C SER B 285 37.76 46.15 43.18
N HIS B 286 38.34 45.51 44.20
CA HIS B 286 39.12 44.27 44.09
C HIS B 286 38.37 43.13 44.76
N LEU B 287 37.82 42.23 43.93
CA LEU B 287 37.31 40.94 44.40
C LEU B 287 37.50 39.95 43.27
N GLU B 288 38.04 38.76 43.58
CA GLU B 288 38.41 37.82 42.53
C GLU B 288 37.20 37.43 41.68
N PHE B 289 36.02 37.38 42.30
CA PHE B 289 34.78 37.22 41.55
C PHE B 289 34.73 38.19 40.36
N LEU B 290 34.95 39.48 40.63
CA LEU B 290 35.04 40.45 39.55
C LEU B 290 36.38 40.40 38.81
N LYS B 291 37.42 39.87 39.44
CA LYS B 291 38.69 39.63 38.75
C LYS B 291 38.52 38.72 37.54
N ASN B 292 37.44 37.94 37.48
CA ASN B 292 37.15 37.15 36.29
C ASN B 292 36.47 37.97 35.17
N ASN B 293 36.64 39.30 35.15
CA ASN B 293 36.08 40.18 34.12
C ASN B 293 34.55 40.19 34.16
N ILE B 294 33.99 40.28 35.37
CA ILE B 294 32.57 40.45 35.57
C ILE B 294 32.31 41.89 35.99
N SER B 295 31.08 42.36 35.78
CA SER B 295 30.66 43.66 36.30
C SER B 295 29.20 43.55 36.71
N ILE B 296 28.88 43.90 37.96
CA ILE B 296 27.52 43.76 38.48
C ILE B 296 26.88 45.13 38.61
N VAL B 297 25.57 45.16 38.36
CA VAL B 297 24.75 46.36 38.45
C VAL B 297 23.61 46.06 39.44
N ASP B 298 23.69 46.68 40.62
CA ASP B 298 22.60 46.60 41.61
C ASP B 298 21.55 47.65 41.27
N THR B 299 20.27 47.31 41.53
CA THR B 299 19.16 48.16 41.10
C THR B 299 18.09 48.31 42.18
N PRO B 300 17.62 49.54 42.46
CA PRO B 300 16.60 49.76 43.49
C PRO B 300 15.18 49.75 42.92
N GLY B 301 14.21 49.26 43.71
CA GLY B 301 12.91 48.91 43.15
C GLY B 301 11.93 50.07 43.06
N LEU B 302 11.75 50.84 44.16
CA LEU B 302 10.58 51.71 44.36
C LEU B 302 10.89 53.21 44.50
N ASP B 303 11.89 53.59 45.30
CA ASP B 303 12.02 54.78 46.14
C ASP B 303 11.36 56.12 45.81
N ASP B 304 11.96 56.85 44.90
CA ASP B 304 11.44 58.10 44.39
C ASP B 304 11.26 57.78 42.91
N VAL B 305 10.07 57.28 42.61
CA VAL B 305 9.83 56.47 41.43
C VAL B 305 10.23 57.19 40.16
N VAL B 306 10.19 58.53 40.15
CA VAL B 306 9.98 59.25 38.90
C VAL B 306 11.22 59.21 38.01
N VAL B 307 12.42 59.38 38.58
CA VAL B 307 13.65 59.42 37.79
C VAL B 307 14.69 58.42 38.25
N GLN B 308 14.48 57.73 39.35
CA GLN B 308 15.42 56.65 39.63
C GLN B 308 15.10 55.43 38.80
N ARG B 309 13.82 55.21 38.50
CA ARG B 309 13.41 54.12 37.64
C ARG B 309 13.92 54.31 36.22
N GLU B 310 13.95 55.55 35.72
CA GLU B 310 14.43 55.78 34.35
C GLU B 310 15.88 55.34 34.21
N ILE B 311 16.74 55.78 35.13
CA ILE B 311 18.15 55.40 35.06
C ILE B 311 18.32 53.92 35.34
N VAL B 312 17.48 53.34 36.21
CA VAL B 312 17.54 51.90 36.45
C VAL B 312 17.29 51.13 35.16
N THR B 313 16.21 51.48 34.45
CA THR B 313 15.92 50.79 33.19
C THR B 313 16.91 51.15 32.10
N ASN B 314 17.54 52.32 32.16
CA ASN B 314 18.66 52.60 31.27
C ASN B 314 19.78 51.60 31.48
N GLU B 315 20.23 51.46 32.73
CA GLU B 315 21.34 50.57 33.04
C GLU B 315 21.00 49.12 32.70
N TYR B 316 19.74 48.73 32.91
CA TYR B 316 19.33 47.35 32.61
C TYR B 316 19.17 47.13 31.11
N LEU B 317 18.62 48.11 30.39
CA LEU B 317 18.47 48.02 28.94
C LEU B 317 19.81 48.20 28.22
N ARG B 318 20.79 48.81 28.89
CA ARG B 318 22.14 48.91 28.34
C ARG B 318 22.74 47.50 28.32
N GLU B 319 24.02 47.39 27.98
CA GLU B 319 24.69 46.18 27.51
C GLU B 319 24.13 44.87 28.08
N SER B 320 23.58 44.89 29.29
CA SER B 320 23.69 43.79 30.25
C SER B 320 22.90 42.53 29.91
N ASP B 321 23.33 41.83 28.86
CA ASP B 321 23.94 40.50 28.91
C ASP B 321 23.50 39.51 29.99
N PHE B 322 22.58 39.89 30.89
CA PHE B 322 21.88 38.97 31.80
C PHE B 322 20.97 39.70 32.79
N LEU B 323 20.05 38.96 33.41
CA LEU B 323 19.22 39.51 34.47
C LEU B 323 18.98 38.45 35.54
N ILE B 324 19.25 38.82 36.80
CA ILE B 324 18.87 38.03 37.96
C ILE B 324 17.84 38.84 38.73
N HIS B 325 16.71 38.22 39.06
CA HIS B 325 15.67 38.87 39.83
C HIS B 325 15.41 38.10 41.11
N LEU B 326 15.38 38.81 42.24
CA LEU B 326 15.29 38.19 43.55
C LEU B 326 13.92 38.43 44.15
N MET B 327 13.37 37.38 44.78
CA MET B 327 12.14 37.54 45.56
C MET B 327 12.27 36.81 46.89
N ASN B 328 11.77 37.44 47.95
CA ASN B 328 11.81 36.83 49.27
C ASN B 328 10.91 35.60 49.28
N ALA B 329 11.35 34.56 50.00
CA ALA B 329 10.69 33.26 49.94
C ALA B 329 9.24 33.30 50.39
N SER B 330 8.84 34.30 51.18
CA SER B 330 7.50 34.32 51.74
C SER B 330 6.69 35.56 51.38
N GLN B 331 7.23 36.50 50.61
CA GLN B 331 6.50 37.69 50.21
C GLN B 331 5.73 37.40 48.93
N SER B 332 4.48 37.84 48.87
CA SER B 332 3.49 37.31 47.94
C SER B 332 3.52 38.02 46.59
N LEU B 333 4.71 38.04 45.98
CA LEU B 333 4.91 38.30 44.56
C LEU B 333 4.69 39.74 44.12
N THR B 334 4.14 40.59 45.00
CA THR B 334 4.42 42.03 44.93
C THR B 334 4.12 42.67 43.58
N GLN B 335 2.85 42.92 43.26
CA GLN B 335 2.36 43.34 41.95
C GLN B 335 3.37 44.13 41.09
N LYS B 336 4.13 45.04 41.70
CA LYS B 336 5.22 45.69 40.98
C LYS B 336 6.22 44.67 40.45
N ASP B 337 6.66 43.73 41.30
CA ASP B 337 7.48 42.61 40.85
C ASP B 337 6.83 41.88 39.68
N ALA B 338 5.52 41.64 39.78
CA ALA B 338 4.81 40.85 38.77
C ALA B 338 4.80 41.57 37.43
N ASP B 339 4.49 42.87 37.43
CA ASP B 339 4.49 43.65 36.20
C ASP B 339 5.89 43.67 35.59
N PHE B 340 6.93 43.80 36.42
CA PHE B 340 8.29 43.75 35.91
C PHE B 340 8.59 42.41 35.24
N LEU B 341 8.20 41.31 35.90
CA LEU B 341 8.42 39.98 35.33
C LEU B 341 7.66 39.80 34.03
N VAL B 342 6.44 40.32 33.95
CA VAL B 342 5.67 40.25 32.72
C VAL B 342 6.39 41.00 31.61
N HIS B 343 6.82 42.24 31.89
CA HIS B 343 7.62 43.01 30.93
C HIS B 343 8.82 42.22 30.45
N CYS B 344 9.51 41.53 31.37
CA CYS B 344 10.65 40.71 31.01
C CYS B 344 10.25 39.59 30.05
N LEU B 345 9.15 38.90 30.38
CA LEU B 345 8.69 37.77 29.57
C LEU B 345 8.33 38.20 28.15
N LEU B 346 7.62 39.33 28.00
CA LEU B 346 7.26 39.76 26.66
C LEU B 346 8.46 40.25 25.85
N ASN B 347 9.51 40.72 26.52
CA ASN B 347 10.66 41.25 25.80
C ASN B 347 11.39 40.12 25.10
N SER B 348 11.32 40.09 23.76
CA SER B 348 11.92 39.01 23.00
C SER B 348 13.43 39.09 22.97
N ARG B 349 14.01 40.24 23.32
CA ARG B 349 15.46 40.37 23.38
C ARG B 349 16.06 39.70 24.61
N LEU B 350 15.23 39.35 25.60
CA LEU B 350 15.76 39.00 26.92
C LEU B 350 16.42 37.63 26.92
N SER B 351 15.76 36.64 26.32
CA SER B 351 16.33 35.31 26.04
C SER B 351 16.78 34.61 27.33
N LYS B 352 15.77 34.18 28.10
CA LYS B 352 15.95 33.34 29.30
C LYS B 352 16.76 33.95 30.43
N PHE B 353 16.16 34.94 31.12
CA PHE B 353 16.68 35.52 32.36
C PHE B 353 16.49 34.55 33.53
N LEU B 354 16.97 34.97 34.71
CA LEU B 354 17.03 34.10 35.89
C LEU B 354 16.29 34.70 37.09
N ILE B 355 15.75 33.81 37.92
CA ILE B 355 15.07 34.15 39.18
C ILE B 355 15.76 33.42 40.33
N VAL B 356 16.00 34.16 41.41
CA VAL B 356 16.50 33.62 42.67
C VAL B 356 15.46 33.91 43.75
N LEU B 357 15.05 32.86 44.46
CA LEU B 357 14.26 32.99 45.68
C LEU B 357 15.26 33.20 46.81
N THR B 358 15.42 34.44 47.24
CA THR B 358 16.35 34.75 48.30
C THR B 358 15.73 34.42 49.65
N LYS B 359 16.57 34.32 50.67
CA LYS B 359 16.19 33.89 52.02
C LYS B 359 15.60 32.47 51.99
N ALA B 360 16.46 31.52 51.63
CA ALA B 360 16.05 30.11 51.59
C ALA B 360 15.94 29.55 53.00
N ASP B 361 15.10 30.20 53.80
CA ASP B 361 14.77 29.79 55.16
C ASP B 361 13.50 30.53 55.55
N LEU B 362 13.13 30.46 56.83
CA LEU B 362 11.89 30.97 57.38
C LEU B 362 10.67 30.33 56.73
N LEU B 363 10.87 29.30 55.92
CA LEU B 363 9.83 28.54 55.26
C LEU B 363 10.47 27.28 54.70
N SER B 364 9.87 26.11 54.99
CA SER B 364 10.54 24.85 54.73
C SER B 364 10.72 24.61 53.23
N LYS B 365 11.76 23.85 52.89
CA LYS B 365 11.89 23.35 51.53
C LYS B 365 10.75 22.38 51.25
N LYS B 366 10.35 22.32 49.98
CA LYS B 366 9.12 21.75 49.43
C LYS B 366 7.93 22.68 49.68
N ASP B 367 8.10 23.76 50.45
CA ASP B 367 7.23 24.92 50.33
C ASP B 367 7.81 25.94 49.37
N LEU B 368 9.14 25.94 49.21
CA LEU B 368 9.78 26.76 48.17
C LEU B 368 9.29 26.36 46.79
N GLU B 369 9.19 25.05 46.52
CA GLU B 369 8.70 24.59 45.24
C GLU B 369 7.25 25.00 45.03
N GLU B 370 6.43 24.96 46.08
CA GLU B 370 5.06 25.43 45.97
C GLU B 370 5.02 26.93 45.70
N VAL B 371 5.95 27.69 46.28
CA VAL B 371 6.03 29.12 46.00
C VAL B 371 6.38 29.35 44.53
N ILE B 372 7.31 28.56 44.01
CA ILE B 372 7.69 28.67 42.59
C ILE B 372 6.50 28.34 41.69
N VAL B 373 5.73 27.32 42.08
CA VAL B 373 4.55 26.94 41.29
C VAL B 373 3.52 28.06 41.31
N TYR B 374 3.28 28.64 42.48
CA TYR B 374 2.48 29.86 42.62
C TYR B 374 2.92 30.91 41.60
N THR B 375 4.21 31.24 41.63
CA THR B 375 4.77 32.29 40.78
C THR B 375 4.50 32.01 39.30
N LYS B 376 4.78 30.77 38.88
CA LYS B 376 4.66 30.43 37.47
C LYS B 376 3.20 30.45 37.03
N GLU B 377 2.28 30.00 37.89
CA GLU B 377 0.86 30.07 37.56
C GLU B 377 0.40 31.52 37.43
N SER B 378 0.85 32.39 38.32
CA SER B 378 0.48 33.80 38.20
C SER B 378 0.99 34.39 36.89
N LEU B 379 2.25 34.11 36.56
CA LEU B 379 2.83 34.64 35.33
C LEU B 379 2.12 34.10 34.10
N LYS B 380 1.70 32.83 34.12
CA LYS B 380 0.93 32.28 33.02
C LYS B 380 -0.45 32.93 32.92
N SER B 381 -1.05 33.25 34.08
CA SER B 381 -2.35 33.91 34.08
C SER B 381 -2.26 35.32 33.51
N ARG B 382 -1.11 35.97 33.64
CA ARG B 382 -0.95 37.28 33.01
C ARG B 382 -0.72 37.18 31.50
N LEU B 383 -0.50 35.98 30.95
CA LEU B 383 -0.22 35.78 29.52
C LEU B 383 -1.13 34.68 28.98
N VAL B 384 -2.32 35.04 28.50
CA VAL B 384 -3.30 34.03 28.08
C VAL B 384 -3.16 33.86 26.57
N ASP B 385 -2.27 32.94 26.18
CA ASP B 385 -2.19 32.34 24.86
C ASP B 385 -1.14 31.24 24.94
N LEU B 386 -0.66 30.73 23.81
CA LEU B 386 0.60 29.98 23.83
C LEU B 386 1.70 30.81 24.49
N ASP B 387 1.46 32.11 24.63
CA ASP B 387 2.27 33.02 25.44
C ASP B 387 2.64 32.41 26.79
N GLU B 388 1.77 31.56 27.35
CA GLU B 388 2.04 30.94 28.66
C GLU B 388 3.40 30.26 28.68
N ASN B 389 3.77 29.58 27.59
CA ASN B 389 5.02 28.85 27.55
C ASN B 389 6.23 29.76 27.67
N LEU B 390 6.04 31.07 27.49
CA LEU B 390 7.12 32.03 27.73
C LEU B 390 7.54 32.07 29.18
N VAL B 391 6.68 31.65 30.12
CA VAL B 391 7.11 31.55 31.50
C VAL B 391 8.18 30.48 31.67
N GLU B 392 8.26 29.51 30.72
CA GLU B 392 9.32 28.53 30.74
C GLU B 392 10.65 29.10 30.29
N LYS B 393 10.62 30.41 30.06
CA LYS B 393 11.82 31.19 29.81
C LYS B 393 12.63 31.41 31.08
N ILE B 394 12.01 31.29 32.25
CA ILE B 394 12.67 31.60 33.51
C ILE B 394 13.30 30.36 34.10
N ASP B 395 14.49 30.52 34.69
CA ASP B 395 15.09 29.53 35.56
C ASP B 395 14.90 29.97 37.01
N PHE B 396 14.78 29.00 37.92
CA PHE B 396 14.52 29.27 39.33
C PHE B 396 15.59 28.63 40.19
N LEU B 397 16.19 29.40 41.09
CA LEU B 397 17.06 28.84 42.13
C LEU B 397 16.61 29.30 43.51
N CYS B 398 17.18 28.66 44.53
CA CYS B 398 16.85 28.93 45.93
C CYS B 398 18.17 29.04 46.71
N VAL B 399 18.53 30.26 47.11
CA VAL B 399 19.74 30.48 47.91
C VAL B 399 19.38 31.29 49.15
N SER B 400 20.18 31.09 50.20
CA SER B 400 20.08 31.87 51.43
C SER B 400 21.42 32.56 51.65
N ALA B 401 21.38 33.90 51.71
CA ALA B 401 22.62 34.68 51.79
C ALA B 401 23.28 34.56 53.15
N LYS B 402 22.48 34.44 54.22
CA LYS B 402 23.01 34.55 55.57
C LYS B 402 23.96 33.41 55.88
N MET B 403 23.64 32.19 55.44
CA MET B 403 24.50 31.03 55.68
C MET B 403 25.88 31.25 55.06
N ALA B 404 25.90 31.63 53.78
CA ALA B 404 27.18 31.80 53.09
C ALA B 404 27.98 32.95 53.69
N SER B 405 27.32 34.06 54.03
CA SER B 405 28.04 35.17 54.64
C SER B 405 28.56 34.79 56.01
N ASP B 406 27.82 33.97 56.75
CA ASP B 406 28.25 33.53 58.07
C ASP B 406 29.47 32.62 57.98
N PHE B 407 29.53 31.76 56.95
CA PHE B 407 30.61 30.78 56.90
C PHE B 407 31.98 31.44 56.79
N TYR B 408 32.08 32.59 56.12
CA TYR B 408 33.39 33.23 55.96
C TYR B 408 33.93 33.77 57.28
N LYS B 409 33.11 34.54 57.99
CA LYS B 409 33.58 35.30 59.15
C LYS B 409 32.73 35.10 60.41
N GLY B 410 31.50 34.62 60.30
CA GLY B 410 30.54 34.61 61.39
C GLY B 410 30.51 33.32 62.19
N LEU B 411 29.33 33.01 62.72
CA LEU B 411 29.17 31.95 63.72
C LEU B 411 29.01 30.56 63.12
N ALA B 412 28.76 30.45 61.82
CA ALA B 412 28.42 29.16 61.21
C ALA B 412 29.68 28.39 60.83
N SER B 413 30.38 27.90 61.87
CA SER B 413 31.46 26.94 61.65
C SER B 413 30.93 25.61 61.17
N LYS B 414 29.67 25.29 61.47
CA LYS B 414 28.99 24.18 60.83
C LYS B 414 28.80 24.51 59.35
N GLU B 415 28.82 23.46 58.52
CA GLU B 415 28.88 23.66 57.07
C GLU B 415 27.58 24.26 56.58
N SER B 416 27.60 25.55 56.25
CA SER B 416 26.44 26.28 55.78
C SER B 416 26.50 26.64 54.30
N LEU B 417 27.67 26.48 53.65
CA LEU B 417 27.76 26.72 52.22
C LEU B 417 26.83 25.78 51.46
N GLN B 418 26.95 24.49 51.73
CA GLN B 418 25.88 23.55 51.39
C GLN B 418 24.78 23.65 52.43
N LYS B 419 23.57 23.28 52.04
CA LYS B 419 22.28 23.55 52.70
C LYS B 419 21.79 24.97 52.40
N SER B 420 22.53 25.77 51.65
CA SER B 420 22.13 27.14 51.32
C SER B 420 21.81 27.32 49.85
N GLY B 421 22.71 26.88 48.96
CA GLY B 421 22.52 27.02 47.53
C GLY B 421 23.43 28.04 46.87
N MET B 422 24.23 28.77 47.66
CA MET B 422 25.10 29.80 47.09
C MET B 422 26.18 29.17 46.19
N GLN B 423 26.68 28.00 46.58
CA GLN B 423 27.63 27.26 45.76
C GLN B 423 27.04 26.97 44.38
N GLU B 424 25.79 26.47 44.35
CA GLU B 424 25.13 26.15 43.09
C GLU B 424 24.88 27.41 42.26
N PHE B 425 24.48 28.50 42.92
CA PHE B 425 24.25 29.77 42.22
C PHE B 425 25.55 30.27 41.58
N GLU B 426 26.67 30.14 42.31
CA GLU B 426 27.98 30.52 41.77
C GLU B 426 28.34 29.67 40.56
N ASN B 427 28.11 28.36 40.66
CA ASN B 427 28.34 27.47 39.52
C ASN B 427 27.52 27.89 38.31
N TYR B 428 26.25 28.22 38.55
CA TYR B 428 25.36 28.67 37.48
C TYR B 428 25.90 29.93 36.80
N LEU B 429 26.29 30.91 37.60
CA LEU B 429 26.81 32.16 37.03
C LEU B 429 28.07 31.91 36.21
N PHE B 430 28.96 31.06 36.71
CA PHE B 430 30.18 30.76 35.94
C PHE B 430 29.87 29.96 34.68
N ASN B 431 28.85 29.10 34.73
CA ASN B 431 28.45 28.35 33.54
C ASN B 431 27.87 29.25 32.47
N GLU B 432 27.19 30.31 32.88
CA GLU B 432 26.65 31.23 31.85
C GLU B 432 27.77 31.95 31.04
N LEU B 433 29.06 31.63 31.23
CA LEU B 433 30.13 32.20 30.42
C LEU B 433 30.75 31.19 29.44
N TYR B 434 30.17 30.00 29.33
CA TYR B 434 30.19 29.25 28.07
C TYR B 434 28.78 28.91 27.61
N ALA B 435 27.94 28.39 28.51
CA ALA B 435 26.58 28.02 28.14
C ALA B 435 25.74 29.22 27.75
N GLY B 436 26.06 30.40 28.29
CA GLY B 436 25.33 31.59 27.92
C GLY B 436 25.54 31.93 26.45
N GLU B 437 24.47 32.44 25.83
CA GLU B 437 24.53 32.78 24.41
C GLU B 437 25.70 33.67 24.07
N LYS B 438 26.00 34.63 24.95
CA LYS B 438 26.95 35.69 24.60
C LYS B 438 28.34 35.14 24.34
N SER B 439 28.78 34.19 25.16
CA SER B 439 30.10 33.58 24.97
C SER B 439 30.19 32.86 23.62
N LYS B 440 29.15 32.10 23.28
CA LYS B 440 29.14 31.39 22.01
C LYS B 440 29.13 32.36 20.83
N ILE B 441 28.38 33.46 20.95
CA ILE B 441 28.34 34.46 19.89
C ILE B 441 29.71 35.10 19.72
N ALA B 442 30.39 35.40 20.83
CA ALA B 442 31.74 35.98 20.75
C ALA B 442 32.72 35.00 20.11
N LEU B 443 32.62 33.71 20.46
CA LEU B 443 33.47 32.71 19.82
C LEU B 443 33.21 32.64 18.32
N ARG B 444 31.94 32.69 17.91
CA ARG B 444 31.60 32.67 16.49
C ARG B 444 32.17 33.89 15.77
N ALA B 445 32.09 35.06 16.40
CA ALA B 445 32.67 36.27 15.80
C ALA B 445 34.18 36.14 15.67
N TYR B 446 34.84 35.61 16.70
CA TYR B 446 36.28 35.41 16.63
C TYR B 446 36.65 34.45 15.51
N LYS B 447 35.88 33.37 15.34
CA LYS B 447 36.16 32.43 14.25
C LYS B 447 35.97 33.08 12.89
N LYS B 448 34.93 33.91 12.74
CA LYS B 448 34.72 34.62 11.48
C LYS B 448 35.88 35.58 11.20
N GLU B 449 36.35 36.28 12.23
CA GLU B 449 37.49 37.17 12.06
C GLU B 449 38.74 36.41 11.63
N LEU B 450 38.98 35.25 12.24
CA LEU B 450 40.15 34.45 11.88
C LEU B 450 40.04 33.96 10.43
N HIS B 451 38.84 33.52 10.02
CA HIS B 451 38.64 33.12 8.63
C HIS B 451 38.90 34.26 7.67
N LEU B 452 38.43 35.47 8.01
CA LEU B 452 38.58 36.60 7.09
C LEU B 452 40.03 37.06 7.00
N GLU B 453 40.74 37.09 8.13
CA GLU B 453 42.17 37.42 8.10
C GLU B 453 42.95 36.35 7.33
N LEU B 454 42.55 35.08 7.47
CA LEU B 454 43.17 34.02 6.69
C LEU B 454 42.96 34.24 5.19
N LYS B 455 41.74 34.63 4.80
CA LYS B 455 41.45 34.94 3.40
C LYS B 455 42.30 36.11 2.91
N ASN B 456 42.47 37.14 3.74
CA ASN B 456 43.32 38.27 3.38
C ASN B 456 44.76 37.81 3.18
N ILE B 457 45.27 36.96 4.07
CA ILE B 457 46.64 36.47 3.94
C ILE B 457 46.80 35.64 2.68
N LEU B 458 45.80 34.82 2.36
CA LEU B 458 45.83 34.07 1.10
C LEU B 458 45.90 35.01 -0.09
N SER B 459 45.03 36.03 -0.10
CA SER B 459 45.06 37.01 -1.20
C SER B 459 46.42 37.67 -1.31
N GLU B 460 47.06 37.96 -0.17
CA GLU B 460 48.36 38.61 -0.19
C GLU B 460 49.43 37.70 -0.76
N TYR B 461 49.47 36.44 -0.32
CA TYR B 461 50.60 35.57 -0.63
C TYR B 461 50.47 34.80 -1.94
N GLU B 462 49.26 34.61 -2.46
CA GLU B 462 49.14 34.00 -3.78
C GLU B 462 49.61 34.94 -4.89
N MET B 463 49.39 36.24 -4.73
CA MET B 463 49.78 37.23 -5.73
C MET B 463 51.30 37.28 -5.88
N GLU B 477 72.47 29.37 -24.83
CA GLU B 477 73.46 28.31 -24.70
C GLU B 477 73.31 27.57 -23.39
N GLU B 478 73.05 28.31 -22.31
CA GLU B 478 72.94 27.71 -20.99
C GLU B 478 71.77 26.73 -20.92
N ASN B 479 70.63 27.10 -21.51
CA ASN B 479 69.47 26.20 -21.52
C ASN B 479 69.77 24.93 -22.30
N GLN B 480 70.46 25.06 -23.44
CA GLN B 480 70.85 23.89 -24.22
C GLN B 480 71.79 22.99 -23.43
N LYS B 481 72.74 23.59 -22.69
CA LYS B 481 73.64 22.79 -21.87
C LYS B 481 72.89 22.07 -20.76
N LEU B 482 71.92 22.73 -20.14
CA LEU B 482 71.10 22.08 -19.13
C LEU B 482 70.30 20.91 -19.71
N LEU B 483 69.74 21.10 -20.91
CA LEU B 483 69.01 20.01 -21.57
C LEU B 483 69.94 18.83 -21.87
N LEU B 484 71.16 19.13 -22.33
CA LEU B 484 72.12 18.07 -22.61
C LEU B 484 72.49 17.32 -21.33
N GLU B 485 72.67 18.05 -20.23
CA GLU B 485 72.97 17.40 -18.95
C GLU B 485 71.81 16.50 -18.49
N LEU B 486 70.57 16.97 -18.67
CA LEU B 486 69.41 16.15 -18.33
C LEU B 486 69.36 14.88 -19.18
N GLN B 487 69.65 15.00 -20.48
CA GLN B 487 69.67 13.84 -21.35
C GLN B 487 70.76 12.86 -20.93
N LYS B 488 71.92 13.37 -20.54
CA LYS B 488 73.00 12.50 -20.07
C LYS B 488 72.61 11.78 -18.78
N GLN B 489 71.93 12.48 -17.88
CA GLN B 489 71.46 11.84 -16.65
C GLN B 489 70.45 10.74 -16.95
N ASN B 490 69.54 10.99 -17.92
CA ASN B 490 68.58 9.97 -18.31
C ASN B 490 69.29 8.75 -18.91
N THR B 491 70.30 8.99 -19.73
CA THR B 491 71.06 7.89 -20.31
C THR B 491 71.78 7.08 -19.23
N LEU B 492 72.34 7.77 -18.22
CA LEU B 492 72.99 7.08 -17.12
C LEU B 492 72.00 6.24 -16.32
N LEU B 493 70.80 6.76 -16.10
CA LEU B 493 69.76 5.98 -15.42
C LEU B 493 69.38 4.74 -16.21
N LYS B 494 69.25 4.89 -17.53
CA LYS B 494 68.94 3.74 -18.38
C LYS B 494 70.04 2.70 -18.33
N GLU B 495 71.30 3.15 -18.33
CA GLU B 495 72.42 2.23 -18.25
C GLU B 495 72.43 1.50 -16.90
N ALA B 496 72.11 2.20 -15.82
CA ALA B 496 72.03 1.56 -14.51
C ALA B 496 70.92 0.51 -14.48
N GLN B 497 69.77 0.82 -15.09
CA GLN B 497 68.69 -0.16 -15.17
C GLN B 497 69.11 -1.39 -15.97
N ASP B 498 69.82 -1.18 -17.08
CA ASP B 498 70.31 -2.30 -17.88
C ASP B 498 71.30 -3.15 -17.09
N GLU B 499 72.17 -2.51 -16.30
CA GLU B 499 73.10 -3.25 -15.47
C GLU B 499 72.38 -4.06 -14.40
N ILE B 500 71.33 -3.50 -13.81
CA ILE B 500 70.54 -4.23 -12.82
C ILE B 500 69.88 -5.44 -13.47
N SER B 501 69.34 -5.26 -14.68
CA SER B 501 68.73 -6.38 -15.39
C SER B 501 69.76 -7.47 -15.69
N ASN B 502 70.97 -7.08 -16.11
CA ASN B 502 72.02 -8.06 -16.36
C ASN B 502 72.39 -8.81 -15.10
N SER B 503 72.49 -8.10 -13.96
CA SER B 503 72.79 -8.75 -12.70
C SER B 503 71.69 -9.75 -12.33
N ILE B 504 70.43 -9.36 -12.54
CA ILE B 504 69.32 -10.29 -12.27
C ILE B 504 69.43 -11.53 -13.14
N ALA B 505 69.81 -11.35 -14.42
CA ALA B 505 69.93 -12.48 -15.32
C ALA B 505 71.09 -13.40 -14.92
N LYS B 506 72.29 -12.85 -14.80
CA LYS B 506 73.49 -13.64 -14.50
C LYS B 506 73.92 -13.48 -13.05
N LEU B 521 90.22 -35.05 -3.24
CA LEU B 521 90.50 -36.01 -2.17
C LEU B 521 90.66 -37.42 -2.72
N ALA B 522 89.79 -37.79 -3.66
CA ALA B 522 89.85 -39.13 -4.24
C ALA B 522 91.15 -39.35 -4.98
N LYS B 523 91.61 -38.35 -5.74
CA LYS B 523 92.88 -38.46 -6.45
C LYS B 523 94.05 -38.61 -5.48
N LYS B 524 94.01 -37.88 -4.36
CA LYS B 524 95.06 -38.01 -3.35
C LYS B 524 95.05 -39.41 -2.73
N LEU B 525 93.87 -39.96 -2.48
CA LEU B 525 93.77 -41.32 -1.95
C LEU B 525 94.33 -42.33 -2.95
N LYS B 526 94.02 -42.15 -4.24
CA LYS B 526 94.57 -43.04 -5.26
C LYS B 526 96.09 -42.95 -5.32
N GLU B 527 96.63 -41.74 -5.21
CA GLU B 527 98.08 -41.56 -5.20
C GLU B 527 98.71 -42.24 -3.99
N ARG B 528 98.07 -42.12 -2.82
CA ARG B 528 98.57 -42.80 -1.62
C ARG B 528 98.54 -44.31 -1.79
N LEU B 529 97.48 -44.84 -2.40
CA LEU B 529 97.40 -46.29 -2.65
C LEU B 529 98.50 -46.73 -3.61
N ILE B 530 98.78 -45.93 -4.64
CA ILE B 530 99.85 -46.27 -5.58
C ILE B 530 101.20 -46.26 -4.88
N ASP B 531 101.42 -45.29 -3.99
CA ASP B 531 102.67 -45.24 -3.23
C ASP B 531 102.81 -46.46 -2.32
N GLU B 532 101.71 -46.87 -1.69
CA GLU B 532 101.73 -48.06 -0.84
C GLU B 532 102.05 -49.31 -1.67
N PHE B 533 101.46 -49.42 -2.86
CA PHE B 533 101.75 -50.55 -3.74
C PHE B 533 103.22 -50.56 -4.15
N LYS B 534 103.77 -49.38 -4.48
CA LYS B 534 105.18 -49.30 -4.83
C LYS B 534 106.06 -49.74 -3.65
N TYR B 535 105.72 -49.31 -2.44
CA TYR B 535 106.48 -49.72 -1.25
C TYR B 535 106.41 -51.23 -1.06
N LEU B 536 105.24 -51.82 -1.26
CA LEU B 536 105.11 -53.27 -1.15
C LEU B 536 105.98 -53.99 -2.18
N LYS B 537 106.03 -53.47 -3.39
CA LYS B 537 106.84 -54.07 -4.45
C LYS B 537 108.32 -54.03 -4.10
N THR B 556 96.68 -30.51 -2.16
CA THR B 556 96.60 -29.07 -1.95
C THR B 556 96.66 -28.30 -3.27
N LYS B 557 97.54 -28.75 -4.17
CA LYS B 557 97.73 -28.08 -5.45
C LYS B 557 96.46 -28.12 -6.30
N ASP B 558 95.73 -29.24 -6.26
CA ASP B 558 94.53 -29.38 -7.07
C ASP B 558 93.42 -28.45 -6.60
N GLY B 559 93.20 -28.37 -5.28
CA GLY B 559 92.22 -27.42 -4.76
C GLY B 559 92.59 -25.98 -5.09
N ILE B 560 93.88 -25.65 -4.99
CA ILE B 560 94.35 -24.32 -5.39
C ILE B 560 94.07 -24.07 -6.85
N ASN B 561 94.20 -25.10 -7.69
CA ASN B 561 93.89 -24.97 -9.10
C ASN B 561 92.42 -24.65 -9.33
N ASP B 562 91.53 -25.36 -8.60
CA ASP B 562 90.10 -25.08 -8.68
C ASP B 562 89.79 -23.64 -8.27
N ILE B 563 90.42 -23.18 -7.18
CA ILE B 563 90.21 -21.81 -6.69
C ILE B 563 90.69 -20.81 -7.73
N LEU B 564 91.83 -21.08 -8.37
CA LEU B 564 92.35 -20.17 -9.39
C LEU B 564 91.43 -20.11 -10.61
N ARG B 565 90.87 -21.26 -11.00
CA ARG B 565 89.91 -21.26 -12.10
C ARG B 565 88.67 -20.43 -11.75
N GLU B 566 88.20 -20.55 -10.51
CA GLU B 566 87.06 -19.74 -10.09
C GLU B 566 87.39 -18.25 -10.13
N ILE B 567 88.60 -17.88 -9.69
CA ILE B 567 89.02 -16.48 -9.72
C ILE B 567 89.08 -15.96 -11.16
N LYS B 568 89.59 -16.79 -12.07
CA LYS B 568 89.65 -16.39 -13.49
C LYS B 568 88.25 -16.20 -14.06
N PHE B 569 87.31 -17.08 -13.70
CA PHE B 569 85.94 -16.92 -14.16
C PHE B 569 85.31 -15.63 -13.63
N GLU B 570 85.58 -15.31 -12.36
CA GLU B 570 85.08 -14.06 -11.79
C GLU B 570 85.65 -12.85 -12.51
N ASN B 571 86.96 -12.89 -12.84
CA ASN B 571 87.57 -11.80 -13.58
C ASN B 571 86.94 -11.64 -14.96
N ILE B 572 86.67 -12.76 -15.64
CA ILE B 572 86.03 -12.71 -16.95
C ILE B 572 84.64 -12.10 -16.85
N LYS B 573 83.89 -12.47 -15.81
CA LYS B 573 82.56 -11.89 -15.60
C LYS B 573 82.64 -10.39 -15.36
N LYS B 574 83.63 -9.95 -14.57
CA LYS B 574 83.81 -8.52 -14.34
C LYS B 574 84.14 -7.79 -15.62
N ILE B 575 84.98 -8.39 -16.47
CA ILE B 575 85.33 -7.77 -17.75
C ILE B 575 84.10 -7.65 -18.64
N GLU B 576 83.26 -8.69 -18.67
CA GLU B 576 82.03 -8.63 -19.45
C GLU B 576 81.12 -7.52 -18.94
N GLU B 577 80.97 -7.42 -17.61
CA GLU B 577 80.15 -6.36 -17.03
C GLU B 577 80.67 -4.99 -17.43
N LEU B 578 81.99 -4.80 -17.38
CA LEU B 578 82.57 -3.54 -17.81
C LEU B 578 82.27 -3.27 -19.28
N LYS B 579 82.27 -4.32 -20.11
CA LYS B 579 82.04 -4.14 -21.54
C LYS B 579 80.57 -3.84 -21.86
N THR B 580 79.64 -4.28 -21.01
CA THR B 580 78.22 -4.29 -21.35
C THR B 580 77.76 -2.98 -21.99
N ASN B 581 77.86 -1.87 -21.26
CA ASN B 581 77.47 -0.57 -21.78
C ASN B 581 78.47 0.49 -21.34
N LEU B 582 78.70 1.46 -22.22
CA LEU B 582 79.66 2.55 -21.96
C LEU B 582 79.00 3.59 -21.08
N SER B 583 79.07 3.38 -19.76
CA SER B 583 78.36 4.23 -18.80
C SER B 583 79.28 5.18 -18.04
N LEU B 584 80.39 4.68 -17.49
CA LEU B 584 81.27 5.51 -16.67
C LEU B 584 82.65 4.87 -16.63
N LYS B 585 83.67 5.63 -17.01
CA LYS B 585 85.02 5.07 -17.09
C LYS B 585 85.74 5.12 -15.74
N TYR B 586 85.63 6.25 -15.03
CA TYR B 586 86.30 6.39 -13.74
C TYR B 586 85.78 5.36 -12.74
N ASP B 587 84.46 5.14 -12.72
CA ASP B 587 83.87 4.13 -11.85
C ASP B 587 84.39 2.75 -12.20
N PHE B 588 84.50 2.44 -13.50
CA PHE B 588 85.04 1.15 -13.92
C PHE B 588 86.49 0.99 -13.45
N LEU B 589 87.28 2.05 -13.56
CA LEU B 589 88.67 1.97 -13.10
C LEU B 589 88.75 1.76 -11.59
N LYS B 590 87.85 2.39 -10.84
CA LYS B 590 87.96 2.39 -9.37
C LYS B 590 87.83 0.98 -8.80
N ASP B 591 86.89 0.18 -9.31
CA ASP B 591 86.54 -1.08 -8.67
C ASP B 591 87.58 -2.18 -8.89
N ASP B 592 88.63 -1.93 -9.69
CA ASP B 592 89.65 -2.96 -9.89
C ASP B 592 90.40 -3.26 -8.59
N PHE B 593 90.72 -2.21 -7.82
CA PHE B 593 91.38 -2.43 -6.53
C PHE B 593 90.49 -3.21 -5.57
N ASP B 594 89.19 -2.90 -5.56
CA ASP B 594 88.26 -3.64 -4.72
C ASP B 594 88.17 -5.10 -5.14
N ASN B 595 88.17 -5.36 -6.44
CA ASN B 595 88.16 -6.74 -6.93
C ASN B 595 89.42 -7.48 -6.51
N GLY B 596 90.57 -6.82 -6.63
CA GLY B 596 91.82 -7.42 -6.17
C GLY B 596 91.81 -7.73 -4.69
N PHE B 597 91.29 -6.80 -3.88
CA PHE B 597 91.16 -7.04 -2.45
C PHE B 597 90.26 -8.22 -2.16
N GLU B 598 89.14 -8.33 -2.89
CA GLU B 598 88.23 -9.46 -2.71
C GLU B 598 88.92 -10.78 -3.04
N GLY B 599 89.68 -10.80 -4.14
CA GLY B 599 90.44 -12.00 -4.49
C GLY B 599 91.45 -12.39 -3.42
N PHE B 600 92.11 -11.40 -2.84
CA PHE B 600 93.09 -11.65 -1.78
C PHE B 600 92.43 -12.26 -0.56
N ALA B 666 80.29 -12.14 -5.26
CA ALA B 666 79.27 -11.38 -4.53
C ALA B 666 79.80 -10.04 -4.06
N PHE B 667 81.03 -10.05 -3.51
CA PHE B 667 81.64 -8.82 -3.03
C PHE B 667 81.85 -7.83 -4.17
N PHE B 668 82.31 -8.32 -5.33
CA PHE B 668 82.50 -7.46 -6.49
C PHE B 668 81.18 -6.85 -6.95
N GLU B 669 80.10 -7.65 -6.92
CA GLU B 669 78.78 -7.15 -7.30
C GLU B 669 78.32 -6.06 -6.33
N PHE B 670 78.57 -6.25 -5.03
CA PHE B 670 78.21 -5.24 -4.04
C PHE B 670 79.00 -3.95 -4.27
N LEU B 671 80.29 -4.08 -4.59
CA LEU B 671 81.09 -2.89 -4.87
C LEU B 671 80.58 -2.17 -6.12
N ASN B 672 80.20 -2.92 -7.14
CA ASN B 672 79.63 -2.31 -8.35
C ASN B 672 78.33 -1.59 -8.05
N ASP B 673 77.48 -2.19 -7.22
CA ASP B 673 76.23 -1.53 -6.83
C ASP B 673 76.50 -0.25 -6.05
N LYS B 674 77.49 -0.28 -5.15
CA LYS B 674 77.85 0.93 -4.41
C LYS B 674 78.37 2.01 -5.34
N LEU B 675 79.16 1.64 -6.35
CA LEU B 675 79.65 2.61 -7.32
C LEU B 675 78.50 3.22 -8.12
N LYS B 676 77.53 2.39 -8.51
CA LYS B 676 76.36 2.90 -9.22
C LYS B 676 75.56 3.85 -8.36
N HIS B 677 75.40 3.54 -7.07
CA HIS B 677 74.69 4.44 -6.16
C HIS B 677 75.43 5.76 -6.02
N TYR B 678 76.75 5.72 -5.93
CA TYR B 678 77.54 6.94 -5.85
C TYR B 678 77.39 7.78 -7.11
N GLU B 679 77.39 7.13 -8.27
CA GLU B 679 77.20 7.85 -9.53
C GLU B 679 75.81 8.49 -9.59
N LYS B 680 74.79 7.78 -9.12
CA LYS B 680 73.44 8.34 -9.09
C LYS B 680 73.37 9.55 -8.16
N ASN B 681 74.02 9.46 -6.99
CA ASN B 681 74.06 10.60 -6.07
C ASN B 681 74.76 11.79 -6.70
N GLN B 682 75.88 11.55 -7.40
CA GLN B 682 76.57 12.64 -8.08
C GLN B 682 75.69 13.29 -9.15
N LYS B 683 74.96 12.46 -9.91
CA LYS B 683 74.05 13.00 -10.91
C LYS B 683 72.95 13.84 -10.26
N SER B 684 72.41 13.40 -9.13
CA SER B 684 71.40 14.18 -8.42
C SER B 684 71.95 15.52 -7.96
N LYS B 685 73.19 15.53 -7.47
CA LYS B 685 73.83 16.75 -7.01
C LYS B 685 74.02 17.74 -8.14
N ASN B 705 65.08 31.69 -2.97
CA ASN B 705 64.46 31.76 -1.65
C ASN B 705 62.94 31.90 -1.73
N SER B 706 62.49 32.82 -2.58
CA SER B 706 61.15 33.39 -2.42
C SER B 706 60.05 32.38 -2.75
N PHE B 707 60.15 31.68 -3.89
CA PHE B 707 59.06 30.81 -4.33
C PHE B 707 58.85 29.65 -3.36
N GLU B 708 59.94 29.00 -2.94
CA GLU B 708 59.82 27.88 -2.00
C GLU B 708 59.22 28.33 -0.68
N GLU B 709 59.64 29.51 -0.20
CA GLU B 709 59.12 30.02 1.07
C GLU B 709 57.64 30.36 0.96
N ASN B 710 57.22 30.92 -0.18
CA ASN B 710 55.80 31.18 -0.41
C ASN B 710 55.01 29.88 -0.44
N LEU B 711 55.55 28.85 -1.10
CA LEU B 711 54.88 27.55 -1.13
C LEU B 711 54.73 26.97 0.27
N GLU B 712 55.78 27.08 1.07
CA GLU B 712 55.73 26.58 2.46
C GLU B 712 54.69 27.34 3.28
N LYS B 713 54.62 28.66 3.09
CA LYS B 713 53.64 29.46 3.82
C LYS B 713 52.22 29.10 3.39
N ILE B 714 52.03 28.84 2.09
CA ILE B 714 50.71 28.40 1.62
C ILE B 714 50.34 27.06 2.24
N GLU B 715 51.31 26.13 2.32
CA GLU B 715 51.04 24.84 2.93
C GLU B 715 50.68 24.98 4.41
N LYS B 716 51.37 25.88 5.12
CA LYS B 716 51.05 26.08 6.54
C LYS B 716 49.69 26.76 6.71
N LEU B 717 49.32 27.64 5.79
CA LEU B 717 47.97 28.22 5.82
C LEU B 717 46.91 27.15 5.59
N LYS B 718 47.16 26.24 4.64
CA LYS B 718 46.26 25.10 4.44
C LYS B 718 46.13 24.27 5.71
N GLN B 719 47.25 24.00 6.37
CA GLN B 719 47.23 23.23 7.61
C GLN B 719 46.41 23.94 8.68
N LEU B 720 46.59 25.26 8.82
CA LEU B 720 45.79 26.02 9.78
C LEU B 720 44.31 25.96 9.45
N GLU B 721 43.96 26.08 8.17
CA GLU B 721 42.56 26.04 7.77
C GLU B 721 41.95 24.67 8.01
N MET B 722 42.76 23.60 7.93
CA MET B 722 42.28 22.27 8.29
C MET B 722 41.69 22.25 9.69
N GLY B 723 42.19 23.09 10.60
CA GLY B 723 41.68 23.19 11.94
C GLY B 723 40.51 24.15 12.09
N LEU B 724 39.73 24.34 11.02
CA LEU B 724 38.52 25.16 11.13
C LEU B 724 37.43 24.43 11.89
N LEU B 725 37.18 23.17 11.52
CA LEU B 725 36.13 22.36 12.12
C LEU B 725 36.63 21.49 13.27
N ASN B 726 37.88 21.68 13.70
CA ASN B 726 38.37 20.94 14.86
C ASN B 726 37.77 21.45 16.16
N ALA B 727 37.25 22.68 16.18
CA ALA B 727 36.57 23.22 17.34
C ALA B 727 35.12 22.75 17.45
N ASP B 728 34.68 21.87 16.55
CA ASP B 728 33.30 21.39 16.53
C ASP B 728 32.95 20.64 17.82
N GLY C 1 18.80 32.83 20.34
CA GLY C 1 17.54 33.22 20.92
C GLY C 1 16.72 32.06 21.45
N SER C 2 16.66 31.94 22.78
CA SER C 2 15.77 30.96 23.38
C SER C 2 14.31 31.41 23.36
N HIS C 3 14.07 32.71 23.47
CA HIS C 3 12.75 33.24 23.20
C HIS C 3 12.30 32.85 21.80
N MET C 4 13.21 32.92 20.84
CA MET C 4 12.91 32.46 19.49
C MET C 4 12.70 30.95 19.45
N GLN C 5 13.35 30.19 20.34
CA GLN C 5 13.05 28.76 20.46
C GLN C 5 11.60 28.54 20.85
N ILE C 6 11.15 29.22 21.90
CA ILE C 6 9.76 29.11 22.33
C ILE C 6 8.81 29.53 21.22
N ASN C 7 9.15 30.61 20.50
CA ASN C 7 8.31 31.07 19.41
C ASN C 7 8.25 30.02 18.30
N LEU C 8 9.37 29.38 17.99
CA LEU C 8 9.40 28.32 17.00
C LEU C 8 8.47 27.17 17.41
N LEU C 9 8.57 26.75 18.67
CA LEU C 9 7.70 25.68 19.18
C LEU C 9 6.23 26.08 19.09
N ASN C 10 5.90 27.29 19.52
CA ASN C 10 4.51 27.75 19.48
C ASN C 10 3.98 27.81 18.05
N ASP C 11 4.82 28.24 17.11
CA ASP C 11 4.40 28.28 15.71
C ASP C 11 4.14 26.88 15.18
N PHE C 12 5.02 25.92 15.51
CA PHE C 12 4.77 24.53 15.10
C PHE C 12 3.43 24.03 15.65
N ILE C 13 3.18 24.32 16.94
CA ILE C 13 1.93 23.91 17.56
C ILE C 13 0.74 24.53 16.84
N LYS C 14 0.83 25.83 16.54
CA LYS C 14 -0.25 26.52 15.86
C LYS C 14 -0.50 25.92 14.47
N ALA C 15 0.56 25.55 13.77
CA ALA C 15 0.41 25.05 12.41
C ALA C 15 -0.23 23.66 12.42
N TYR C 16 0.27 22.76 13.27
CA TYR C 16 -0.38 21.46 13.42
C TYR C 16 -1.85 21.62 13.81
N GLU C 17 -2.11 22.52 14.76
CA GLU C 17 -3.48 22.74 15.22
C GLU C 17 -4.38 23.21 14.08
N ASN C 18 -3.86 24.11 13.24
CA ASN C 18 -4.68 24.63 12.15
C ASN C 18 -4.91 23.58 11.06
N THR C 19 -3.93 22.72 10.81
CA THR C 19 -4.10 21.76 9.72
C THR C 19 -5.00 20.60 10.12
N TYR C 20 -4.75 19.99 11.29
CA TYR C 20 -5.46 18.75 11.62
C TYR C 20 -6.62 18.89 12.60
N SER C 21 -6.66 19.94 13.42
CA SER C 21 -7.63 20.06 14.52
C SER C 21 -8.44 21.35 14.40
N VAL C 22 -9.61 21.28 13.76
CA VAL C 22 -10.48 22.44 13.66
C VAL C 22 -11.92 21.98 13.35
N SER C 23 -12.87 22.59 14.04
CA SER C 23 -14.27 22.46 13.71
C SER C 23 -14.70 23.67 12.88
N PHE C 24 -15.57 23.43 11.91
CA PHE C 24 -15.86 24.36 10.81
C PHE C 24 -16.98 25.33 11.19
N ASP C 25 -17.53 26.02 10.18
CA ASP C 25 -18.75 26.76 10.40
C ASP C 25 -19.92 25.78 10.46
N ASP C 26 -19.81 24.78 11.31
CA ASP C 26 -20.77 23.69 11.43
C ASP C 26 -21.96 24.14 12.25
N SER C 27 -22.68 23.17 12.84
CA SER C 27 -24.02 23.27 13.42
C SER C 27 -25.05 23.16 12.32
N PHE C 28 -24.63 22.90 11.08
CA PHE C 28 -25.53 22.65 9.98
C PHE C 28 -24.82 21.78 8.95
N LYS C 29 -25.61 21.02 8.19
CA LYS C 29 -25.12 20.10 7.17
C LYS C 29 -23.99 20.69 6.31
N GLY C 30 -24.17 21.94 5.85
CA GLY C 30 -23.26 22.60 4.94
C GLY C 30 -21.78 22.36 5.17
N ARG C 31 -21.35 22.40 6.43
CA ARG C 31 -19.96 22.16 6.78
C ARG C 31 -19.76 20.88 7.57
N ILE C 32 -20.84 20.19 7.96
CA ILE C 32 -20.69 18.80 8.35
C ILE C 32 -20.18 17.99 7.16
N GLN C 33 -20.52 18.41 5.94
CA GLN C 33 -19.89 17.81 4.76
C GLN C 33 -18.39 18.07 4.76
N GLU C 34 -17.97 19.26 5.17
CA GLU C 34 -16.54 19.54 5.30
C GLU C 34 -15.90 18.63 6.33
N LEU C 35 -16.58 18.39 7.45
CA LEU C 35 -16.06 17.49 8.47
C LEU C 35 -15.94 16.06 7.93
N CYS C 36 -16.95 15.58 7.21
CA CYS C 36 -16.88 14.24 6.62
C CYS C 36 -15.73 14.13 5.61
N LYS C 37 -15.57 15.15 4.78
CA LYS C 37 -14.50 15.17 3.80
C LYS C 37 -13.13 15.18 4.49
N GLU C 38 -13.00 15.91 5.60
CA GLU C 38 -11.77 15.83 6.39
C GLU C 38 -11.57 14.42 6.95
N LEU C 39 -12.63 13.81 7.47
CA LEU C 39 -12.58 12.42 7.94
C LEU C 39 -11.95 11.52 6.89
N ASN C 40 -12.37 11.68 5.64
CA ASN C 40 -11.81 10.89 4.57
C ASN C 40 -10.33 11.14 4.26
N GLU C 41 -9.66 12.11 4.93
CA GLU C 41 -8.31 12.40 4.44
C GLU C 41 -7.14 12.58 5.42
N PRO C 42 -7.08 11.96 6.63
CA PRO C 42 -5.93 12.26 7.51
C PRO C 42 -4.75 11.32 7.37
N PHE C 43 -5.03 10.02 7.30
CA PHE C 43 -4.02 8.98 7.20
C PHE C 43 -4.37 7.95 6.13
N MET C 44 -5.57 7.99 5.59
CA MET C 44 -6.15 6.91 4.81
C MET C 44 -5.73 6.96 3.36
N HIS C 45 -4.58 7.56 3.11
CA HIS C 45 -3.84 7.52 1.85
C HIS C 45 -4.75 7.73 0.65
N ALA C 46 -5.42 8.87 0.65
CA ALA C 46 -6.38 9.10 -0.42
C ALA C 46 -5.63 9.51 -1.68
N SER C 47 -6.27 9.28 -2.82
CA SER C 47 -5.69 9.66 -4.08
C SER C 47 -5.94 11.14 -4.32
N TYR C 48 -5.01 11.76 -5.05
CA TYR C 48 -5.14 13.18 -5.35
C TYR C 48 -6.47 13.48 -6.03
N ALA C 49 -6.90 12.58 -6.92
CA ALA C 49 -8.18 12.78 -7.60
C ALA C 49 -9.34 12.65 -6.63
N LEU C 50 -9.25 11.74 -5.65
CA LEU C 50 -10.27 11.67 -4.60
C LEU C 50 -10.31 12.98 -3.81
N GLU C 51 -9.14 13.51 -3.48
CA GLU C 51 -9.04 14.80 -2.79
C GLU C 51 -9.76 15.89 -3.56
N ASN C 52 -9.47 15.98 -4.86
CA ASN C 52 -10.08 17.01 -5.70
C ASN C 52 -11.59 16.82 -5.81
N GLU C 53 -12.04 15.57 -5.97
CA GLU C 53 -13.47 15.29 -6.03
C GLU C 53 -14.17 15.74 -4.77
N LEU C 54 -13.59 15.41 -3.61
CA LEU C 54 -14.17 15.85 -2.34
C LEU C 54 -14.19 17.36 -2.23
N LYS C 55 -13.11 18.03 -2.67
CA LYS C 55 -13.07 19.49 -2.68
C LYS C 55 -14.19 20.07 -3.53
N GLU C 56 -14.38 19.53 -4.73
CA GLU C 56 -15.45 20.02 -5.60
C GLU C 56 -16.82 19.79 -5.00
N LEU C 57 -17.04 18.63 -4.37
CA LEU C 57 -18.31 18.41 -3.67
C LEU C 57 -18.52 19.43 -2.57
N VAL C 58 -17.47 19.75 -1.81
CA VAL C 58 -17.55 20.78 -0.78
C VAL C 58 -17.97 22.11 -1.40
N PHE C 59 -17.33 22.48 -2.52
CA PHE C 59 -17.66 23.73 -3.18
C PHE C 59 -19.10 23.76 -3.67
N SER C 60 -19.58 22.63 -4.22
CA SER C 60 -20.89 22.56 -4.86
C SER C 60 -21.99 23.21 -4.02
N LEU C 61 -21.80 23.28 -2.70
CA LEU C 61 -22.80 23.88 -1.84
C LEU C 61 -22.86 25.40 -2.00
N ASP C 62 -21.80 26.04 -2.48
CA ASP C 62 -21.75 27.48 -2.65
C ASP C 62 -22.10 27.97 -4.07
N LYS C 63 -22.55 27.09 -4.97
CA LYS C 63 -22.49 27.45 -6.38
C LYS C 63 -23.86 27.42 -7.05
N ASN C 64 -23.89 28.02 -8.24
CA ASN C 64 -25.02 27.95 -9.14
C ASN C 64 -25.41 26.50 -9.42
N VAL C 65 -26.70 26.21 -9.26
CA VAL C 65 -27.22 24.88 -9.57
C VAL C 65 -27.16 24.66 -11.07
N ASN C 66 -26.49 23.58 -11.48
CA ASN C 66 -26.27 23.26 -12.88
C ASN C 66 -27.42 22.40 -13.40
N ILE C 67 -28.16 22.92 -14.39
CA ILE C 67 -29.32 22.24 -14.95
C ILE C 67 -29.09 22.06 -16.44
N ALA C 68 -29.36 20.85 -16.95
CA ALA C 68 -29.01 20.51 -18.32
C ALA C 68 -30.26 20.20 -19.15
N ILE C 69 -30.24 20.60 -20.41
CA ILE C 69 -31.33 20.35 -21.35
C ILE C 69 -30.96 19.15 -22.21
N ILE C 70 -31.74 18.08 -22.15
CA ILE C 70 -31.46 16.82 -22.84
C ILE C 70 -32.42 16.68 -24.01
N GLY C 71 -31.92 16.90 -25.23
CA GLY C 71 -32.73 16.87 -26.43
C GLY C 71 -32.61 15.57 -27.24
N GLN C 72 -33.55 15.42 -28.18
CA GLN C 72 -33.66 14.27 -29.06
C GLN C 72 -32.97 14.54 -30.39
N PHE C 73 -33.21 13.66 -31.38
CA PHE C 73 -32.60 13.80 -32.70
C PHE C 73 -32.70 15.23 -33.22
N SER C 74 -33.88 15.83 -33.16
CA SER C 74 -34.01 17.29 -33.23
C SER C 74 -35.38 17.60 -32.64
N SER C 75 -35.42 17.83 -31.33
CA SER C 75 -36.67 18.07 -30.62
C SER C 75 -36.91 19.55 -30.31
N GLY C 76 -36.19 20.46 -30.94
CA GLY C 76 -36.40 21.87 -30.68
C GLY C 76 -35.82 22.42 -29.40
N LYS C 77 -34.74 21.82 -28.88
CA LYS C 77 -34.15 22.33 -27.64
C LYS C 77 -33.48 23.68 -27.85
N SER C 78 -32.89 23.91 -29.03
CA SER C 78 -32.19 25.17 -29.26
C SER C 78 -33.15 26.34 -29.25
N SER C 79 -34.34 26.18 -29.84
CA SER C 79 -35.33 27.25 -29.83
C SER C 79 -35.85 27.51 -28.41
N LEU C 80 -35.99 26.44 -27.61
CA LEU C 80 -36.33 26.61 -26.20
C LEU C 80 -35.27 27.43 -25.48
N LEU C 81 -34.00 27.11 -25.71
CA LEU C 81 -32.90 27.89 -25.13
C LEU C 81 -32.96 29.34 -25.60
N ASN C 82 -33.27 29.55 -26.88
CA ASN C 82 -33.42 30.91 -27.40
C ASN C 82 -34.50 31.66 -26.65
N LEU C 83 -35.66 31.03 -26.47
CA LEU C 83 -36.75 31.66 -25.72
C LEU C 83 -36.31 32.00 -24.31
N ILE C 84 -35.61 31.08 -23.64
CA ILE C 84 -35.10 31.37 -22.30
C ILE C 84 -34.20 32.60 -22.32
N LEU C 85 -33.29 32.66 -23.30
CA LEU C 85 -32.40 33.81 -23.44
C LEU C 85 -33.09 35.06 -23.95
N GLY C 86 -34.22 34.91 -24.65
CA GLY C 86 -34.83 36.06 -25.30
C GLY C 86 -34.22 36.22 -26.67
N ARG C 87 -32.90 36.43 -26.71
CA ARG C 87 -32.12 36.31 -27.94
C ARG C 87 -31.86 34.83 -28.24
N ASP C 88 -31.32 34.57 -29.43
CA ASP C 88 -31.36 33.24 -30.03
C ASP C 88 -29.97 32.64 -30.24
N CYS C 89 -29.95 31.32 -30.41
CA CYS C 89 -28.73 30.52 -30.50
C CYS C 89 -28.83 29.44 -31.59
N LEU C 90 -29.16 29.87 -32.83
CA LEU C 90 -28.96 29.08 -34.05
C LEU C 90 -29.76 27.79 -34.20
N PRO C 91 -31.05 27.87 -34.57
CA PRO C 91 -31.79 26.67 -34.96
C PRO C 91 -31.55 26.31 -36.44
N VAL C 95 -26.87 23.12 -39.76
CA VAL C 95 -28.21 22.64 -39.46
C VAL C 95 -28.04 21.12 -39.25
N PRO C 96 -28.52 20.62 -38.10
CA PRO C 96 -27.57 20.18 -37.06
C PRO C 96 -26.31 19.50 -37.58
N VAL C 97 -25.24 20.29 -37.45
CA VAL C 97 -23.85 19.85 -37.39
C VAL C 97 -23.38 20.19 -35.97
N THR C 98 -22.50 19.36 -35.42
CA THR C 98 -22.45 19.19 -33.96
C THR C 98 -21.18 19.63 -33.22
N PHE C 99 -21.00 19.03 -32.05
CA PHE C 99 -21.17 19.59 -30.71
C PHE C 99 -20.02 20.38 -30.08
N LYS C 100 -20.40 21.38 -29.28
CA LYS C 100 -19.65 21.99 -28.17
C LYS C 100 -20.57 21.96 -26.95
N PRO C 101 -20.04 21.67 -25.75
CA PRO C 101 -20.85 21.88 -24.54
C PRO C 101 -21.04 23.36 -24.31
N THR C 102 -22.28 23.78 -24.07
CA THR C 102 -22.63 25.19 -24.06
C THR C 102 -23.27 25.55 -22.72
N PHE C 103 -22.97 26.76 -22.24
CA PHE C 103 -23.33 27.18 -20.89
C PHE C 103 -24.00 28.54 -20.92
N LEU C 104 -25.11 28.66 -20.20
CA LEU C 104 -25.86 29.90 -20.05
C LEU C 104 -25.82 30.31 -18.58
N ARG C 105 -25.05 31.36 -18.30
CA ARG C 105 -24.98 32.02 -17.00
C ARG C 105 -25.50 33.46 -17.11
N TYR C 106 -25.50 34.14 -15.97
CA TYR C 106 -26.13 35.45 -15.84
C TYR C 106 -25.11 36.57 -15.94
N ALA C 107 -25.54 37.67 -16.54
CA ALA C 107 -24.76 38.90 -16.62
C ALA C 107 -25.73 40.07 -16.64
N LYS C 108 -25.23 41.27 -16.90
CA LYS C 108 -26.08 42.42 -17.18
C LYS C 108 -26.14 42.74 -18.67
N GLU C 109 -25.36 42.05 -19.48
CA GLU C 109 -25.36 42.25 -20.92
C GLU C 109 -25.17 40.89 -21.59
N TYR C 110 -25.31 40.88 -22.91
CA TYR C 110 -25.17 39.68 -23.71
C TYR C 110 -23.71 39.46 -24.09
N PHE C 111 -23.18 38.32 -23.66
CA PHE C 111 -21.82 37.91 -23.96
C PHE C 111 -21.82 36.44 -24.36
N LEU C 112 -20.70 36.04 -24.94
CA LEU C 112 -20.35 34.64 -25.12
C LEU C 112 -18.90 34.53 -24.67
N ARG C 113 -18.59 33.49 -23.93
CA ARG C 113 -17.22 33.27 -23.51
C ARG C 113 -16.78 31.92 -24.04
N VAL C 114 -15.78 31.94 -24.91
CA VAL C 114 -15.33 30.75 -25.61
C VAL C 114 -14.04 30.32 -24.94
N GLU C 115 -14.12 29.21 -24.21
CA GLU C 115 -12.97 28.63 -23.55
C GLU C 115 -12.34 27.66 -24.53
N PHE C 116 -11.06 27.82 -24.80
CA PHE C 116 -10.39 26.99 -25.78
C PHE C 116 -9.68 25.79 -25.15
N GLU C 117 -9.31 24.85 -26.03
CA GLU C 117 -8.61 23.64 -25.63
C GLU C 117 -7.27 23.96 -24.98
N ASP C 118 -6.52 24.89 -25.58
CA ASP C 118 -5.21 25.29 -25.09
C ASP C 118 -5.24 26.00 -23.75
N GLY C 119 -6.42 26.29 -23.19
CA GLY C 119 -6.51 26.92 -21.88
C GLY C 119 -6.97 28.36 -21.95
N SER C 120 -6.52 29.08 -22.98
CA SER C 120 -6.98 30.45 -23.19
C SER C 120 -8.48 30.49 -23.45
N ASP C 121 -9.07 31.65 -23.18
CA ASP C 121 -10.45 31.93 -23.53
C ASP C 121 -10.51 33.28 -24.24
N ILE C 122 -11.69 33.58 -24.78
CA ILE C 122 -12.00 34.92 -25.27
C ILE C 122 -13.42 35.27 -24.88
N ILE C 123 -13.63 36.52 -24.50
CA ILE C 123 -14.96 37.05 -24.22
C ILE C 123 -15.36 37.91 -25.40
N THR C 124 -16.56 37.68 -25.94
CA THR C 124 -16.92 38.27 -27.21
C THR C 124 -18.43 38.46 -27.30
N ASN C 125 -18.86 39.00 -28.44
CA ASN C 125 -20.25 39.31 -28.71
C ASN C 125 -20.98 38.04 -29.07
N ILE C 126 -22.26 37.96 -28.69
CA ILE C 126 -22.99 36.70 -28.85
C ILE C 126 -23.30 36.39 -30.30
N GLU C 127 -23.32 37.42 -31.18
CA GLU C 127 -23.50 37.16 -32.61
C GLU C 127 -22.48 36.17 -33.15
N LYS C 128 -21.24 36.18 -32.63
CA LYS C 128 -20.23 35.27 -33.15
C LYS C 128 -20.47 33.81 -32.73
N LEU C 129 -21.51 33.52 -31.95
CA LEU C 129 -21.70 32.18 -31.40
C LEU C 129 -21.60 31.11 -32.47
N ALA C 130 -22.31 31.31 -33.59
CA ALA C 130 -22.34 30.32 -34.65
C ALA C 130 -20.94 30.00 -35.12
N PHE C 131 -20.11 31.04 -35.30
CA PHE C 131 -18.74 30.86 -35.75
C PHE C 131 -17.98 29.90 -34.83
N TYR C 132 -18.12 30.09 -33.52
CA TYR C 132 -17.42 29.22 -32.58
C TYR C 132 -18.07 27.86 -32.41
N THR C 133 -19.35 27.69 -32.76
CA THR C 133 -19.92 26.35 -32.79
C THR C 133 -19.30 25.53 -33.92
N ASP C 134 -19.36 26.05 -35.14
CA ASP C 134 -18.84 25.32 -36.29
C ASP C 134 -17.33 25.19 -36.20
N GLN C 135 -16.84 23.95 -36.11
CA GLN C 135 -15.42 23.66 -36.01
C GLN C 135 -14.69 23.99 -37.31
N ARG C 136 -13.37 24.16 -37.19
CA ARG C 136 -12.43 24.26 -38.30
C ARG C 136 -11.35 23.17 -38.17
N ASN C 137 -10.36 23.21 -39.06
CA ASN C 137 -9.29 22.21 -39.01
C ASN C 137 -8.23 22.55 -37.97
N GLU C 138 -7.69 23.77 -38.01
CA GLU C 138 -6.59 24.14 -37.14
C GLU C 138 -6.81 25.48 -36.45
N VAL C 139 -8.06 25.93 -36.36
CA VAL C 139 -8.38 27.05 -35.50
C VAL C 139 -8.57 26.48 -34.10
N LYS C 140 -8.18 27.24 -33.08
CA LYS C 140 -8.30 26.76 -31.71
C LYS C 140 -9.63 26.03 -31.53
N GLN C 141 -9.58 24.73 -31.30
CA GLN C 141 -10.81 23.97 -31.07
C GLN C 141 -11.40 24.43 -29.75
N ALA C 142 -12.64 24.89 -29.79
CA ALA C 142 -13.29 25.33 -28.57
C ALA C 142 -13.53 24.15 -27.64
N LYS C 143 -13.14 24.30 -26.38
CA LYS C 143 -13.43 23.29 -25.37
C LYS C 143 -14.85 23.44 -24.83
N SER C 144 -15.31 24.67 -24.67
CA SER C 144 -16.65 24.94 -24.15
C SER C 144 -17.09 26.33 -24.56
N LEU C 145 -18.40 26.54 -24.50
CA LEU C 145 -19.04 27.80 -24.90
C LEU C 145 -19.85 28.32 -23.72
N HIS C 146 -19.71 29.61 -23.41
CA HIS C 146 -20.33 30.21 -22.22
C HIS C 146 -21.13 31.46 -22.59
N ILE C 147 -22.43 31.26 -22.83
CA ILE C 147 -23.35 32.38 -23.05
C ILE C 147 -23.62 33.08 -21.72
N PHE C 148 -23.38 34.39 -21.68
CA PHE C 148 -23.78 35.22 -20.55
C PHE C 148 -24.91 36.16 -20.99
N ALA C 149 -26.04 36.10 -20.29
CA ALA C 149 -27.24 36.82 -20.68
C ALA C 149 -27.92 37.40 -19.45
N PRO C 150 -28.57 38.57 -19.58
CA PRO C 150 -29.24 39.21 -18.42
C PRO C 150 -30.67 38.73 -18.21
N ILE C 151 -30.82 37.45 -17.95
CA ILE C 151 -32.12 36.81 -17.73
C ILE C 151 -32.18 36.33 -16.29
N PRO C 152 -33.20 36.71 -15.52
CA PRO C 152 -33.51 35.99 -14.28
C PRO C 152 -33.69 34.51 -14.57
N LEU C 153 -33.50 33.67 -13.55
CA LEU C 153 -33.41 32.21 -13.63
C LEU C 153 -32.02 31.76 -14.05
N LEU C 154 -31.21 32.68 -14.60
CA LEU C 154 -29.78 32.44 -14.72
C LEU C 154 -29.05 32.87 -13.48
N GLU C 155 -29.66 33.71 -12.67
CA GLU C 155 -29.27 33.89 -11.29
C GLU C 155 -29.47 32.56 -10.56
N LYS C 156 -28.37 31.88 -10.31
CA LYS C 156 -28.22 30.66 -9.50
C LYS C 156 -28.83 29.39 -10.09
N ILE C 157 -29.39 29.41 -11.30
CA ILE C 157 -29.76 28.15 -11.94
C ILE C 157 -29.32 28.15 -13.41
N THR C 158 -28.03 27.93 -13.66
CA THR C 158 -27.46 28.09 -14.99
C THR C 158 -27.70 26.84 -15.85
N LEU C 159 -27.69 27.02 -17.17
CA LEU C 159 -28.08 25.95 -18.09
C LEU C 159 -26.88 25.40 -18.85
N VAL C 160 -26.96 24.10 -19.15
CA VAL C 160 -25.94 23.34 -19.85
C VAL C 160 -26.61 22.57 -20.99
N ASP C 161 -26.10 22.75 -22.20
CA ASP C 161 -26.63 22.09 -23.39
C ASP C 161 -25.95 20.74 -23.57
N THR C 162 -26.75 19.72 -23.87
CA THR C 162 -26.29 18.34 -23.99
C THR C 162 -26.43 17.85 -25.44
N PRO C 163 -25.73 16.78 -25.80
CA PRO C 163 -25.80 16.29 -27.19
C PRO C 163 -27.13 15.63 -27.50
N GLY C 164 -27.33 15.37 -28.79
CA GLY C 164 -28.48 14.60 -29.24
C GLY C 164 -28.30 13.11 -28.99
N LEU C 165 -29.37 12.48 -28.51
CA LEU C 165 -29.39 11.05 -28.20
C LEU C 165 -29.62 10.24 -29.47
N ASN C 166 -28.52 9.99 -30.19
CA ASN C 166 -28.58 9.32 -31.49
C ASN C 166 -28.62 7.79 -31.35
N ALA C 167 -29.68 7.32 -30.70
CA ALA C 167 -29.97 5.88 -30.55
C ALA C 167 -28.73 5.09 -30.17
N ASN C 168 -28.19 5.41 -29.00
CA ASN C 168 -26.94 4.81 -28.53
C ASN C 168 -27.15 4.33 -27.09
N GLU C 169 -26.98 3.03 -26.88
CA GLU C 169 -27.16 2.46 -25.55
C GLU C 169 -26.04 2.88 -24.61
N ASN C 170 -24.81 2.99 -25.13
CA ASN C 170 -23.66 3.37 -24.33
C ASN C 170 -23.37 4.87 -24.37
N ASP C 171 -24.25 5.67 -24.98
CA ASP C 171 -24.06 7.11 -25.00
C ASP C 171 -24.07 7.69 -23.58
N THR C 172 -24.98 7.20 -22.75
CA THR C 172 -25.25 7.82 -21.45
C THR C 172 -24.03 7.76 -20.54
N LEU C 173 -23.43 6.57 -20.37
CA LEU C 173 -22.27 6.44 -19.49
C LEU C 173 -21.10 7.29 -19.98
N THR C 174 -20.87 7.31 -21.30
CA THR C 174 -19.81 8.15 -21.84
C THR C 174 -20.08 9.63 -21.53
N THR C 175 -21.32 10.08 -21.71
CA THR C 175 -21.68 11.45 -21.37
C THR C 175 -21.43 11.74 -19.90
N LEU C 176 -21.83 10.81 -19.03
CA LEU C 176 -21.61 10.97 -17.60
C LEU C 176 -20.12 11.12 -17.29
N ASP C 177 -19.29 10.26 -17.89
CA ASP C 177 -17.84 10.37 -17.70
C ASP C 177 -17.32 11.71 -18.18
N GLU C 178 -17.81 12.20 -19.33
CA GLU C 178 -17.38 13.50 -19.85
C GLU C 178 -17.68 14.62 -18.88
N LEU C 179 -18.93 14.75 -18.46
CA LEU C 179 -19.43 15.96 -17.84
C LEU C 179 -20.13 15.61 -16.54
N LYS C 180 -19.91 16.43 -15.53
CA LYS C 180 -20.37 16.15 -14.18
C LYS C 180 -21.01 17.37 -13.54
N ASN C 181 -20.92 17.45 -12.22
CA ASN C 181 -22.07 17.55 -11.32
C ASN C 181 -23.27 18.27 -11.92
N ILE C 182 -24.33 17.49 -12.07
CA ILE C 182 -25.62 17.92 -12.60
C ILE C 182 -26.64 17.75 -11.48
N HIS C 183 -27.36 18.82 -11.17
CA HIS C 183 -28.40 18.69 -10.15
C HIS C 183 -29.73 18.28 -10.76
N GLY C 184 -30.05 18.74 -11.97
CA GLY C 184 -31.27 18.32 -12.62
C GLY C 184 -31.24 18.60 -14.12
N ALA C 185 -32.35 18.25 -14.77
CA ALA C 185 -32.40 18.38 -16.21
C ALA C 185 -33.85 18.43 -16.71
N ILE C 186 -33.96 18.81 -17.97
CA ILE C 186 -35.22 18.95 -18.68
C ILE C 186 -35.13 18.05 -19.90
N TRP C 187 -35.86 16.94 -19.87
CA TRP C 187 -35.89 15.96 -20.95
C TRP C 187 -36.91 16.39 -22.01
N LEU C 188 -36.42 16.76 -23.19
CA LEU C 188 -37.27 17.23 -24.27
C LEU C 188 -37.52 16.11 -25.27
N SER C 189 -38.78 15.93 -25.66
CA SER C 189 -39.19 14.84 -26.53
C SER C 189 -40.29 15.31 -27.44
N LEU C 190 -40.36 14.72 -28.63
CA LEU C 190 -41.45 14.96 -29.56
C LEU C 190 -42.64 14.06 -29.23
N ILE C 191 -43.71 14.23 -29.99
CA ILE C 191 -44.99 13.53 -29.75
C ILE C 191 -44.80 12.03 -29.54
N ASP C 192 -43.84 11.41 -30.23
CA ASP C 192 -43.57 9.99 -30.03
C ASP C 192 -43.11 9.71 -28.60
N ASN C 193 -43.85 8.84 -27.89
CA ASN C 193 -43.45 8.36 -26.56
C ASN C 193 -43.55 6.83 -26.53
N ALA C 194 -42.86 6.19 -27.48
CA ALA C 194 -42.87 4.73 -27.59
C ALA C 194 -42.07 4.10 -26.46
N GLY C 195 -42.17 2.77 -26.36
CA GLY C 195 -41.43 2.03 -25.34
C GLY C 195 -39.92 2.23 -25.41
N LYS C 196 -39.39 2.43 -26.62
CA LYS C 196 -37.96 2.66 -26.77
C LYS C 196 -37.53 3.90 -26.00
N LYS C 197 -38.30 4.98 -26.11
CA LYS C 197 -37.97 6.22 -25.40
C LYS C 197 -38.07 6.02 -23.89
N SER C 198 -39.08 5.28 -23.44
CA SER C 198 -39.22 5.01 -22.00
C SER C 198 -38.02 4.24 -21.46
N GLU C 199 -37.69 3.11 -22.10
CA GLU C 199 -36.58 2.29 -21.63
C GLU C 199 -35.26 3.06 -21.66
N GLU C 200 -34.98 3.76 -22.77
CA GLU C 200 -33.72 4.48 -22.89
C GLU C 200 -33.67 5.64 -21.90
N ASP C 201 -34.79 6.32 -21.68
CA ASP C 201 -34.87 7.34 -20.64
C ASP C 201 -34.55 6.76 -19.28
N ALA C 202 -35.09 5.57 -18.99
CA ALA C 202 -34.81 4.93 -17.70
C ALA C 202 -33.33 4.65 -17.54
N ILE C 203 -32.70 4.08 -18.57
CA ILE C 203 -31.26 3.79 -18.46
C ILE C 203 -30.46 5.08 -18.37
N LYS C 204 -30.91 6.14 -19.06
CA LYS C 204 -30.25 7.44 -18.98
C LYS C 204 -30.32 8.00 -17.57
N ALA C 205 -31.53 8.32 -17.11
CA ALA C 205 -31.70 9.02 -15.84
C ALA C 205 -31.17 8.17 -14.70
N ASN C 206 -31.81 7.01 -14.47
CA ASN C 206 -31.29 5.96 -13.58
C ASN C 206 -30.80 6.53 -12.26
N LEU C 207 -31.41 7.64 -11.82
CA LEU C 207 -31.10 8.34 -10.58
C LEU C 207 -29.77 9.08 -10.73
N GLU C 208 -28.98 8.66 -11.72
CA GLU C 208 -27.68 9.29 -11.99
C GLU C 208 -27.84 10.73 -12.42
N LEU C 209 -28.66 10.98 -13.45
CA LEU C 209 -28.58 12.26 -14.15
C LEU C 209 -29.81 13.15 -14.00
N LEU C 210 -30.99 12.60 -13.78
CA LEU C 210 -32.20 13.43 -13.73
C LEU C 210 -32.86 13.40 -12.36
N GLY C 211 -33.25 12.22 -11.86
CA GLY C 211 -34.32 12.13 -10.91
C GLY C 211 -34.05 12.05 -9.41
N GLU C 212 -34.41 13.11 -8.72
CA GLU C 212 -35.58 13.08 -7.86
C GLU C 212 -36.62 14.03 -8.42
N ASN C 213 -36.29 15.32 -8.54
CA ASN C 213 -37.07 16.29 -9.30
C ASN C 213 -36.35 16.66 -10.58
N SER C 214 -36.97 16.37 -11.72
CA SER C 214 -36.50 16.76 -13.05
C SER C 214 -37.71 16.63 -13.97
N ILE C 215 -37.68 17.29 -15.13
CA ILE C 215 -38.92 17.39 -15.91
C ILE C 215 -38.87 16.63 -17.22
N CYS C 216 -40.03 16.06 -17.59
CA CYS C 216 -40.34 15.55 -18.92
C CYS C 216 -41.24 16.51 -19.69
N VAL C 217 -40.85 16.82 -20.94
CA VAL C 217 -41.51 17.82 -21.78
C VAL C 217 -41.75 17.28 -23.18
N LEU C 218 -43.02 17.06 -23.53
CA LEU C 218 -43.46 16.91 -24.91
C LEU C 218 -43.51 18.29 -25.59
N ASN C 219 -42.96 18.36 -26.80
CA ASN C 219 -42.94 19.60 -27.55
C ASN C 219 -44.13 19.68 -28.52
N GLN C 220 -44.20 20.81 -29.24
CA GLN C 220 -44.88 20.94 -30.54
C GLN C 220 -46.35 20.50 -30.52
N LYS C 221 -47.12 21.07 -29.59
CA LYS C 221 -48.57 20.85 -29.61
C LYS C 221 -49.19 21.37 -30.91
N ASP C 222 -48.63 22.44 -31.49
CA ASP C 222 -49.33 23.25 -32.48
C ASP C 222 -49.66 22.52 -33.78
N LYS C 223 -48.95 21.46 -34.15
CA LYS C 223 -49.23 20.84 -35.44
C LYS C 223 -50.47 19.95 -35.44
N LEU C 224 -50.93 19.52 -34.27
CA LEU C 224 -52.20 18.80 -34.21
C LEU C 224 -53.36 19.79 -34.10
N GLU C 228 -56.99 18.49 -27.01
CA GLU C 228 -57.51 17.42 -27.85
C GLU C 228 -57.77 16.16 -27.03
N LEU C 229 -58.57 15.26 -27.58
CA LEU C 229 -58.69 13.92 -27.00
C LEU C 229 -57.38 13.16 -27.12
N ASP C 230 -56.73 13.28 -28.28
CA ASP C 230 -55.43 12.62 -28.50
C ASP C 230 -54.41 13.07 -27.47
N ASN C 231 -54.30 14.38 -27.29
CA ASN C 231 -53.34 14.94 -26.33
C ASN C 231 -53.66 14.46 -24.91
N VAL C 232 -54.96 14.39 -24.58
CA VAL C 232 -55.38 13.89 -23.28
C VAL C 232 -54.92 12.45 -23.07
N LEU C 233 -55.14 11.60 -24.09
CA LEU C 233 -54.69 10.21 -24.00
C LEU C 233 -53.19 10.15 -23.81
N ASN C 234 -52.44 10.97 -24.55
CA ASN C 234 -50.99 10.99 -24.44
C ASN C 234 -50.51 11.41 -23.05
N TYR C 235 -51.12 12.44 -22.46
CA TYR C 235 -50.71 12.81 -21.10
C TYR C 235 -51.00 11.70 -20.10
N ALA C 236 -52.14 11.01 -20.22
CA ALA C 236 -52.39 9.88 -19.32
C ALA C 236 -51.30 8.81 -19.47
N LYS C 237 -50.97 8.48 -20.73
CA LYS C 237 -49.91 7.52 -21.00
C LYS C 237 -48.62 7.94 -20.32
N SER C 238 -48.27 9.22 -20.46
CA SER C 238 -47.07 9.75 -19.83
C SER C 238 -47.13 9.63 -18.31
N VAL C 239 -48.29 9.93 -17.72
CA VAL C 239 -48.44 9.86 -16.26
C VAL C 239 -48.03 8.49 -15.76
N PHE C 240 -48.72 7.44 -16.19
CA PHE C 240 -48.32 6.14 -15.64
C PHE C 240 -46.99 5.62 -16.20
N LEU C 241 -46.68 5.90 -17.47
CA LEU C 241 -45.38 5.53 -18.00
C LEU C 241 -44.26 6.29 -17.29
N LYS C 242 -44.31 7.61 -17.33
CA LYS C 242 -43.16 8.41 -16.93
C LYS C 242 -43.32 8.95 -15.51
N TYR C 243 -43.38 8.06 -14.51
CA TYR C 243 -43.17 8.50 -13.13
C TYR C 243 -41.70 8.47 -12.73
N PHE C 244 -40.80 8.04 -13.62
CA PHE C 244 -39.38 8.24 -13.40
C PHE C 244 -39.13 9.69 -13.03
N ASN C 245 -39.47 10.60 -13.93
CA ASN C 245 -39.35 12.01 -13.65
C ASN C 245 -40.37 12.34 -12.57
N GLU C 246 -40.09 13.36 -11.75
CA GLU C 246 -41.01 13.51 -10.63
C GLU C 246 -42.29 14.27 -10.93
N LEU C 247 -42.21 15.60 -10.96
CA LEU C 247 -43.44 16.37 -11.06
C LEU C 247 -43.90 16.41 -12.51
N ILE C 248 -45.17 16.79 -12.68
CA ILE C 248 -46.06 16.48 -13.79
C ILE C 248 -45.37 16.57 -15.15
N ALA C 249 -45.71 15.64 -16.04
CA ALA C 249 -45.25 15.75 -17.40
C ALA C 249 -45.96 16.93 -18.04
N ILE C 250 -45.30 17.56 -19.02
CA ILE C 250 -45.84 18.80 -19.59
C ILE C 250 -45.51 18.88 -21.07
N SER C 251 -46.28 19.69 -21.81
CA SER C 251 -46.06 19.87 -23.24
C SER C 251 -46.27 21.34 -23.60
N CYS C 252 -45.54 21.81 -24.65
CA CYS C 252 -46.01 22.82 -25.61
C CYS C 252 -44.82 23.38 -26.39
N LYS C 253 -45.03 24.24 -27.41
CA LYS C 253 -44.18 25.44 -27.56
C LYS C 253 -44.55 26.38 -28.72
N GLU C 254 -44.99 27.62 -28.44
CA GLU C 254 -44.98 28.72 -29.41
C GLU C 254 -44.98 30.08 -28.71
N ALA C 255 -44.12 30.99 -29.20
CA ALA C 255 -44.08 32.39 -28.74
C ALA C 255 -43.33 33.22 -29.79
N LYS C 256 -43.11 34.50 -29.48
CA LYS C 256 -42.12 35.31 -30.21
C LYS C 256 -42.43 35.38 -31.70
N ASP C 257 -43.32 36.29 -32.10
CA ASP C 257 -44.09 36.41 -33.35
C ASP C 257 -45.42 35.69 -33.20
N GLU C 258 -45.72 35.12 -32.04
CA GLU C 258 -47.09 34.86 -31.63
C GLU C 258 -47.58 36.09 -30.88
N GLN C 259 -48.72 36.66 -31.31
CA GLN C 259 -49.29 37.76 -30.55
C GLN C 259 -49.73 37.33 -29.16
N SER C 260 -50.41 36.17 -29.07
CA SER C 260 -50.80 35.57 -27.80
C SER C 260 -49.65 35.50 -26.80
N TYR C 261 -48.47 35.12 -27.28
CA TYR C 261 -47.32 34.67 -26.49
C TYR C 261 -47.59 33.42 -25.66
N GLU C 262 -48.76 32.78 -25.79
CA GLU C 262 -49.07 31.70 -24.83
C GLU C 262 -50.13 30.77 -25.38
N LYS C 263 -50.82 30.06 -24.46
CA LYS C 263 -51.09 28.63 -24.43
C LYS C 263 -49.89 27.97 -25.08
N SER C 264 -48.72 28.29 -24.55
CA SER C 264 -47.50 27.54 -24.79
C SER C 264 -47.02 26.92 -23.50
N ASN C 265 -47.81 27.07 -22.42
CA ASN C 265 -47.54 26.49 -21.11
C ASN C 265 -46.13 26.85 -20.67
N PHE C 266 -45.52 27.82 -21.36
CA PHE C 266 -44.10 28.11 -21.20
C PHE C 266 -43.84 28.67 -19.82
N GLN C 267 -44.76 29.53 -19.34
CA GLN C 267 -44.69 30.00 -17.98
C GLN C 267 -44.86 28.89 -16.96
N SER C 268 -45.44 27.74 -17.33
CA SER C 268 -45.46 26.61 -16.39
C SER C 268 -44.06 26.03 -16.22
N LEU C 269 -43.36 25.78 -17.32
CA LEU C 269 -41.97 25.33 -17.25
C LEU C 269 -41.09 26.34 -16.52
N LEU C 270 -41.21 27.62 -16.91
CA LEU C 270 -40.50 28.71 -16.27
C LEU C 270 -40.78 28.73 -14.76
N ASP C 271 -42.06 28.64 -14.39
CA ASP C 271 -42.45 28.66 -12.98
C ASP C 271 -41.82 27.51 -12.23
N PHE C 272 -41.81 26.31 -12.82
CA PHE C 272 -41.16 25.17 -12.17
C PHE C 272 -39.69 25.47 -11.93
N LEU C 273 -38.99 25.90 -12.99
CA LEU C 273 -37.57 26.20 -12.89
C LEU C 273 -37.30 27.22 -11.78
N THR C 274 -38.19 28.19 -11.63
CA THR C 274 -38.08 29.15 -10.54
C THR C 274 -38.27 28.47 -9.18
N GLN C 275 -39.31 27.64 -9.06
CA GLN C 275 -39.76 27.13 -7.77
C GLN C 275 -38.89 26.01 -7.20
N LEU C 276 -37.89 25.53 -7.94
CA LEU C 276 -36.99 24.52 -7.39
C LEU C 276 -36.33 24.98 -6.10
N ASP C 277 -36.30 24.09 -5.11
CA ASP C 277 -35.55 24.32 -3.87
C ASP C 277 -34.11 23.90 -4.13
N THR C 278 -33.31 24.85 -4.62
CA THR C 278 -31.96 24.56 -5.09
C THR C 278 -31.12 23.90 -4.01
N THR C 279 -31.19 24.42 -2.78
CA THR C 279 -30.33 23.94 -1.70
C THR C 279 -30.55 22.45 -1.44
N VAL C 280 -31.80 22.02 -1.39
CA VAL C 280 -32.13 20.61 -1.19
C VAL C 280 -31.49 19.75 -2.28
N LEU C 281 -31.62 20.20 -3.53
CA LEU C 281 -31.02 19.47 -4.66
C LEU C 281 -29.52 19.31 -4.46
N LYS C 282 -28.84 20.40 -4.15
CA LYS C 282 -27.39 20.37 -3.94
C LYS C 282 -27.03 19.40 -2.83
N GLU C 283 -27.74 19.49 -1.70
CA GLU C 283 -27.43 18.68 -0.53
C GLU C 283 -27.61 17.20 -0.82
N LYS C 284 -28.74 16.84 -1.44
CA LYS C 284 -28.97 15.44 -1.78
C LYS C 284 -27.92 14.92 -2.75
N PHE C 285 -27.56 15.73 -3.74
CA PHE C 285 -26.51 15.34 -4.68
C PHE C 285 -25.21 15.04 -3.96
N VAL C 286 -24.81 15.94 -3.05
CA VAL C 286 -23.56 15.76 -2.32
C VAL C 286 -23.61 14.49 -1.48
N LYS C 287 -24.74 14.26 -0.80
CA LYS C 287 -24.91 13.06 0.00
C LYS C 287 -24.74 11.81 -0.85
N ARG C 288 -25.38 11.80 -2.03
CA ARG C 288 -25.27 10.66 -2.94
C ARG C 288 -23.82 10.41 -3.33
N LYS C 289 -23.11 11.47 -3.71
CA LYS C 289 -21.72 11.32 -4.15
C LYS C 289 -20.84 10.78 -3.03
N ILE C 290 -21.02 11.31 -1.81
CA ILE C 290 -20.22 10.86 -0.67
C ILE C 290 -20.50 9.38 -0.38
N LEU C 291 -21.77 8.97 -0.47
CA LEU C 291 -22.09 7.57 -0.30
C LEU C 291 -21.41 6.70 -1.36
N ASN C 292 -21.38 7.17 -2.61
CA ASN C 292 -20.69 6.45 -3.67
C ASN C 292 -19.22 6.25 -3.33
N LEU C 293 -18.55 7.34 -2.92
CA LEU C 293 -17.13 7.24 -2.57
C LEU C 293 -16.90 6.28 -1.41
N CYS C 294 -17.75 6.35 -0.37
CA CYS C 294 -17.65 5.42 0.75
C CYS C 294 -17.77 3.97 0.27
N GLU C 295 -18.72 3.71 -0.61
CA GLU C 295 -18.91 2.39 -1.19
C GLU C 295 -17.64 1.91 -1.87
N ILE C 296 -17.03 2.77 -2.69
CA ILE C 296 -15.80 2.41 -3.40
C ILE C 296 -14.70 2.05 -2.41
N LEU C 297 -14.49 2.90 -1.41
CA LEU C 297 -13.44 2.68 -0.42
C LEU C 297 -13.66 1.35 0.30
N GLU C 298 -14.90 1.06 0.68
CA GLU C 298 -15.20 -0.23 1.32
C GLU C 298 -14.86 -1.40 0.40
N ASP C 299 -15.19 -1.28 -0.90
CA ASP C 299 -14.82 -2.30 -1.87
C ASP C 299 -13.32 -2.60 -1.80
N GLU C 300 -12.51 -1.55 -1.90
CA GLU C 300 -11.05 -1.70 -1.86
C GLU C 300 -10.59 -2.38 -0.58
N ASN C 301 -11.10 -1.90 0.56
CA ASN C 301 -10.70 -2.44 1.85
C ASN C 301 -11.01 -3.93 1.93
N GLN C 302 -12.21 -4.33 1.52
CA GLN C 302 -12.59 -5.74 1.58
C GLN C 302 -11.72 -6.58 0.65
N LEU C 303 -11.34 -6.06 -0.51
CA LEU C 303 -10.38 -6.77 -1.37
C LEU C 303 -9.11 -7.10 -0.60
N PHE C 304 -8.54 -6.08 0.06
CA PHE C 304 -7.31 -6.30 0.82
C PHE C 304 -7.50 -7.36 1.90
N VAL C 305 -8.60 -7.24 2.65
CA VAL C 305 -8.94 -8.19 3.70
C VAL C 305 -9.01 -9.60 3.13
N GLY C 306 -9.66 -9.74 1.98
CA GLY C 306 -9.78 -11.04 1.34
C GLY C 306 -8.42 -11.65 0.99
N ILE C 307 -7.50 -10.82 0.50
CA ILE C 307 -6.15 -11.32 0.21
C ILE C 307 -5.52 -11.93 1.47
N PHE C 308 -5.54 -11.17 2.57
CA PHE C 308 -4.96 -11.68 3.81
C PHE C 308 -5.67 -12.94 4.29
N ASP C 309 -7.00 -12.97 4.18
CA ASP C 309 -7.76 -14.18 4.52
C ASP C 309 -7.33 -15.38 3.68
N ARG C 310 -7.09 -15.18 2.40
CA ARG C 310 -6.57 -16.25 1.55
C ARG C 310 -5.27 -16.81 2.10
N LEU C 311 -4.33 -15.92 2.44
CA LEU C 311 -3.05 -16.38 2.98
C LEU C 311 -3.25 -17.21 4.25
N LEU C 312 -4.09 -16.70 5.17
CA LEU C 312 -4.36 -17.44 6.41
C LEU C 312 -4.98 -18.81 6.13
N ASN C 313 -5.94 -18.87 5.20
CA ASN C 313 -6.55 -20.14 4.84
C ASN C 313 -5.53 -21.12 4.30
N GLN C 314 -4.59 -20.64 3.47
CA GLN C 314 -3.53 -21.49 2.96
C GLN C 314 -2.70 -22.07 4.11
N PHE C 315 -2.33 -21.23 5.07
CA PHE C 315 -1.58 -21.71 6.24
C PHE C 315 -2.35 -22.80 6.99
N GLN C 316 -3.63 -22.56 7.26
CA GLN C 316 -4.45 -23.56 7.95
C GLN C 316 -4.53 -24.87 7.16
N SER C 317 -4.66 -24.77 5.84
CA SER C 317 -4.67 -25.96 4.99
C SER C 317 -3.37 -26.74 5.13
N TYR C 318 -2.24 -26.04 5.12
CA TYR C 318 -0.95 -26.70 5.31
C TYR C 318 -0.89 -27.42 6.66
N GLU C 319 -1.34 -26.76 7.72
CA GLU C 319 -1.37 -27.39 9.04
C GLU C 319 -2.21 -28.66 9.01
N LYS C 320 -3.40 -28.58 8.42
CA LYS C 320 -4.28 -29.75 8.34
C LYS C 320 -3.61 -30.89 7.59
N HIS C 321 -2.94 -30.58 6.47
CA HIS C 321 -2.25 -31.61 5.70
C HIS C 321 -1.15 -32.27 6.53
N LEU C 322 -0.37 -31.47 7.27
CA LEU C 322 0.67 -32.03 8.12
C LEU C 322 0.08 -32.96 9.17
N LEU C 323 -1.00 -32.53 9.82
CA LEU C 323 -1.65 -33.36 10.82
C LEU C 323 -2.16 -34.66 10.22
N LEU C 324 -2.68 -34.62 8.98
CA LEU C 324 -3.07 -35.85 8.30
C LEU C 324 -1.87 -36.76 8.10
N ALA C 325 -0.79 -36.23 7.49
CA ALA C 325 0.29 -37.09 7.05
C ALA C 325 1.07 -37.68 8.22
N TYR C 326 1.06 -37.02 9.38
CA TYR C 326 1.86 -37.52 10.48
C TYR C 326 1.32 -38.83 11.03
N GLU C 327 0.04 -39.13 10.78
CA GLU C 327 -0.53 -40.41 11.20
C GLU C 327 0.27 -41.57 10.60
N ASN C 328 0.43 -41.56 9.27
CA ASN C 328 1.24 -42.57 8.61
C ASN C 328 2.72 -42.42 8.96
N PHE C 329 3.20 -41.17 8.99
CA PHE C 329 4.62 -40.89 9.11
C PHE C 329 5.22 -41.42 10.42
N LEU C 330 4.56 -41.15 11.55
CA LEU C 330 5.08 -41.58 12.85
C LEU C 330 5.12 -43.09 12.96
N LYS C 331 4.07 -43.78 12.50
CA LYS C 331 4.06 -45.23 12.54
C LYS C 331 5.15 -45.82 11.63
N GLU C 332 5.38 -45.22 10.47
CA GLU C 332 6.50 -45.66 9.64
C GLU C 332 7.82 -45.53 10.39
N ILE C 333 8.03 -44.40 11.07
CA ILE C 333 9.25 -44.19 11.84
C ILE C 333 9.39 -45.24 12.94
N GLU C 334 8.31 -45.54 13.64
CA GLU C 334 8.32 -46.59 14.66
C GLU C 334 8.74 -47.93 14.06
N ILE C 335 8.15 -48.26 12.91
CA ILE C 335 8.49 -49.49 12.20
C ILE C 335 10.00 -49.52 11.93
N LEU C 336 10.54 -48.41 11.44
CA LEU C 336 11.97 -48.33 11.16
C LEU C 336 12.82 -48.54 12.41
N ASN C 337 12.42 -47.92 13.52
CA ASN C 337 13.09 -48.17 14.80
C ASN C 337 13.20 -49.66 15.07
N HIS C 338 12.05 -50.35 15.01
CA HIS C 338 12.01 -51.78 15.28
C HIS C 338 12.90 -52.54 14.30
N GLN C 339 12.85 -52.17 13.02
CA GLN C 339 13.66 -52.81 12.00
C GLN C 339 15.15 -52.69 12.32
N ILE C 340 15.60 -51.49 12.66
CA ILE C 340 17.00 -51.27 13.01
C ILE C 340 17.42 -52.19 14.15
N LEU C 341 16.60 -52.22 15.22
CA LEU C 341 16.95 -53.05 16.36
C LEU C 341 17.03 -54.53 15.97
N GLU C 342 16.08 -55.01 15.17
CA GLU C 342 16.11 -56.43 14.79
C GLU C 342 17.28 -56.73 13.85
N GLN C 343 17.66 -55.80 12.98
CA GLN C 343 18.86 -55.98 12.18
C GLN C 343 20.09 -56.13 13.07
N LEU C 344 20.20 -55.26 14.07
CA LEU C 344 21.29 -55.36 15.04
C LEU C 344 21.32 -56.73 15.70
N LYS C 345 20.15 -57.18 16.17
CA LYS C 345 20.07 -58.46 16.87
C LYS C 345 20.42 -59.63 15.95
N SER C 346 20.00 -59.56 14.68
CA SER C 346 20.38 -60.58 13.72
C SER C 346 21.89 -60.63 13.52
N ILE C 347 22.52 -59.45 13.41
CA ILE C 347 23.98 -59.39 13.30
C ILE C 347 24.63 -60.06 14.51
N SER C 348 24.14 -59.72 15.70
CA SER C 348 24.70 -60.27 16.93
C SER C 348 24.49 -61.78 17.02
N GLU C 349 23.34 -62.26 16.53
CA GLU C 349 23.10 -63.70 16.50
C GLU C 349 24.06 -64.42 15.56
N ARG C 350 24.30 -63.84 14.38
CA ARG C 350 25.26 -64.44 13.45
C ARG C 350 26.66 -64.50 14.07
N ILE C 351 27.09 -63.40 14.70
CA ILE C 351 28.43 -63.37 15.27
C ILE C 351 28.54 -64.32 16.45
N SER C 352 27.46 -64.46 17.23
CA SER C 352 27.49 -65.40 18.35
C SER C 352 27.44 -66.85 17.88
N SER C 353 26.83 -67.10 16.72
CA SER C 353 26.92 -68.41 16.10
C SER C 353 28.35 -68.72 15.70
N GLU C 354 29.01 -67.77 15.02
CA GLU C 354 30.35 -68.05 14.52
C GLU C 354 31.43 -68.03 15.60
N ILE C 355 31.18 -67.38 16.75
CA ILE C 355 32.09 -67.53 17.88
C ILE C 355 32.04 -68.97 18.39
N PHE C 356 30.85 -69.56 18.37
CA PHE C 356 30.70 -70.97 18.70
C PHE C 356 31.46 -71.89 17.75
N ALA C 357 31.94 -71.41 16.60
CA ALA C 357 32.44 -72.41 15.65
C ALA C 357 33.83 -72.78 16.13
N SER C 358 34.83 -71.96 15.83
CA SER C 358 35.65 -71.21 16.78
C SER C 358 35.66 -71.67 18.23
N VAL C 359 35.18 -72.86 18.55
CA VAL C 359 35.41 -73.44 19.87
C VAL C 359 35.87 -74.87 19.64
N LYS C 360 37.16 -75.03 19.40
CA LYS C 360 37.73 -76.31 19.03
C LYS C 360 38.14 -77.05 20.30
N GLU C 361 38.60 -78.29 20.16
CA GLU C 361 39.07 -79.05 21.30
C GLU C 361 40.37 -79.77 20.96
N LYS C 362 41.37 -79.62 21.82
CA LYS C 362 42.66 -80.27 21.60
C LYS C 362 43.22 -80.81 22.92
N ASP C 363 44.54 -81.01 22.90
CA ASP C 363 45.26 -82.26 23.15
C ASP C 363 45.64 -82.54 24.60
N ALA C 364 45.38 -81.64 25.56
CA ALA C 364 46.41 -81.33 26.56
C ALA C 364 46.61 -82.28 27.73
N TYR C 365 47.34 -81.80 28.74
CA TYR C 365 48.04 -82.59 29.74
C TYR C 365 47.85 -81.96 31.12
N PHE C 366 47.48 -82.77 32.10
CA PHE C 366 47.38 -82.33 33.49
C PHE C 366 48.13 -83.30 34.40
N TYR C 367 49.10 -82.82 35.16
CA TYR C 367 49.83 -83.84 35.88
C TYR C 367 50.58 -83.22 37.06
N LYS C 368 50.48 -83.86 38.23
CA LYS C 368 51.03 -83.32 39.48
C LYS C 368 51.18 -84.40 40.56
N GLU C 369 52.28 -84.30 41.31
CA GLU C 369 52.49 -85.01 42.57
C GLU C 369 52.02 -86.46 42.61
N SER C 370 52.72 -87.36 41.93
CA SER C 370 52.43 -88.80 41.97
C SER C 370 52.12 -89.31 43.38
N LYS C 371 52.78 -88.74 44.39
CA LYS C 371 52.61 -89.17 45.77
C LYS C 371 52.91 -90.66 45.84
N GLY C 372 54.00 -91.00 45.17
CA GLY C 372 54.38 -92.31 44.68
C GLY C 372 55.66 -92.88 45.25
N PHE C 373 56.75 -92.51 44.59
CA PHE C 373 58.05 -93.12 44.71
C PHE C 373 58.94 -92.32 45.65
N LEU C 374 60.05 -92.95 46.05
CA LEU C 374 60.91 -92.51 47.15
C LEU C 374 61.88 -91.36 46.80
N LYS C 375 61.97 -90.88 45.55
CA LYS C 375 62.81 -89.72 45.27
C LYS C 375 61.99 -88.65 44.54
N LYS C 376 62.34 -87.37 44.73
CA LYS C 376 61.44 -86.26 44.37
C LYS C 376 61.43 -85.89 42.89
N ASP C 377 60.64 -84.83 42.57
CA ASP C 377 60.36 -84.34 41.21
C ASP C 377 59.52 -85.35 40.42
N LEU C 378 58.54 -85.95 41.09
CA LEU C 378 57.87 -87.14 40.53
C LEU C 378 56.76 -86.86 39.51
N TYR C 379 55.58 -86.36 39.92
CA TYR C 379 54.59 -85.88 38.92
C TYR C 379 54.06 -86.86 37.85
N THR C 380 53.08 -87.70 38.20
CA THR C 380 52.41 -88.60 37.23
C THR C 380 51.42 -87.88 36.33
N ARG C 381 51.42 -88.25 35.03
CA ARG C 381 50.61 -87.57 34.02
C ARG C 381 49.22 -88.16 33.80
N TYR C 382 48.26 -87.27 33.53
CA TYR C 382 46.92 -87.59 33.06
C TYR C 382 46.63 -86.76 31.82
N ASP C 383 45.68 -87.23 31.01
CA ASP C 383 45.45 -86.71 29.66
C ASP C 383 44.18 -85.87 29.61
N TYR C 384 44.22 -84.78 28.83
CA TYR C 384 43.14 -83.80 28.79
C TYR C 384 42.46 -83.68 27.44
N LYS C 385 41.20 -84.07 27.41
CA LYS C 385 40.09 -83.32 26.83
C LYS C 385 40.28 -81.85 27.15
N ALA C 386 40.43 -81.00 26.12
CA ALA C 386 40.68 -79.59 26.51
C ALA C 386 40.08 -78.56 25.58
N PRO C 387 39.35 -77.57 26.11
CA PRO C 387 38.71 -76.54 25.27
C PRO C 387 39.74 -75.59 24.69
N TYR C 388 39.84 -75.58 23.37
CA TYR C 388 40.79 -74.80 22.60
C TYR C 388 40.00 -73.70 21.90
N ILE C 389 40.51 -72.48 21.95
CA ILE C 389 39.79 -71.34 21.40
C ILE C 389 40.76 -70.49 20.59
N SER C 390 40.28 -70.03 19.44
CA SER C 390 41.11 -69.65 18.30
C SER C 390 41.73 -68.27 18.35
N SER C 391 41.32 -67.42 19.28
CA SER C 391 40.85 -66.07 18.97
C SER C 391 41.23 -65.50 17.60
N ASP C 392 42.47 -65.63 17.13
CA ASP C 392 42.75 -64.89 15.91
C ASP C 392 42.35 -65.64 14.64
N ASP C 393 42.63 -66.94 14.56
CA ASP C 393 42.26 -67.72 13.38
C ASP C 393 40.76 -67.68 13.15
N ALA C 394 39.97 -67.73 14.23
CA ALA C 394 38.52 -67.65 14.10
C ALA C 394 38.09 -66.35 13.46
N PHE C 395 38.66 -65.23 13.92
CA PHE C 395 38.35 -63.93 13.33
C PHE C 395 38.68 -63.90 11.84
N LEU C 396 39.88 -64.38 11.48
CA LEU C 396 40.24 -64.43 10.06
C LEU C 396 39.25 -65.25 9.26
N ALA C 397 38.84 -66.41 9.80
CA ALA C 397 37.84 -67.23 9.11
C ALA C 397 36.53 -66.46 8.92
N MET C 398 36.10 -65.75 9.96
CA MET C 398 34.83 -65.03 9.89
C MET C 398 34.86 -63.93 8.84
N PHE C 399 35.87 -63.06 8.87
CA PHE C 399 35.86 -61.87 8.02
C PHE C 399 36.96 -61.80 6.97
N TYR C 400 38.10 -62.47 7.15
CA TYR C 400 39.22 -62.34 6.22
C TYR C 400 39.26 -63.46 5.19
N ASN C 401 38.88 -64.67 5.58
CA ASN C 401 38.80 -65.79 4.63
C ASN C 401 37.52 -65.74 3.81
N SER C 402 36.37 -65.77 4.48
CA SER C 402 35.07 -65.75 3.83
C SER C 402 34.39 -64.41 4.09
N ASP C 403 33.78 -63.84 3.05
CA ASP C 403 33.24 -62.49 3.08
C ASP C 403 31.72 -62.45 3.00
N VAL C 404 31.05 -63.46 3.57
CA VAL C 404 29.59 -63.50 3.52
C VAL C 404 28.99 -62.57 4.56
N MET C 405 29.41 -62.75 5.82
CA MET C 405 28.97 -61.89 6.92
C MET C 405 29.16 -60.42 6.59
N SER C 406 30.37 -60.07 6.11
CA SER C 406 30.68 -58.68 5.76
C SER C 406 29.68 -58.12 4.75
N LYS C 407 29.45 -58.87 3.67
CA LYS C 407 28.53 -58.42 2.63
C LYS C 407 27.12 -58.21 3.20
N GLU C 408 26.64 -59.17 4.00
CA GLU C 408 25.32 -59.05 4.59
C GLU C 408 25.21 -57.79 5.44
N PHE C 409 26.21 -57.54 6.28
CA PHE C 409 26.17 -56.37 7.15
C PHE C 409 26.22 -55.07 6.35
N LYS C 410 27.05 -55.03 5.29
CA LYS C 410 27.08 -53.85 4.45
C LYS C 410 25.74 -53.59 3.78
N LYS C 411 25.08 -54.66 3.31
CA LYS C 411 23.75 -54.51 2.73
C LYS C 411 22.76 -53.96 3.74
N ILE C 412 22.80 -54.48 4.98
CA ILE C 412 21.93 -53.97 6.04
C ILE C 412 22.16 -52.48 6.26
N LYS C 413 23.44 -52.09 6.34
CA LYS C 413 23.77 -50.69 6.56
C LYS C 413 23.24 -49.81 5.43
N ASN C 414 23.39 -50.26 4.19
CA ASN C 414 22.85 -49.51 3.05
C ASN C 414 21.34 -49.37 3.14
N GLU C 415 20.65 -50.45 3.53
CA GLU C 415 19.20 -50.40 3.68
C GLU C 415 18.79 -49.33 4.70
N LEU C 416 19.46 -49.34 5.86
CA LEU C 416 19.14 -48.35 6.89
C LEU C 416 19.44 -46.92 6.41
N TYR C 417 20.54 -46.74 5.70
CA TYR C 417 20.87 -45.42 5.13
C TYR C 417 19.76 -44.95 4.20
N LYS C 418 19.27 -45.85 3.33
CA LYS C 418 18.18 -45.52 2.44
C LYS C 418 16.93 -45.10 3.21
N SER C 419 16.61 -45.83 4.29
CA SER C 419 15.44 -45.47 5.11
C SER C 419 15.59 -44.07 5.71
N PHE C 420 16.76 -43.77 6.26
CA PHE C 420 17.04 -42.43 6.80
C PHE C 420 16.81 -41.37 5.73
N GLU C 421 17.36 -41.62 4.54
CA GLU C 421 17.17 -40.71 3.40
C GLU C 421 15.69 -40.50 3.12
N GLU C 422 14.91 -41.58 3.14
CA GLU C 422 13.46 -41.50 2.94
C GLU C 422 12.81 -40.51 3.90
N ILE C 423 13.13 -40.66 5.20
CA ILE C 423 12.54 -39.76 6.21
C ILE C 423 12.90 -38.31 5.91
N LYS C 424 14.19 -38.05 5.65
CA LYS C 424 14.62 -36.69 5.34
C LYS C 424 13.88 -36.14 4.13
N MET C 425 13.73 -36.98 3.09
CA MET C 425 13.02 -36.58 1.87
C MET C 425 11.58 -36.17 2.18
N LYS C 426 10.88 -36.94 3.02
CA LYS C 426 9.51 -36.59 3.39
C LYS C 426 9.45 -35.20 4.03
N LEU C 427 10.36 -34.94 4.98
CA LEU C 427 10.37 -33.62 5.62
C LEU C 427 10.60 -32.51 4.58
N LYS C 428 11.57 -32.72 3.70
CA LYS C 428 11.84 -31.76 2.62
C LYS C 428 10.60 -31.51 1.78
N ASP C 429 9.86 -32.58 1.45
CA ASP C 429 8.64 -32.44 0.66
C ASP C 429 7.62 -31.55 1.36
N PHE C 430 7.44 -31.74 2.68
CA PHE C 430 6.53 -30.87 3.43
C PHE C 430 6.89 -29.40 3.22
N ILE C 431 8.17 -29.08 3.47
CA ILE C 431 8.61 -27.69 3.35
C ILE C 431 8.41 -27.17 1.93
N ASN C 432 8.71 -28.02 0.92
CA ASN C 432 8.53 -27.61 -0.46
C ASN C 432 7.08 -27.27 -0.79
N ILE C 433 6.14 -28.09 -0.30
CA ILE C 433 4.71 -27.79 -0.46
C ILE C 433 4.41 -26.37 0.02
N LEU C 434 4.70 -26.13 1.30
CA LEU C 434 4.46 -24.80 1.88
C LEU C 434 5.10 -23.70 1.03
N GLU C 435 6.36 -23.91 0.63
CA GLU C 435 7.11 -22.94 -0.16
C GLU C 435 6.40 -22.62 -1.48
N ARG C 436 5.98 -23.65 -2.19
CA ARG C 436 5.28 -23.43 -3.46
C ARG C 436 4.07 -22.52 -3.25
N GLU C 437 3.26 -22.83 -2.23
CA GLU C 437 2.08 -22.01 -1.98
C GLU C 437 2.46 -20.56 -1.69
N ILE C 438 3.44 -20.37 -0.82
CA ILE C 438 3.82 -19.01 -0.41
C ILE C 438 4.38 -18.23 -1.60
N LEU C 439 5.21 -18.87 -2.42
CA LEU C 439 5.78 -18.18 -3.56
C LEU C 439 4.72 -17.83 -4.59
N LEU C 440 3.71 -18.68 -4.77
CA LEU C 440 2.59 -18.30 -5.64
C LEU C 440 1.88 -17.06 -5.11
N PHE C 441 1.66 -17.00 -3.79
CA PHE C 441 1.07 -15.82 -3.18
C PHE C 441 1.91 -14.57 -3.49
N LYS C 442 3.22 -14.68 -3.28
CA LYS C 442 4.13 -13.57 -3.56
C LYS C 442 4.01 -13.11 -5.01
N ALA C 443 4.03 -14.07 -5.94
CA ALA C 443 3.97 -13.72 -7.35
C ALA C 443 2.67 -13.01 -7.69
N GLU C 444 1.55 -13.47 -7.13
CA GLU C 444 0.28 -12.81 -7.42
C GLU C 444 0.25 -11.39 -6.90
N PHE C 445 0.65 -11.18 -5.65
CA PHE C 445 0.32 -9.92 -4.98
C PHE C 445 1.46 -8.90 -4.93
N SER C 446 2.64 -9.24 -5.45
CA SER C 446 3.65 -8.21 -5.62
C SER C 446 3.32 -7.25 -6.75
N ASN C 447 2.30 -7.55 -7.57
CA ASN C 447 2.00 -6.74 -8.75
C ASN C 447 0.57 -6.22 -8.83
N ILE C 448 -0.30 -6.52 -7.87
CA ILE C 448 -1.69 -6.07 -7.94
C ILE C 448 -1.76 -4.55 -8.00
N GLN C 449 -2.50 -4.04 -8.99
CA GLN C 449 -2.59 -2.62 -9.29
C GLN C 449 -4.02 -2.13 -9.19
N LYS C 450 -4.19 -0.92 -8.64
CA LYS C 450 -5.53 -0.36 -8.43
C LYS C 450 -6.28 -0.22 -9.76
N ASP C 451 -7.61 -0.34 -9.71
CA ASP C 451 -8.43 -0.38 -10.92
C ASP C 451 -8.79 1.03 -11.40
N HIS C 452 -9.39 1.82 -10.53
CA HIS C 452 -9.98 3.09 -10.90
C HIS C 452 -9.58 4.12 -9.85
N ILE C 453 -9.55 5.39 -10.27
CA ILE C 453 -9.12 6.49 -9.41
C ILE C 453 -9.92 6.48 -8.12
N PHE C 454 -9.34 7.06 -7.06
CA PHE C 454 -9.83 7.10 -5.69
C PHE C 454 -9.45 5.84 -4.91
N GLN C 455 -8.67 4.93 -5.48
CA GLN C 455 -8.37 3.68 -4.81
C GLN C 455 -7.08 3.71 -4.00
N SER C 456 -6.58 4.88 -3.61
CA SER C 456 -5.40 4.95 -2.76
C SER C 456 -4.17 4.24 -3.32
N ASP C 457 -3.49 4.88 -4.28
CA ASP C 457 -2.26 4.32 -4.85
C ASP C 457 -1.29 3.79 -3.79
N LYS C 458 -1.11 4.56 -2.71
CA LYS C 458 -0.15 4.19 -1.66
C LYS C 458 -0.51 2.86 -1.02
N ASN C 459 -1.81 2.65 -0.74
CA ASN C 459 -2.27 1.38 -0.19
C ASN C 459 -1.75 0.20 -1.01
N PHE C 460 -2.02 0.25 -2.32
CA PHE C 460 -1.62 -0.84 -3.21
C PHE C 460 -0.11 -1.00 -3.24
N SER C 461 0.62 0.12 -3.33
CA SER C 461 2.09 0.05 -3.34
C SER C 461 2.62 -0.68 -2.12
N GLU C 462 2.14 -0.31 -0.93
CA GLU C 462 2.61 -0.94 0.29
C GLU C 462 2.25 -2.43 0.33
N LEU C 463 1.03 -2.77 -0.13
CA LEU C 463 0.66 -4.19 -0.24
C LEU C 463 1.64 -4.94 -1.13
N ARG C 464 1.98 -4.35 -2.28
CA ARG C 464 2.91 -4.97 -3.22
C ARG C 464 4.26 -5.22 -2.56
N ALA C 465 4.79 -4.23 -1.84
CA ALA C 465 6.08 -4.39 -1.17
C ALA C 465 6.03 -5.53 -0.16
N PHE C 466 4.95 -5.59 0.62
CA PHE C 466 4.82 -6.61 1.67
C PHE C 466 4.82 -8.01 1.06
N CYS C 467 3.99 -8.19 0.04
CA CYS C 467 3.93 -9.50 -0.61
C CYS C 467 5.25 -9.85 -1.28
N ASN C 468 5.98 -8.85 -1.78
CA ASN C 468 7.30 -9.12 -2.34
C ASN C 468 8.24 -9.69 -1.27
N ALA C 469 8.28 -9.06 -0.08
CA ALA C 469 9.09 -9.57 1.04
C ALA C 469 8.54 -10.87 1.69
N SER C 470 7.43 -11.41 1.18
CA SER C 470 6.78 -12.52 1.87
C SER C 470 7.61 -13.80 2.03
N ASP C 471 8.69 -14.01 1.25
CA ASP C 471 9.56 -15.15 1.57
C ASP C 471 10.15 -15.00 2.96
N GLU C 472 10.86 -13.90 3.17
CA GLU C 472 11.38 -13.55 4.48
C GLU C 472 10.28 -13.68 5.53
N TYR C 473 9.08 -13.19 5.21
CA TYR C 473 8.03 -13.18 6.23
C TYR C 473 7.59 -14.58 6.63
N PHE C 474 7.32 -15.46 5.66
CA PHE C 474 6.57 -16.69 5.95
C PHE C 474 7.32 -18.00 5.72
N LEU C 475 8.53 -17.99 5.16
CA LEU C 475 9.10 -19.23 4.65
C LEU C 475 10.39 -19.65 5.34
N LYS C 476 11.24 -18.69 5.73
CA LYS C 476 12.64 -19.01 6.05
C LYS C 476 12.77 -19.78 7.37
N ASP C 477 11.95 -19.43 8.36
CA ASP C 477 11.99 -20.15 9.64
C ASP C 477 11.69 -21.64 9.46
N PHE C 478 10.71 -21.96 8.63
CA PHE C 478 10.41 -23.37 8.31
C PHE C 478 11.64 -24.06 7.73
N LYS C 479 12.32 -23.39 6.80
CA LYS C 479 13.53 -23.95 6.21
C LYS C 479 14.60 -24.22 7.27
N GLU C 480 14.82 -23.26 8.17
CA GLU C 480 15.79 -23.43 9.25
C GLU C 480 15.43 -24.62 10.13
N LEU C 481 14.15 -24.74 10.49
CA LEU C 481 13.68 -25.88 11.27
C LEU C 481 13.99 -27.19 10.56
N LEU C 482 13.70 -27.24 9.26
CA LEU C 482 13.97 -28.43 8.46
C LEU C 482 15.46 -28.77 8.49
N PHE C 483 16.32 -27.77 8.31
CA PHE C 483 17.77 -27.99 8.36
C PHE C 483 18.21 -28.56 9.70
N LYS C 484 17.71 -27.98 10.80
CA LYS C 484 18.05 -28.49 12.13
C LYS C 484 17.66 -29.96 12.27
N SER C 485 16.43 -30.29 11.88
CA SER C 485 15.97 -31.67 11.97
C SER C 485 16.88 -32.60 11.14
N ILE C 486 17.23 -32.18 9.92
CA ILE C 486 18.10 -32.97 9.06
C ILE C 486 19.44 -33.21 9.74
N LEU C 487 20.01 -32.15 10.34
CA LEU C 487 21.26 -32.28 11.08
C LEU C 487 21.17 -33.36 12.15
N GLU C 488 20.13 -33.29 12.98
CA GLU C 488 19.96 -34.28 14.04
C GLU C 488 19.85 -35.70 13.48
N LEU C 489 19.06 -35.86 12.41
CA LEU C 489 18.91 -37.17 11.78
C LEU C 489 20.25 -37.72 11.31
N ASP C 490 21.03 -36.86 10.64
CA ASP C 490 22.34 -37.30 10.12
C ASP C 490 23.27 -37.69 11.26
N LEU C 491 23.28 -36.90 12.34
CA LEU C 491 24.12 -37.25 13.49
C LEU C 491 23.72 -38.58 14.11
N PHE C 492 22.41 -38.83 14.22
CA PHE C 492 21.98 -40.11 14.76
C PHE C 492 22.41 -41.27 13.87
N PHE C 493 22.29 -41.11 12.55
CA PHE C 493 22.77 -42.17 11.66
C PHE C 493 24.27 -42.39 11.83
N GLU C 494 25.03 -41.29 11.96
CA GLU C 494 26.46 -41.40 12.20
C GLU C 494 26.75 -42.21 13.45
N LYS C 495 26.00 -41.94 14.53
CA LYS C 495 26.17 -42.70 15.76
C LYS C 495 25.89 -44.19 15.55
N LEU C 496 24.77 -44.50 14.89
CA LEU C 496 24.42 -45.90 14.66
C LEU C 496 25.47 -46.60 13.79
N ASN C 497 25.97 -45.91 12.77
CA ASN C 497 27.02 -46.46 11.92
C ASN C 497 28.28 -46.75 12.72
N LEU C 498 28.79 -45.75 13.43
CA LEU C 498 30.13 -45.86 13.98
C LEU C 498 30.19 -46.68 15.26
N LYS C 499 29.07 -46.82 15.98
CA LYS C 499 29.09 -47.71 17.12
C LYS C 499 28.59 -49.12 16.81
N ALA C 500 27.87 -49.34 15.71
CA ALA C 500 27.41 -50.68 15.39
C ALA C 500 27.84 -51.22 14.03
N PHE C 501 27.46 -50.56 12.94
CA PHE C 501 27.62 -51.15 11.60
C PHE C 501 29.01 -50.99 11.00
N THR C 502 29.98 -50.51 11.78
CA THR C 502 31.38 -50.59 11.42
C THR C 502 32.19 -51.36 12.46
N ASN C 503 31.81 -51.23 13.74
CA ASN C 503 32.55 -51.83 14.84
C ASN C 503 32.13 -53.27 15.13
N TYR C 504 31.60 -53.98 14.13
CA TYR C 504 31.24 -55.38 14.36
C TYR C 504 32.49 -56.26 14.39
N GLU C 505 33.48 -55.96 13.56
CA GLU C 505 34.77 -56.66 13.63
C GLU C 505 35.38 -56.54 15.02
N ASN C 506 35.42 -55.31 15.53
CA ASN C 506 35.98 -55.07 16.86
C ASN C 506 35.21 -55.82 17.93
N ALA C 507 33.86 -55.78 17.85
CA ALA C 507 33.03 -56.51 18.79
C ALA C 507 33.33 -58.01 18.75
N THR C 508 33.46 -58.56 17.54
CA THR C 508 33.81 -59.98 17.40
C THR C 508 35.13 -60.27 18.08
N LYS C 509 36.16 -59.48 17.80
CA LYS C 509 37.46 -59.72 18.41
C LYS C 509 37.40 -59.65 19.92
N LEU C 510 36.68 -58.65 20.45
CA LEU C 510 36.64 -58.46 21.90
C LEU C 510 35.90 -59.59 22.59
N SER C 511 34.70 -59.91 22.11
CA SER C 511 33.92 -60.98 22.73
C SER C 511 34.64 -62.33 22.60
N LEU C 512 35.25 -62.57 21.44
CA LEU C 512 35.95 -63.82 21.18
C LEU C 512 37.13 -63.97 22.13
N ALA C 513 37.94 -62.91 22.27
CA ALA C 513 39.07 -62.96 23.19
C ALA C 513 38.63 -63.08 24.64
N PHE C 514 37.53 -62.41 25.00
CA PHE C 514 37.00 -62.55 26.36
C PHE C 514 36.64 -63.99 26.67
N PHE C 515 35.94 -64.65 25.75
CA PHE C 515 35.60 -66.05 25.94
C PHE C 515 36.85 -66.93 25.97
N SER C 516 37.86 -66.61 25.16
CA SER C 516 39.12 -67.34 25.22
C SER C 516 39.73 -67.26 26.62
N ARG C 517 39.83 -66.05 27.16
CA ARG C 517 40.38 -65.85 28.49
C ARG C 517 39.54 -66.55 29.55
N LYS C 518 38.22 -66.52 29.40
CA LYS C 518 37.35 -67.27 30.31
C LYS C 518 37.64 -68.78 30.24
N ILE C 519 37.83 -69.30 29.03
CA ILE C 519 38.14 -70.72 28.85
C ILE C 519 39.42 -71.08 29.59
N ASN C 520 40.47 -70.29 29.39
CA ASN C 520 41.74 -70.57 30.05
C ASN C 520 41.64 -70.44 31.57
N GLU C 521 40.87 -69.46 32.06
CA GLU C 521 40.60 -69.38 33.49
C GLU C 521 39.93 -70.65 34.00
N SER C 522 38.96 -71.17 33.24
CA SER C 522 38.35 -72.45 33.59
C SER C 522 39.38 -73.55 33.64
N ARG C 523 40.28 -73.58 32.65
CA ARG C 523 41.29 -74.63 32.61
C ARG C 523 42.20 -74.59 33.84
N VAL C 524 42.60 -73.39 34.27
CA VAL C 524 43.55 -73.25 35.38
C VAL C 524 43.03 -73.84 36.68
N LEU C 525 41.77 -74.26 36.75
CA LEU C 525 41.32 -75.17 37.80
C LEU C 525 41.82 -76.58 37.48
N TYR C 526 43.09 -76.82 37.78
CA TYR C 526 43.64 -78.17 37.79
C TYR C 526 43.50 -78.84 39.16
N GLU C 527 42.29 -78.82 39.72
CA GLU C 527 42.00 -79.55 40.96
C GLU C 527 40.90 -80.58 40.77
N LEU C 528 40.47 -80.80 39.53
CA LEU C 528 39.32 -81.66 39.19
C LEU C 528 38.17 -81.51 40.18
N ASP C 529 37.88 -80.27 40.57
CA ASP C 529 36.81 -79.96 41.51
C ASP C 529 36.62 -78.45 41.62
N TYR C 537 31.70 -75.18 28.71
CA TYR C 537 32.45 -74.00 29.14
C TYR C 537 31.92 -72.67 28.54
N PRO C 538 31.74 -72.57 27.19
CA PRO C 538 30.88 -71.50 26.64
C PRO C 538 29.46 -71.95 26.31
N LYS C 539 28.46 -71.20 26.78
CA LYS C 539 27.10 -71.36 26.30
C LYS C 539 26.80 -70.35 25.19
N LYS C 540 25.87 -70.71 24.30
CA LYS C 540 25.56 -69.82 23.18
C LYS C 540 24.84 -68.55 23.62
N SER C 541 23.92 -68.68 24.58
CA SER C 541 23.20 -67.51 25.08
C SER C 541 24.17 -66.46 25.61
N GLU C 542 25.18 -66.89 26.37
CA GLU C 542 26.19 -65.98 26.89
C GLU C 542 26.90 -65.26 25.75
N ILE C 543 27.28 -66.00 24.71
CA ILE C 543 27.97 -65.41 23.57
C ILE C 543 27.10 -64.35 22.92
N TYR C 544 25.81 -64.67 22.73
CA TYR C 544 24.88 -63.73 22.13
C TYR C 544 24.79 -62.45 22.94
N GLU C 545 24.63 -62.58 24.26
CA GLU C 545 24.54 -61.40 25.11
C GLU C 545 25.82 -60.57 25.06
N ARG C 546 26.98 -61.24 25.05
CA ARG C 546 28.24 -60.51 25.05
C ARG C 546 28.43 -59.75 23.75
N VAL C 547 28.12 -60.39 22.61
CA VAL C 547 28.22 -59.70 21.33
C VAL C 547 27.23 -58.54 21.27
N LEU C 548 26.03 -58.72 21.83
CA LEU C 548 25.07 -57.64 21.90
C LEU C 548 25.62 -56.45 22.68
N ASN C 549 26.25 -56.72 23.83
CA ASN C 549 26.84 -55.66 24.63
C ASN C 549 27.94 -54.93 23.87
N GLU C 550 28.81 -55.67 23.19
CA GLU C 550 29.89 -55.03 22.43
C GLU C 550 29.34 -54.13 21.31
N LEU C 551 28.28 -54.56 20.64
CA LEU C 551 27.65 -53.72 19.62
C LEU C 551 26.85 -52.54 20.18
N ASN C 552 26.85 -52.32 21.49
CA ASN C 552 26.14 -51.19 22.12
C ASN C 552 24.63 -51.25 21.90
N VAL C 553 24.07 -52.46 21.96
CA VAL C 553 22.65 -52.61 21.65
C VAL C 553 21.75 -52.34 22.85
N TYR C 554 22.30 -52.18 24.06
CA TYR C 554 21.52 -51.57 25.13
C TYR C 554 21.28 -50.10 24.85
N GLU C 555 22.35 -49.37 24.50
CA GLU C 555 22.25 -47.96 24.17
C GLU C 555 21.32 -47.75 22.99
N PHE C 556 21.47 -48.57 21.95
CA PHE C 556 20.62 -48.42 20.78
C PHE C 556 19.21 -48.93 21.01
N GLU C 557 19.01 -49.88 21.93
CA GLU C 557 17.66 -50.20 22.35
C GLU C 557 17.00 -48.99 22.99
N THR C 558 17.74 -48.32 23.88
CA THR C 558 17.20 -47.13 24.54
C THR C 558 16.89 -46.03 23.53
N LEU C 559 17.77 -45.82 22.56
CA LEU C 559 17.59 -44.75 21.60
C LEU C 559 16.59 -45.09 20.50
N LEU C 560 16.35 -46.37 20.24
CA LEU C 560 15.40 -46.79 19.21
C LEU C 560 13.98 -47.00 19.76
N ILE C 561 13.82 -47.44 21.01
CA ILE C 561 12.52 -47.83 21.55
C ILE C 561 12.16 -47.05 22.80
N ASN C 562 13.04 -47.05 23.81
CA ASN C 562 12.72 -46.36 25.06
C ASN C 562 12.50 -44.87 24.83
N LYS C 563 13.48 -44.19 24.23
CA LYS C 563 13.36 -42.78 23.84
C LYS C 563 13.62 -42.71 22.35
N PRO C 564 12.62 -43.03 21.53
CA PRO C 564 12.85 -43.13 20.08
C PRO C 564 13.28 -41.79 19.50
N ILE C 565 14.46 -41.79 18.89
CA ILE C 565 15.09 -40.54 18.47
C ILE C 565 14.40 -39.97 17.25
N LEU C 566 14.15 -40.84 16.25
CA LEU C 566 13.47 -40.41 15.03
C LEU C 566 12.08 -39.86 15.34
N THR C 567 11.33 -40.56 16.19
CA THR C 567 10.00 -40.10 16.59
C THR C 567 10.09 -38.73 17.26
N LYS C 568 11.07 -38.56 18.17
CA LYS C 568 11.27 -37.28 18.83
C LYS C 568 11.53 -36.18 17.81
N ILE C 569 12.39 -36.45 16.84
CA ILE C 569 12.70 -35.47 15.79
C ILE C 569 11.42 -35.08 15.04
N ALA C 570 10.63 -36.07 14.65
CA ALA C 570 9.40 -35.79 13.91
C ALA C 570 8.45 -34.92 14.73
N LYS C 571 8.27 -35.26 16.01
CA LYS C 571 7.41 -34.45 16.87
C LYS C 571 7.95 -33.04 17.04
N ASN C 572 9.28 -32.91 17.15
CA ASN C 572 9.91 -31.58 17.19
C ASN C 572 9.51 -30.77 15.96
N PHE C 573 9.65 -31.37 14.78
CA PHE C 573 9.31 -30.69 13.53
C PHE C 573 7.85 -30.26 13.52
N LEU C 574 6.96 -31.17 13.89
CA LEU C 574 5.53 -30.88 13.82
C LEU C 574 5.16 -29.76 14.79
N GLU C 575 5.61 -29.88 16.04
CA GLU C 575 5.25 -28.91 17.07
C GLU C 575 5.81 -27.53 16.73
N GLN C 576 7.05 -27.46 16.27
CA GLN C 576 7.64 -26.17 15.96
C GLN C 576 7.01 -25.55 14.72
N SER C 577 6.65 -26.36 13.73
CA SER C 577 5.97 -25.81 12.56
C SER C 577 4.58 -25.28 12.93
N GLN C 578 3.88 -25.96 13.84
CA GLN C 578 2.61 -25.42 14.35
C GLN C 578 2.83 -24.08 15.05
N ASN C 579 3.87 -23.99 15.87
CA ASN C 579 4.19 -22.74 16.54
C ASN C 579 4.44 -21.63 15.51
N LEU C 580 5.24 -21.93 14.47
CA LEU C 580 5.53 -20.96 13.44
C LEU C 580 4.25 -20.50 12.74
N ILE C 581 3.36 -21.45 12.42
CA ILE C 581 2.08 -21.11 11.79
C ILE C 581 1.29 -20.15 12.67
N GLN C 582 1.23 -20.44 13.97
CA GLN C 582 0.51 -19.56 14.90
C GLN C 582 1.11 -18.15 14.89
N GLU C 583 2.43 -18.06 14.93
CA GLU C 583 3.09 -16.75 14.91
C GLU C 583 2.76 -15.99 13.63
N LYS C 584 2.79 -16.68 12.49
CA LYS C 584 2.42 -16.06 11.23
C LYS C 584 0.99 -15.54 11.27
N ASN C 585 0.08 -16.33 11.84
CA ASN C 585 -1.32 -15.92 11.94
C ASN C 585 -1.46 -14.64 12.76
N LYS C 586 -0.77 -14.58 13.90
CA LYS C 586 -0.79 -13.36 14.72
C LYS C 586 -0.29 -12.16 13.93
N PHE C 587 0.84 -12.35 13.24
CA PHE C 587 1.42 -11.28 12.43
C PHE C 587 0.43 -10.76 11.40
N LEU C 588 -0.28 -11.68 10.72
CA LEU C 588 -1.29 -11.27 9.75
C LEU C 588 -2.49 -10.60 10.40
N ASP C 589 -2.87 -11.04 11.61
CA ASP C 589 -3.94 -10.37 12.35
C ASP C 589 -3.64 -8.90 12.55
N LEU C 590 -2.35 -8.55 12.69
CA LEU C 590 -2.01 -7.12 12.77
C LEU C 590 -2.49 -6.38 11.52
N LYS C 591 -2.17 -6.93 10.34
CA LYS C 591 -2.57 -6.31 9.08
C LYS C 591 -4.08 -6.18 8.99
N LYS C 592 -4.80 -7.25 9.35
CA LYS C 592 -6.26 -7.19 9.31
C LYS C 592 -6.80 -6.12 10.24
N ALA C 593 -6.18 -5.95 11.41
CA ALA C 593 -6.60 -4.89 12.32
C ALA C 593 -6.44 -3.51 11.70
N GLU C 594 -5.31 -3.27 11.03
CA GLU C 594 -5.12 -1.99 10.34
C GLU C 594 -6.22 -1.75 9.30
N LEU C 595 -6.48 -2.78 8.48
CA LEU C 595 -7.55 -2.68 7.49
C LEU C 595 -8.88 -2.38 8.15
N GLN C 596 -9.14 -3.02 9.30
CA GLN C 596 -10.36 -2.77 10.05
C GLN C 596 -10.48 -1.32 10.50
N LYS C 597 -9.38 -0.73 10.97
CA LYS C 597 -9.36 0.71 11.25
C LYS C 597 -9.88 1.52 10.06
N ARG C 598 -9.27 1.32 8.88
CA ARG C 598 -9.74 2.04 7.69
C ARG C 598 -11.24 1.82 7.47
N ARG C 599 -11.67 0.55 7.51
CA ARG C 599 -13.06 0.19 7.29
C ARG C 599 -13.98 0.93 8.25
N ALA C 600 -13.60 0.98 9.53
CA ALA C 600 -14.42 1.66 10.54
C ALA C 600 -14.54 3.13 10.23
N GLN C 601 -13.44 3.77 9.81
CA GLN C 601 -13.52 5.17 9.42
C GLN C 601 -14.51 5.39 8.29
N ILE C 602 -14.44 4.53 7.27
CA ILE C 602 -15.35 4.64 6.12
C ILE C 602 -16.80 4.48 6.57
N LEU C 603 -17.07 3.47 7.38
CA LEU C 603 -18.43 3.23 7.84
C LEU C 603 -18.93 4.37 8.72
N ASN C 604 -18.05 4.98 9.52
CA ASN C 604 -18.46 6.16 10.28
C ASN C 604 -18.91 7.27 9.35
N VAL C 605 -18.15 7.53 8.29
CA VAL C 605 -18.55 8.56 7.33
C VAL C 605 -19.91 8.21 6.70
N ARG C 606 -20.08 6.94 6.32
CA ARG C 606 -21.32 6.54 5.66
C ARG C 606 -22.53 6.70 6.59
N GLU C 607 -22.41 6.25 7.83
CA GLU C 607 -23.51 6.40 8.78
C GLU C 607 -23.77 7.87 9.11
N SER C 608 -22.73 8.69 9.13
CA SER C 608 -22.92 10.13 9.30
C SER C 608 -23.75 10.71 8.15
N ILE C 609 -23.43 10.32 6.91
CA ILE C 609 -24.19 10.80 5.76
C ILE C 609 -25.64 10.31 5.83
N LYS C 610 -25.83 9.05 6.21
CA LYS C 610 -27.14 8.42 6.12
C LYS C 610 -28.05 8.79 7.29
N GLU C 611 -27.51 9.42 8.32
CA GLU C 611 -28.28 9.84 9.49
C GLU C 611 -28.31 11.36 9.62
N ASP C 612 -28.13 12.06 8.50
CA ASP C 612 -28.21 13.52 8.50
C ASP C 612 -29.66 13.96 8.40
N HIS C 613 -30.57 13.02 8.11
CA HIS C 613 -32.00 13.26 8.19
C HIS C 613 -32.37 13.39 9.66
N HIS C 614 -31.86 14.41 10.33
CA HIS C 614 -32.10 14.60 11.75
C HIS C 614 -32.15 16.09 12.08
N GLY D 1 -19.39 -13.96 -35.21
CA GLY D 1 -18.81 -13.22 -36.32
C GLY D 1 -17.30 -13.33 -36.40
N SER D 2 -16.80 -14.06 -37.39
CA SER D 2 -15.36 -14.04 -37.61
C SER D 2 -14.92 -12.78 -38.34
N HIS D 3 -15.77 -12.25 -39.23
CA HIS D 3 -15.56 -10.92 -39.78
C HIS D 3 -15.43 -9.89 -38.66
N MET D 4 -16.29 -10.00 -37.64
CA MET D 4 -16.20 -9.11 -36.49
C MET D 4 -14.92 -9.36 -35.68
N GLN D 5 -14.42 -10.60 -35.65
CA GLN D 5 -13.12 -10.86 -35.04
C GLN D 5 -12.00 -10.10 -35.75
N ILE D 6 -11.96 -10.21 -37.08
CA ILE D 6 -10.97 -9.48 -37.85
C ILE D 6 -11.10 -7.99 -37.61
N ASN D 7 -12.34 -7.48 -37.57
CA ASN D 7 -12.55 -6.05 -37.34
C ASN D 7 -12.06 -5.65 -35.95
N LEU D 8 -12.31 -6.48 -34.93
CA LEU D 8 -11.79 -6.20 -33.59
C LEU D 8 -10.28 -6.12 -33.58
N LEU D 9 -9.62 -7.10 -34.21
CA LEU D 9 -8.16 -7.09 -34.30
C LEU D 9 -7.67 -5.82 -34.99
N ASN D 10 -8.29 -5.46 -36.12
CA ASN D 10 -7.89 -4.25 -36.85
C ASN D 10 -8.08 -3.00 -36.00
N ASP D 11 -9.18 -2.93 -35.24
CA ASP D 11 -9.40 -1.79 -34.36
C ASP D 11 -8.33 -1.69 -33.30
N PHE D 12 -7.96 -2.82 -32.69
CA PHE D 12 -6.88 -2.81 -31.72
C PHE D 12 -5.58 -2.31 -32.36
N ILE D 13 -5.29 -2.79 -33.57
CA ILE D 13 -4.07 -2.37 -34.27
C ILE D 13 -4.08 -0.86 -34.49
N LYS D 14 -5.22 -0.33 -34.95
CA LYS D 14 -5.33 1.10 -35.21
C LYS D 14 -5.17 1.90 -33.93
N ALA D 15 -5.72 1.40 -32.82
CA ALA D 15 -5.68 2.16 -31.58
C ALA D 15 -4.26 2.21 -31.02
N TYR D 16 -3.59 1.05 -30.97
CA TYR D 16 -2.19 1.03 -30.56
C TYR D 16 -1.34 1.95 -31.45
N GLU D 17 -1.54 1.85 -32.77
CA GLU D 17 -0.78 2.67 -33.71
C GLU D 17 -0.99 4.15 -33.46
N ASN D 18 -2.24 4.55 -33.18
CA ASN D 18 -2.53 5.96 -32.96
C ASN D 18 -1.96 6.44 -31.62
N THR D 19 -1.93 5.58 -30.61
CA THR D 19 -1.46 6.04 -29.31
C THR D 19 0.05 6.14 -29.26
N TYR D 20 0.76 5.11 -29.70
CA TYR D 20 2.21 5.07 -29.51
C TYR D 20 3.04 5.42 -30.75
N SER D 21 2.50 5.29 -31.95
CA SER D 21 3.29 5.43 -33.18
C SER D 21 2.73 6.51 -34.11
N VAL D 22 3.23 7.73 -33.97
CA VAL D 22 2.86 8.81 -34.89
C VAL D 22 3.90 9.92 -34.76
N SER D 23 4.33 10.45 -35.90
CA SER D 23 5.17 11.64 -35.95
C SER D 23 4.30 12.87 -36.21
N PHE D 24 4.67 13.99 -35.61
CA PHE D 24 3.83 15.17 -35.51
C PHE D 24 3.99 16.06 -36.74
N ASP D 25 3.49 17.30 -36.63
CA ASP D 25 3.74 18.35 -37.61
C ASP D 25 5.18 18.84 -37.52
N ASP D 26 6.15 17.98 -37.82
CA ASP D 26 7.54 18.34 -37.58
C ASP D 26 8.01 19.30 -38.67
N SER D 27 9.34 19.48 -38.77
CA SER D 27 10.00 20.52 -39.55
C SER D 27 9.83 21.90 -38.92
N PHE D 28 9.22 22.00 -37.73
CA PHE D 28 9.15 23.26 -37.01
C PHE D 28 9.06 22.98 -35.51
N LYS D 29 9.63 23.89 -34.74
CA LYS D 29 9.75 23.78 -33.27
C LYS D 29 8.48 23.32 -32.57
N GLY D 30 7.35 23.95 -32.90
CA GLY D 30 6.06 23.74 -32.26
C GLY D 30 5.77 22.30 -31.88
N ARG D 31 6.07 21.38 -32.80
CA ARG D 31 5.81 19.97 -32.58
C ARG D 31 7.07 19.14 -32.41
N ILE D 32 8.25 19.72 -32.61
CA ILE D 32 9.47 19.09 -32.09
C ILE D 32 9.41 19.02 -30.57
N GLN D 33 8.80 20.03 -29.94
CA GLN D 33 8.56 19.94 -28.50
C GLN D 33 7.63 18.79 -28.14
N GLU D 34 6.59 18.57 -28.95
CA GLU D 34 5.71 17.43 -28.74
C GLU D 34 6.45 16.10 -28.88
N LEU D 35 7.34 16.00 -29.87
CA LEU D 35 8.13 14.78 -30.02
C LEU D 35 9.01 14.55 -28.79
N CYS D 36 9.65 15.61 -28.29
CA CYS D 36 10.50 15.47 -27.10
C CYS D 36 9.68 15.02 -25.88
N LYS D 37 8.52 15.62 -25.68
CA LYS D 37 7.67 15.27 -24.54
C LYS D 37 7.15 13.82 -24.66
N GLU D 38 6.78 13.40 -25.87
CA GLU D 38 6.46 12.00 -26.09
C GLU D 38 7.63 11.09 -25.74
N LEU D 39 8.84 11.49 -26.14
CA LEU D 39 10.05 10.77 -25.73
C LEU D 39 10.06 10.59 -24.22
N ASN D 40 9.81 11.68 -23.51
CA ASN D 40 9.77 11.64 -22.04
C ASN D 40 8.62 10.84 -21.45
N GLU D 41 7.68 10.31 -22.28
CA GLU D 41 6.58 9.66 -21.53
C GLU D 41 6.05 8.26 -21.88
N PRO D 42 6.84 7.27 -22.40
CA PRO D 42 6.20 5.98 -22.72
C PRO D 42 6.18 4.92 -21.62
N PHE D 43 7.32 4.74 -20.94
CA PHE D 43 7.45 3.76 -19.87
C PHE D 43 8.17 4.33 -18.67
N MET D 44 8.76 5.52 -18.82
CA MET D 44 9.77 6.06 -17.92
C MET D 44 9.03 6.68 -16.75
N HIS D 45 8.35 5.80 -16.01
CA HIS D 45 7.03 6.07 -15.44
C HIS D 45 6.98 7.49 -14.93
N ALA D 46 6.29 8.34 -15.65
CA ALA D 46 6.30 9.75 -15.32
C ALA D 46 5.31 10.04 -14.20
N SER D 47 5.56 11.14 -13.51
CA SER D 47 4.60 11.57 -12.51
C SER D 47 3.49 12.32 -13.23
N TYR D 48 2.28 12.17 -12.71
CA TYR D 48 1.13 12.82 -13.33
C TYR D 48 1.33 14.33 -13.41
N ALA D 49 1.94 14.91 -12.38
CA ALA D 49 2.21 16.36 -12.39
C ALA D 49 3.27 16.71 -13.43
N LEU D 50 4.29 15.87 -13.61
CA LEU D 50 5.24 16.08 -14.71
C LEU D 50 4.53 16.06 -16.05
N GLU D 51 3.64 15.08 -16.20
CA GLU D 51 2.85 14.94 -17.42
C GLU D 51 2.07 16.22 -17.70
N ASN D 52 1.39 16.75 -16.67
CA ASN D 52 0.63 17.98 -16.81
C ASN D 52 1.54 19.17 -17.14
N GLU D 53 2.68 19.26 -16.47
CA GLU D 53 3.63 20.34 -16.74
C GLU D 53 4.08 20.32 -18.19
N LEU D 54 4.42 19.14 -18.70
CA LEU D 54 4.80 19.01 -20.11
C LEU D 54 3.66 19.40 -21.03
N LYS D 55 2.43 19.01 -20.69
CA LYS D 55 1.28 19.43 -21.49
C LYS D 55 1.16 20.95 -21.55
N GLU D 56 1.29 21.61 -20.39
CA GLU D 56 1.20 23.06 -20.33
C GLU D 56 2.31 23.72 -21.13
N LEU D 57 3.53 23.18 -21.03
CA LEU D 57 4.64 23.70 -21.84
C LEU D 57 4.34 23.58 -23.34
N VAL D 58 3.78 22.44 -23.74
CA VAL D 58 3.37 22.25 -25.12
C VAL D 58 2.37 23.32 -25.53
N PHE D 59 1.37 23.57 -24.69
CA PHE D 59 0.35 24.58 -24.99
C PHE D 59 0.95 25.97 -25.12
N SER D 60 1.89 26.32 -24.23
CA SER D 60 2.44 27.68 -24.15
C SER D 60 2.82 28.24 -25.51
N LEU D 61 3.12 27.38 -26.49
CA LEU D 61 3.52 27.84 -27.81
C LEU D 61 2.36 28.45 -28.60
N ASP D 62 1.12 28.11 -28.26
CA ASP D 62 -0.07 28.61 -28.95
C ASP D 62 -0.70 29.82 -28.27
N LYS D 63 -0.05 30.39 -27.26
CA LYS D 63 -0.77 31.18 -26.26
C LYS D 63 -0.24 32.60 -26.13
N ASN D 64 -1.02 33.39 -25.38
CA ASN D 64 -0.64 34.73 -24.98
C ASN D 64 0.72 34.74 -24.31
N VAL D 65 1.61 35.60 -24.81
CA VAL D 65 2.89 35.80 -24.12
C VAL D 65 2.63 36.59 -22.84
N ASN D 66 2.98 36.00 -21.71
CA ASN D 66 2.72 36.59 -20.40
C ASN D 66 3.93 37.41 -19.96
N ILE D 67 3.73 38.72 -19.79
CA ILE D 67 4.77 39.64 -19.35
C ILE D 67 4.27 40.32 -18.09
N ALA D 68 5.12 40.36 -17.06
CA ALA D 68 4.68 40.77 -15.73
C ALA D 68 5.40 42.03 -15.28
N ILE D 69 4.65 42.91 -14.58
CA ILE D 69 5.17 44.17 -14.07
C ILE D 69 5.53 44.00 -12.59
N ILE D 70 6.80 44.20 -12.27
CA ILE D 70 7.36 43.97 -10.94
C ILE D 70 7.61 45.33 -10.29
N GLY D 71 6.76 45.71 -9.32
CA GLY D 71 6.87 46.98 -8.65
C GLY D 71 7.52 46.90 -7.27
N GLN D 72 7.91 48.07 -6.75
CA GLN D 72 8.57 48.22 -5.47
C GLN D 72 7.56 48.58 -4.38
N PHE D 73 8.08 49.00 -3.21
CA PHE D 73 7.24 49.35 -2.06
C PHE D 73 6.04 50.20 -2.47
N SER D 74 6.28 51.28 -3.22
CA SER D 74 5.22 51.90 -4.02
C SER D 74 5.93 52.72 -5.09
N SER D 75 6.19 52.09 -6.24
CA SER D 75 6.93 52.71 -7.32
C SER D 75 6.04 53.21 -8.47
N GLY D 76 4.73 53.30 -8.25
CA GLY D 76 3.86 53.80 -9.29
C GLY D 76 3.53 52.82 -10.40
N LYS D 77 3.55 51.50 -10.13
CA LYS D 77 3.22 50.55 -11.18
C LYS D 77 1.74 50.61 -11.55
N SER D 78 0.88 50.92 -10.59
CA SER D 78 -0.55 50.96 -10.85
C SER D 78 -0.90 52.09 -11.83
N SER D 79 -0.29 53.26 -11.66
CA SER D 79 -0.53 54.35 -12.58
C SER D 79 0.00 54.03 -13.98
N LEU D 80 1.13 53.33 -14.06
CA LEU D 80 1.64 52.85 -15.34
C LEU D 80 0.64 51.90 -16.00
N LEU D 81 0.09 50.96 -15.23
CA LEU D 81 -0.94 50.07 -15.77
C LEU D 81 -2.15 50.87 -16.25
N ASN D 82 -2.56 51.88 -15.49
CA ASN D 82 -3.66 52.75 -15.89
C ASN D 82 -3.35 53.41 -17.23
N LEU D 83 -2.14 53.96 -17.36
CA LEU D 83 -1.72 54.59 -18.60
C LEU D 83 -1.79 53.60 -19.76
N ILE D 84 -1.31 52.38 -19.55
CA ILE D 84 -1.40 51.35 -20.58
C ILE D 84 -2.86 51.13 -20.98
N LEU D 85 -3.74 51.02 -19.98
CA LEU D 85 -5.17 50.81 -20.24
C LEU D 85 -5.84 52.04 -20.83
N GLY D 86 -5.28 53.22 -20.61
CA GLY D 86 -5.93 54.45 -21.03
C GLY D 86 -6.86 54.95 -19.95
N ARG D 87 -7.85 54.12 -19.61
CA ARG D 87 -8.64 54.33 -18.41
C ARG D 87 -7.84 53.87 -17.20
N ASP D 88 -8.27 54.30 -16.01
CA ASP D 88 -7.42 54.15 -14.82
C ASP D 88 -8.12 53.33 -13.75
N CYS D 89 -7.31 52.69 -12.90
CA CYS D 89 -7.81 51.77 -11.88
C CYS D 89 -6.89 51.84 -10.66
N LEU D 90 -7.32 52.60 -9.65
CA LEU D 90 -6.74 52.58 -8.31
C LEU D 90 -5.28 53.02 -8.23
N PRO D 91 -4.99 54.32 -8.36
CA PRO D 91 -3.66 54.87 -8.06
C PRO D 91 -3.50 55.21 -6.57
N VAL D 95 -4.39 52.09 -0.74
CA VAL D 95 -3.10 52.40 -1.36
C VAL D 95 -2.06 51.62 -0.53
N PRO D 96 -1.25 50.81 -1.21
CA PRO D 96 -1.40 49.35 -1.07
C PRO D 96 -1.68 48.78 0.32
N VAL D 97 -2.93 48.35 0.44
CA VAL D 97 -3.35 47.22 1.25
C VAL D 97 -3.77 46.18 0.21
N THR D 98 -3.33 44.93 0.36
CA THR D 98 -2.87 44.29 -0.85
C THR D 98 -3.59 43.03 -1.33
N PHE D 99 -3.61 42.98 -2.67
CA PHE D 99 -3.31 41.90 -3.60
C PHE D 99 -4.13 40.66 -3.96
N LYS D 100 -4.86 40.80 -5.09
CA LYS D 100 -5.27 39.74 -6.03
C LYS D 100 -4.33 39.75 -7.24
N PRO D 101 -3.94 38.58 -7.77
CA PRO D 101 -3.22 38.57 -9.06
C PRO D 101 -4.11 39.07 -10.20
N THR D 102 -3.57 40.01 -10.98
CA THR D 102 -4.36 40.77 -11.95
C THR D 102 -3.78 40.63 -13.34
N PHE D 103 -4.67 40.63 -14.33
CA PHE D 103 -4.33 40.33 -15.72
C PHE D 103 -4.90 41.42 -16.62
N LEU D 104 -4.12 41.84 -17.59
CA LEU D 104 -4.56 42.81 -18.61
C LEU D 104 -4.64 42.05 -19.92
N ARG D 105 -5.87 41.77 -20.36
CA ARG D 105 -6.17 41.13 -21.65
C ARG D 105 -6.97 42.07 -22.55
N TYR D 106 -7.22 41.60 -23.77
CA TYR D 106 -7.81 42.41 -24.83
C TYR D 106 -9.29 42.09 -25.01
N ALA D 107 -10.06 43.12 -25.32
CA ALA D 107 -11.46 43.00 -25.69
C ALA D 107 -11.79 44.16 -26.63
N LYS D 108 -13.08 44.35 -26.91
CA LYS D 108 -13.54 45.57 -27.58
C LYS D 108 -14.20 46.55 -26.61
N GLU D 109 -14.33 46.19 -25.34
CA GLU D 109 -14.90 47.07 -24.33
C GLU D 109 -14.12 46.94 -23.03
N TYR D 110 -14.38 47.87 -22.13
CA TYR D 110 -13.76 47.87 -20.81
C TYR D 110 -14.66 47.11 -19.85
N PHE D 111 -14.24 45.92 -19.44
CA PHE D 111 -14.93 45.22 -18.38
C PHE D 111 -13.90 44.41 -17.61
N LEU D 112 -14.34 43.84 -16.50
CA LEU D 112 -13.50 43.04 -15.62
C LEU D 112 -14.13 41.66 -15.43
N ARG D 113 -13.29 40.64 -15.38
CA ARG D 113 -13.74 39.28 -15.14
C ARG D 113 -13.11 38.81 -13.84
N VAL D 114 -13.95 38.52 -12.86
CA VAL D 114 -13.53 38.18 -11.52
C VAL D 114 -13.72 36.69 -11.35
N GLU D 115 -12.62 35.96 -11.29
CA GLU D 115 -12.63 34.53 -11.08
C GLU D 115 -12.57 34.30 -9.56
N PHE D 116 -13.53 33.56 -9.03
CA PHE D 116 -13.58 33.35 -7.59
C PHE D 116 -12.91 32.04 -7.19
N GLU D 117 -12.60 31.94 -5.90
CA GLU D 117 -11.96 30.74 -5.36
C GLU D 117 -12.87 29.51 -5.50
N ASP D 118 -14.17 29.67 -5.25
CA ASP D 118 -15.11 28.56 -5.34
C ASP D 118 -15.27 28.01 -6.75
N GLY D 119 -14.62 28.62 -7.74
CA GLY D 119 -14.66 28.11 -9.11
C GLY D 119 -15.48 28.98 -10.03
N SER D 120 -16.59 29.53 -9.52
CA SER D 120 -17.40 30.46 -10.29
C SER D 120 -16.61 31.71 -10.67
N ASP D 121 -17.04 32.37 -11.74
CA ASP D 121 -16.55 33.69 -12.11
C ASP D 121 -17.75 34.60 -12.39
N ILE D 122 -17.45 35.88 -12.55
CA ILE D 122 -18.46 36.84 -13.04
C ILE D 122 -17.80 37.81 -14.01
N ILE D 123 -18.58 38.21 -15.01
CA ILE D 123 -18.18 39.26 -15.94
C ILE D 123 -18.94 40.51 -15.51
N THR D 124 -18.23 41.62 -15.33
CA THR D 124 -18.81 42.80 -14.70
C THR D 124 -18.10 44.06 -15.17
N ASN D 125 -18.52 45.20 -14.62
CA ASN D 125 -18.05 46.51 -15.02
C ASN D 125 -16.68 46.80 -14.42
N ILE D 126 -15.85 47.53 -15.18
CA ILE D 126 -14.47 47.76 -14.77
C ILE D 126 -14.42 48.73 -13.59
N GLU D 127 -15.43 49.59 -13.47
CA GLU D 127 -15.54 50.48 -12.31
C GLU D 127 -15.49 49.73 -10.99
N LYS D 128 -16.04 48.52 -10.95
CA LYS D 128 -16.12 47.75 -9.73
C LYS D 128 -14.77 47.17 -9.29
N LEU D 129 -13.71 47.36 -10.10
CA LEU D 129 -12.43 46.71 -9.82
C LEU D 129 -11.99 46.91 -8.38
N ALA D 130 -12.03 48.14 -7.90
CA ALA D 130 -11.53 48.46 -6.57
C ALA D 130 -12.21 47.59 -5.52
N PHE D 131 -13.54 47.49 -5.60
CA PHE D 131 -14.29 46.72 -4.61
C PHE D 131 -13.80 45.28 -4.59
N TYR D 132 -13.56 44.68 -5.76
CA TYR D 132 -13.10 43.30 -5.78
C TYR D 132 -11.62 43.16 -5.39
N THR D 133 -10.84 44.23 -5.47
CA THR D 133 -9.49 44.17 -4.90
C THR D 133 -9.56 44.13 -3.37
N ASP D 134 -10.21 45.12 -2.76
CA ASP D 134 -10.30 45.21 -1.31
C ASP D 134 -11.14 44.08 -0.73
N GLN D 135 -10.56 43.41 0.27
CA GLN D 135 -11.18 42.27 0.93
C GLN D 135 -12.51 42.64 1.59
N ARG D 136 -13.34 41.61 1.80
CA ARG D 136 -14.54 41.65 2.62
C ARG D 136 -14.44 40.56 3.69
N ASN D 137 -15.49 40.45 4.50
CA ASN D 137 -15.56 39.44 5.55
C ASN D 137 -16.13 38.09 5.09
N GLU D 138 -17.32 38.10 4.46
CA GLU D 138 -18.02 36.83 4.22
C GLU D 138 -18.60 36.69 2.81
N VAL D 139 -18.09 37.43 1.83
CA VAL D 139 -18.44 37.19 0.43
C VAL D 139 -17.26 36.54 -0.30
N LYS D 140 -17.59 35.79 -1.37
CA LYS D 140 -16.62 35.06 -2.19
C LYS D 140 -15.33 35.84 -2.41
N GLN D 141 -14.23 35.36 -1.84
CA GLN D 141 -12.95 35.99 -2.09
C GLN D 141 -12.47 35.67 -3.50
N ALA D 142 -12.12 36.71 -4.25
CA ALA D 142 -11.63 36.53 -5.61
C ALA D 142 -10.30 35.79 -5.62
N LYS D 143 -10.19 34.80 -6.51
CA LYS D 143 -8.92 34.11 -6.74
C LYS D 143 -8.01 34.92 -7.64
N SER D 144 -8.58 35.58 -8.65
CA SER D 144 -7.82 36.36 -9.61
C SER D 144 -8.71 37.40 -10.26
N LEU D 145 -8.08 38.40 -10.86
CA LEU D 145 -8.76 39.52 -11.50
C LEU D 145 -8.31 39.62 -12.95
N HIS D 146 -9.28 39.77 -13.86
CA HIS D 146 -9.02 39.78 -15.29
C HIS D 146 -9.62 41.04 -15.93
N ILE D 147 -8.82 42.09 -16.02
CA ILE D 147 -9.19 43.31 -16.72
C ILE D 147 -9.17 43.03 -18.22
N PHE D 148 -10.28 43.31 -18.90
CA PHE D 148 -10.36 43.28 -20.36
C PHE D 148 -10.49 44.70 -20.88
N ALA D 149 -9.59 45.09 -21.78
CA ALA D 149 -9.53 46.46 -22.28
C ALA D 149 -9.24 46.44 -23.77
N PRO D 150 -9.79 47.41 -24.52
CA PRO D 150 -9.58 47.47 -25.98
C PRO D 150 -8.32 48.22 -26.37
N ILE D 151 -7.18 47.72 -25.91
CA ILE D 151 -5.88 48.33 -26.18
C ILE D 151 -5.06 47.38 -27.04
N PRO D 152 -4.52 47.83 -28.18
CA PRO D 152 -3.45 47.07 -28.82
C PRO D 152 -2.31 46.85 -27.83
N LEU D 153 -1.49 45.83 -28.05
CA LEU D 153 -0.49 45.31 -27.12
C LEU D 153 -1.08 44.37 -26.09
N LEU D 154 -2.40 44.39 -25.93
CA LEU D 154 -3.06 43.33 -25.19
C LEU D 154 -3.48 42.17 -26.08
N GLU D 155 -3.50 42.40 -27.39
CA GLU D 155 -3.53 41.30 -28.36
C GLU D 155 -2.27 40.45 -28.21
N LYS D 156 -2.40 39.29 -27.58
CA LYS D 156 -1.38 38.24 -27.52
C LYS D 156 -0.14 38.64 -26.73
N ILE D 157 -0.14 39.78 -26.05
CA ILE D 157 0.99 40.21 -25.23
C ILE D 157 0.51 40.63 -23.84
N THR D 158 -0.34 39.83 -23.23
CA THR D 158 -1.10 40.26 -22.06
C THR D 158 -0.21 40.44 -20.84
N LEU D 159 -0.67 41.28 -19.90
CA LEU D 159 0.15 41.77 -18.82
C LEU D 159 -0.30 41.17 -17.49
N VAL D 160 0.66 40.97 -16.58
CA VAL D 160 0.40 40.32 -15.29
C VAL D 160 0.98 41.16 -14.17
N ASP D 161 0.13 41.52 -13.20
CA ASP D 161 0.52 42.34 -12.06
C ASP D 161 1.06 41.47 -10.93
N THR D 162 2.17 41.90 -10.35
CA THR D 162 2.88 41.19 -9.29
C THR D 162 2.84 41.99 -7.98
N PRO D 163 3.11 41.36 -6.84
CA PRO D 163 3.03 42.07 -5.56
C PRO D 163 4.17 43.06 -5.40
N GLY D 164 4.04 43.89 -4.36
CA GLY D 164 5.13 44.78 -3.97
C GLY D 164 6.22 44.05 -3.21
N LEU D 165 7.47 44.37 -3.55
CA LEU D 165 8.65 43.75 -2.92
C LEU D 165 8.93 44.45 -1.59
N ASN D 166 8.20 44.00 -0.55
CA ASN D 166 8.31 44.60 0.78
C ASN D 166 9.48 44.03 1.57
N ALA D 167 10.69 44.25 1.04
CA ALA D 167 11.94 43.83 1.67
C ALA D 167 11.89 42.39 2.17
N ASN D 168 11.71 41.48 1.23
CA ASN D 168 11.56 40.05 1.53
C ASN D 168 12.50 39.27 0.61
N GLU D 169 13.47 38.57 1.20
CA GLU D 169 14.40 37.79 0.41
C GLU D 169 13.73 36.54 -0.15
N ASN D 170 12.82 35.93 0.60
CA ASN D 170 12.12 34.72 0.18
C ASN D 170 10.79 35.02 -0.51
N ASP D 171 10.49 36.29 -0.79
CA ASP D 171 9.28 36.63 -1.53
C ASP D 171 9.30 35.95 -2.90
N THR D 172 10.47 35.91 -3.53
CA THR D 172 10.60 35.51 -4.93
C THR D 172 10.16 34.06 -5.15
N LEU D 173 10.73 33.12 -4.39
CA LEU D 173 10.38 31.72 -4.58
C LEU D 173 8.90 31.48 -4.31
N THR D 174 8.36 32.13 -3.29
CA THR D 174 6.93 32.01 -3.02
C THR D 174 6.10 32.51 -4.21
N THR D 175 6.47 33.66 -4.77
CA THR D 175 5.78 34.18 -5.95
C THR D 175 5.85 33.19 -7.11
N LEU D 176 7.04 32.63 -7.35
CA LEU D 176 7.21 31.66 -8.42
C LEU D 176 6.31 30.45 -8.21
N ASP D 177 6.27 29.94 -6.96
CA ASP D 177 5.38 28.82 -6.65
C ASP D 177 3.93 29.18 -6.91
N GLU D 178 3.52 30.40 -6.54
CA GLU D 178 2.14 30.83 -6.77
C GLU D 178 1.79 30.83 -8.25
N LEU D 179 2.59 31.52 -9.06
CA LEU D 179 2.18 31.93 -10.40
C LEU D 179 3.29 31.56 -11.37
N LYS D 180 2.89 31.08 -12.55
CA LYS D 180 3.84 30.55 -13.51
C LYS D 180 3.56 31.06 -14.92
N ASN D 181 3.92 30.28 -15.93
CA ASN D 181 4.84 30.66 -16.99
C ASN D 181 4.84 32.15 -17.34
N ILE D 182 6.00 32.76 -17.10
CA ILE D 182 6.29 34.16 -17.35
C ILE D 182 7.37 34.20 -18.42
N HIS D 183 7.13 34.93 -19.50
CA HIS D 183 8.11 35.06 -20.56
C HIS D 183 9.03 36.25 -20.37
N GLY D 184 8.54 37.34 -19.80
CA GLY D 184 9.38 38.50 -19.53
C GLY D 184 8.75 39.40 -18.49
N ALA D 185 9.43 40.50 -18.20
CA ALA D 185 8.98 41.37 -17.13
C ALA D 185 9.47 42.81 -17.30
N ILE D 186 8.81 43.68 -16.55
CA ILE D 186 9.07 45.11 -16.53
C ILE D 186 9.36 45.44 -15.08
N TRP D 187 10.63 45.68 -14.76
CA TRP D 187 11.06 46.00 -13.41
C TRP D 187 10.97 47.50 -13.17
N LEU D 188 10.05 47.91 -12.30
CA LEU D 188 9.83 49.33 -12.02
C LEU D 188 10.53 49.69 -10.72
N SER D 189 11.29 50.79 -10.73
CA SER D 189 12.09 51.22 -9.60
C SER D 189 12.11 52.74 -9.54
N LEU D 190 12.26 53.27 -8.32
CA LEU D 190 12.43 54.71 -8.17
C LEU D 190 13.91 55.08 -8.33
N ILE D 191 14.17 56.39 -8.32
CA ILE D 191 15.51 56.94 -8.54
C ILE D 191 16.56 56.30 -7.63
N ASP D 192 16.18 55.94 -6.40
CA ASP D 192 17.11 55.28 -5.50
C ASP D 192 17.61 53.95 -6.08
N ASN D 193 18.93 53.79 -6.12
CA ASN D 193 19.58 52.59 -6.63
C ASN D 193 20.56 51.98 -5.63
N ALA D 194 20.11 51.68 -4.41
CA ALA D 194 21.02 51.14 -3.41
C ALA D 194 21.43 49.71 -3.73
N GLY D 195 22.45 49.22 -3.01
CA GLY D 195 22.90 47.84 -3.15
C GLY D 195 21.84 46.82 -2.82
N LYS D 196 20.96 47.14 -1.88
CA LYS D 196 19.88 46.24 -1.52
C LYS D 196 19.02 45.90 -2.74
N LYS D 197 18.67 46.92 -3.52
CA LYS D 197 17.87 46.68 -4.72
C LYS D 197 18.65 45.87 -5.75
N SER D 198 19.96 46.12 -5.88
CA SER D 198 20.78 45.35 -6.80
C SER D 198 20.75 43.87 -6.45
N GLU D 199 21.03 43.55 -5.18
CA GLU D 199 20.99 42.16 -4.72
C GLU D 199 19.59 41.56 -4.90
N GLU D 200 18.56 42.31 -4.53
CA GLU D 200 17.20 41.79 -4.56
C GLU D 200 16.72 41.51 -5.98
N ASP D 201 17.12 42.33 -6.95
CA ASP D 201 16.78 42.04 -8.34
C ASP D 201 17.34 40.69 -8.76
N ALA D 202 18.61 40.44 -8.42
CA ALA D 202 19.24 39.17 -8.78
C ALA D 202 18.51 38.00 -8.11
N ILE D 203 18.26 38.11 -6.80
CA ILE D 203 17.59 37.00 -6.11
C ILE D 203 16.18 36.80 -6.66
N LYS D 204 15.51 37.88 -7.05
CA LYS D 204 14.18 37.77 -7.63
C LYS D 204 14.25 36.96 -8.92
N ALA D 205 14.90 37.51 -9.93
CA ALA D 205 14.94 36.94 -11.28
C ALA D 205 16.37 37.00 -11.72
N ASN D 206 17.15 35.94 -11.49
CA ASN D 206 18.46 35.88 -12.11
C ASN D 206 18.31 35.36 -13.54
N LEU D 207 17.72 34.18 -13.70
CA LEU D 207 17.34 33.67 -15.01
C LEU D 207 15.93 33.09 -14.92
N GLU D 208 15.58 32.67 -13.71
CA GLU D 208 14.31 31.97 -13.48
C GLU D 208 13.12 32.81 -13.93
N LEU D 209 13.08 34.10 -13.56
CA LEU D 209 11.81 34.82 -13.68
C LEU D 209 11.78 35.92 -14.73
N LEU D 210 12.87 36.64 -15.02
CA LEU D 210 12.73 37.72 -15.99
C LEU D 210 13.64 37.49 -17.19
N GLY D 211 14.94 37.24 -16.99
CA GLY D 211 15.87 37.59 -18.05
C GLY D 211 16.46 36.64 -19.07
N GLU D 212 15.99 36.80 -20.31
CA GLU D 212 16.82 37.26 -21.41
C GLU D 212 16.33 38.62 -21.87
N ASN D 213 15.07 38.70 -22.28
CA ASN D 213 14.42 39.97 -22.60
C ASN D 213 13.54 40.42 -21.44
N SER D 214 13.89 41.56 -20.86
CA SER D 214 13.09 42.22 -19.83
C SER D 214 13.63 43.64 -19.71
N ILE D 215 12.81 44.55 -19.18
CA ILE D 215 13.18 45.95 -19.10
C ILE D 215 13.34 46.38 -17.65
N CYS D 216 14.29 47.28 -17.42
CA CYS D 216 14.43 48.05 -16.20
C CYS D 216 13.90 49.47 -16.44
N VAL D 217 13.11 49.98 -15.50
CA VAL D 217 12.46 51.28 -15.64
C VAL D 217 12.68 52.06 -14.35
N LEU D 218 13.51 53.11 -14.42
CA LEU D 218 13.55 54.13 -13.39
C LEU D 218 12.35 55.04 -13.55
N ASN D 219 11.74 55.42 -12.43
CA ASN D 219 10.60 56.33 -12.54
C ASN D 219 11.03 57.79 -12.45
N GLN D 220 10.06 58.69 -12.64
CA GLN D 220 10.06 60.03 -12.05
C GLN D 220 11.33 60.85 -12.31
N LYS D 221 11.70 60.97 -13.58
CA LYS D 221 12.78 61.89 -13.93
C LYS D 221 12.41 63.33 -13.57
N ASP D 222 11.14 63.71 -13.75
CA ASP D 222 10.72 65.10 -13.67
C ASP D 222 10.84 65.67 -12.26
N LYS D 223 10.82 64.83 -11.23
CA LYS D 223 10.83 65.30 -9.84
C LYS D 223 12.22 65.69 -9.34
N LEU D 224 13.28 65.30 -10.03
CA LEU D 224 14.63 65.70 -9.64
C LEU D 224 14.98 67.09 -10.17
N GLU D 228 17.60 66.62 -16.20
CA GLU D 228 18.68 67.28 -15.48
C GLU D 228 20.02 66.66 -15.85
N LEU D 229 21.11 67.39 -15.58
CA LEU D 229 22.44 66.78 -15.67
C LEU D 229 22.62 65.69 -14.61
N ASP D 230 22.14 65.95 -13.39
CA ASP D 230 22.23 64.96 -12.32
C ASP D 230 21.50 63.68 -12.70
N ASN D 231 20.27 63.83 -13.21
CA ASN D 231 19.50 62.65 -13.63
C ASN D 231 20.23 61.91 -14.75
N VAL D 232 20.83 62.65 -15.68
CA VAL D 232 21.61 62.04 -16.75
C VAL D 232 22.77 61.23 -16.19
N LEU D 233 23.50 61.81 -15.22
CA LEU D 233 24.60 61.09 -14.60
C LEU D 233 24.12 59.82 -13.91
N ASN D 234 23.01 59.89 -13.19
CA ASN D 234 22.50 58.69 -12.50
C ASN D 234 22.06 57.61 -13.48
N TYR D 235 21.37 57.97 -14.57
CA TYR D 235 21.04 56.92 -15.55
C TYR D 235 22.30 56.31 -16.13
N ALA D 236 23.32 57.13 -16.41
CA ALA D 236 24.58 56.56 -16.88
C ALA D 236 25.15 55.55 -15.88
N LYS D 237 25.13 55.92 -14.59
CA LYS D 237 25.61 55.02 -13.54
C LYS D 237 24.85 53.71 -13.56
N SER D 238 23.51 53.79 -13.63
CA SER D 238 22.69 52.59 -13.66
C SER D 238 23.01 51.72 -14.87
N VAL D 239 23.17 52.34 -16.04
CA VAL D 239 23.60 51.62 -17.24
C VAL D 239 24.89 50.87 -16.95
N PHE D 240 25.87 51.56 -16.36
CA PHE D 240 27.16 50.93 -16.08
C PHE D 240 27.00 49.75 -15.15
N LEU D 241 26.11 49.87 -14.16
CA LEU D 241 25.88 48.76 -13.22
C LEU D 241 25.16 47.58 -13.87
N LYS D 242 23.97 47.82 -14.42
CA LYS D 242 22.98 46.78 -14.73
C LYS D 242 22.84 46.47 -16.22
N TYR D 243 23.71 45.59 -16.73
CA TYR D 243 23.42 44.90 -17.99
C TYR D 243 22.61 43.62 -17.78
N PHE D 244 22.22 43.31 -16.54
CA PHE D 244 21.38 42.14 -16.26
C PHE D 244 20.16 42.09 -17.16
N ASN D 245 19.32 43.11 -17.05
CA ASN D 245 18.12 43.24 -17.86
C ASN D 245 18.53 43.43 -19.33
N GLU D 246 17.55 43.36 -20.22
CA GLU D 246 17.81 43.43 -21.65
C GLU D 246 18.19 44.86 -22.02
N LEU D 247 18.10 45.18 -23.30
CA LEU D 247 18.56 46.45 -23.82
C LEU D 247 17.94 47.62 -23.05
N ILE D 248 18.58 48.77 -23.14
CA ILE D 248 18.69 49.85 -22.14
C ILE D 248 17.46 50.06 -21.26
N ALA D 249 17.72 50.34 -19.99
CA ALA D 249 16.72 50.75 -19.03
C ALA D 249 16.21 52.13 -19.40
N ILE D 250 14.99 52.45 -18.97
CA ILE D 250 14.33 53.68 -19.42
C ILE D 250 13.55 54.28 -18.24
N SER D 251 13.16 55.55 -18.40
CA SER D 251 12.47 56.25 -17.32
C SER D 251 11.30 57.09 -17.81
N CYS D 252 10.26 57.21 -16.97
CA CYS D 252 9.52 58.44 -16.72
C CYS D 252 8.19 58.22 -15.98
N LYS D 253 7.44 59.30 -15.81
CA LYS D 253 6.02 59.27 -15.42
C LYS D 253 5.31 60.41 -16.16
N GLU D 254 4.13 60.80 -15.66
CA GLU D 254 3.48 62.11 -15.81
C GLU D 254 2.63 62.33 -17.08
N ALA D 255 2.53 61.38 -18.00
CA ALA D 255 1.65 61.63 -19.15
C ALA D 255 0.25 62.06 -18.71
N LYS D 256 -0.56 61.13 -18.20
CA LYS D 256 -1.73 61.39 -17.36
C LYS D 256 -2.45 62.72 -17.57
N ASP D 257 -3.12 62.92 -18.72
CA ASP D 257 -3.83 64.17 -19.09
C ASP D 257 -2.94 65.26 -19.69
N GLU D 258 -1.69 64.96 -20.04
CA GLU D 258 -0.89 65.89 -20.82
C GLU D 258 -1.22 65.80 -22.30
N GLN D 259 -1.42 66.98 -22.91
CA GLN D 259 -1.58 67.05 -24.36
C GLN D 259 -0.35 66.50 -25.07
N SER D 260 0.84 66.86 -24.57
CA SER D 260 2.09 66.33 -25.10
C SER D 260 2.06 64.81 -25.23
N TYR D 261 1.51 64.13 -24.21
CA TYR D 261 1.70 62.70 -23.97
C TYR D 261 3.15 62.29 -23.80
N GLU D 262 4.09 63.23 -23.73
CA GLU D 262 5.46 62.72 -23.85
C GLU D 262 6.52 63.67 -23.29
N LYS D 263 7.76 63.44 -23.72
CA LYS D 263 8.99 63.42 -22.93
C LYS D 263 8.63 62.83 -21.58
N SER D 264 7.94 61.69 -21.68
CA SER D 264 7.76 60.71 -20.62
C SER D 264 8.37 59.40 -21.08
N ASN D 265 9.05 59.41 -22.23
CA ASN D 265 9.69 58.24 -22.81
C ASN D 265 8.71 57.08 -22.88
N PHE D 266 7.42 57.38 -22.66
CA PHE D 266 6.42 56.34 -22.48
C PHE D 266 6.21 55.59 -23.79
N GLN D 267 6.20 56.32 -24.91
CA GLN D 267 6.15 55.68 -26.21
C GLN D 267 7.38 54.83 -26.49
N SER D 268 8.50 55.07 -25.80
CA SER D 268 9.65 54.17 -25.94
C SER D 268 9.35 52.82 -25.31
N LEU D 269 8.80 52.82 -24.08
CA LEU D 269 8.39 51.58 -23.43
C LEU D 269 7.33 50.86 -24.26
N LEU D 270 6.29 51.58 -24.65
CA LEU D 270 5.24 51.02 -25.50
C LEU D 270 5.82 50.40 -26.77
N ASP D 271 6.69 51.15 -27.46
CA ASP D 271 7.31 50.65 -28.68
C ASP D 271 8.08 49.36 -28.43
N PHE D 272 8.83 49.31 -27.32
CA PHE D 272 9.56 48.08 -26.99
C PHE D 272 8.60 46.90 -26.85
N LEU D 273 7.57 47.07 -26.01
CA LEU D 273 6.61 45.98 -25.81
C LEU D 273 5.98 45.55 -27.13
N THR D 274 5.75 46.51 -28.03
CA THR D 274 5.26 46.14 -29.36
C THR D 274 6.28 45.30 -30.11
N GLN D 275 7.54 45.72 -30.10
CA GLN D 275 8.58 45.16 -30.94
C GLN D 275 9.13 43.82 -30.46
N LEU D 276 8.70 43.32 -29.29
CA LEU D 276 9.15 42.01 -28.83
C LEU D 276 8.82 40.91 -29.84
N ASP D 277 9.81 40.04 -30.08
CA ASP D 277 9.61 38.84 -30.89
C ASP D 277 9.05 37.76 -29.96
N THR D 278 7.72 37.72 -29.86
CA THR D 278 7.04 36.87 -28.90
C THR D 278 7.42 35.39 -29.06
N THR D 279 7.46 34.92 -30.31
CA THR D 279 7.69 33.50 -30.59
C THR D 279 9.04 33.05 -30.02
N VAL D 280 10.09 33.84 -30.23
CA VAL D 280 11.41 33.51 -29.72
C VAL D 280 11.37 33.39 -28.20
N LEU D 281 10.72 34.33 -27.53
CA LEU D 281 10.60 34.29 -26.08
C LEU D 281 9.94 33.00 -25.62
N LYS D 282 8.81 32.65 -26.24
CA LYS D 282 8.09 31.43 -25.88
C LYS D 282 8.99 30.21 -26.06
N GLU D 283 9.67 30.14 -27.20
CA GLU D 283 10.50 28.98 -27.53
C GLU D 283 11.64 28.82 -26.52
N LYS D 284 12.34 29.93 -26.23
CA LYS D 284 13.43 29.88 -25.27
C LYS D 284 12.94 29.46 -23.89
N PHE D 285 11.79 30.01 -23.47
CA PHE D 285 11.22 29.61 -22.18
C PHE D 285 10.98 28.11 -22.13
N VAL D 286 10.35 27.56 -23.19
CA VAL D 286 10.06 26.13 -23.23
C VAL D 286 11.34 25.33 -23.17
N LYS D 287 12.36 25.74 -23.94
CA LYS D 287 13.65 25.05 -23.91
C LYS D 287 14.23 25.02 -22.51
N ARG D 288 14.21 26.17 -21.82
CA ARG D 288 14.72 26.26 -20.46
C ARG D 288 13.99 25.30 -19.54
N LYS D 289 12.65 25.30 -19.60
CA LYS D 289 11.88 24.43 -18.72
C LYS D 289 12.16 22.96 -18.99
N ILE D 290 12.24 22.57 -20.26
CA ILE D 290 12.50 21.17 -20.57
C ILE D 290 13.89 20.76 -20.11
N LEU D 291 14.88 21.65 -20.25
CA LEU D 291 16.21 21.36 -19.72
C LEU D 291 16.17 21.18 -18.20
N ASN D 292 15.41 22.03 -17.50
CA ASN D 292 15.25 21.87 -16.05
C ASN D 292 14.66 20.50 -15.72
N LEU D 293 13.60 20.10 -16.44
CA LEU D 293 12.98 18.81 -16.19
C LEU D 293 13.95 17.67 -16.40
N CYS D 294 14.73 17.74 -17.49
CA CYS D 294 15.75 16.72 -17.75
C CYS D 294 16.75 16.66 -16.61
N GLU D 295 17.17 17.82 -16.12
CA GLU D 295 18.08 17.90 -14.98
C GLU D 295 17.52 17.16 -13.77
N ILE D 296 16.26 17.44 -13.44
CA ILE D 296 15.62 16.80 -12.29
C ILE D 296 15.59 15.28 -12.47
N LEU D 297 15.15 14.83 -13.65
CA LEU D 297 15.08 13.40 -13.92
C LEU D 297 16.44 12.73 -13.78
N GLU D 298 17.49 13.37 -14.32
CA GLU D 298 18.84 12.84 -14.15
C GLU D 298 19.24 12.76 -12.68
N ASP D 299 18.86 13.78 -11.89
CA ASP D 299 19.10 13.75 -10.45
C ASP D 299 18.54 12.47 -9.84
N GLU D 300 17.25 12.21 -10.11
CA GLU D 300 16.59 11.03 -9.58
C GLU D 300 17.31 9.74 -9.99
N ASN D 301 17.63 9.64 -11.29
CA ASN D 301 18.28 8.45 -11.80
C ASN D 301 19.61 8.22 -11.11
N GLN D 302 20.41 9.27 -10.96
CA GLN D 302 21.70 9.13 -10.30
C GLN D 302 21.55 8.72 -8.84
N LEU D 303 20.52 9.23 -8.16
CA LEU D 303 20.24 8.77 -6.79
C LEU D 303 20.06 7.25 -6.75
N PHE D 304 19.21 6.73 -7.64
CA PHE D 304 18.95 5.29 -7.67
C PHE D 304 20.25 4.51 -7.93
N VAL D 305 21.01 4.97 -8.93
CA VAL D 305 22.29 4.36 -9.28
C VAL D 305 23.21 4.33 -8.06
N GLY D 306 23.28 5.44 -7.33
CA GLY D 306 24.12 5.51 -6.15
C GLY D 306 23.73 4.51 -5.10
N ILE D 307 22.42 4.32 -4.88
CA ILE D 307 21.96 3.30 -3.92
C ILE D 307 22.51 1.92 -4.30
N PHE D 308 22.32 1.54 -5.57
CA PHE D 308 22.81 0.24 -6.01
C PHE D 308 24.34 0.14 -5.88
N ASP D 309 25.05 1.20 -6.22
CA ASP D 309 26.50 1.23 -6.06
C ASP D 309 26.91 1.04 -4.61
N ARG D 310 26.18 1.64 -3.68
CA ARG D 310 26.43 1.43 -2.25
C ARG D 310 26.33 -0.06 -1.90
N LEU D 311 25.27 -0.71 -2.36
CA LEU D 311 25.12 -2.14 -2.08
C LEU D 311 26.30 -2.94 -2.62
N LEU D 312 26.67 -2.67 -3.88
CA LEU D 312 27.81 -3.36 -4.49
C LEU D 312 29.10 -3.12 -3.70
N ASN D 313 29.34 -1.88 -3.28
CA ASN D 313 30.51 -1.55 -2.48
C ASN D 313 30.52 -2.34 -1.18
N GLN D 314 29.35 -2.48 -0.55
CA GLN D 314 29.24 -3.29 0.67
C GLN D 314 29.69 -4.72 0.40
N PHE D 315 29.21 -5.31 -0.69
CA PHE D 315 29.62 -6.67 -1.05
C PHE D 315 31.14 -6.75 -1.25
N GLN D 316 31.71 -5.78 -1.97
CA GLN D 316 33.15 -5.75 -2.20
C GLN D 316 33.92 -5.68 -0.88
N SER D 317 33.46 -4.83 0.03
CA SER D 317 34.11 -4.70 1.33
C SER D 317 34.07 -6.02 2.10
N TYR D 318 32.90 -6.69 2.09
CA TYR D 318 32.79 -7.97 2.77
C TYR D 318 33.77 -8.99 2.19
N GLU D 319 33.87 -9.06 0.86
CA GLU D 319 34.83 -9.96 0.24
C GLU D 319 36.26 -9.64 0.68
N LYS D 320 36.62 -8.35 0.66
CA LYS D 320 37.96 -7.93 1.07
C LYS D 320 38.25 -8.36 2.50
N HIS D 321 37.30 -8.15 3.41
CA HIS D 321 37.49 -8.54 4.81
C HIS D 321 37.67 -10.05 4.94
N LEU D 322 36.85 -10.82 4.22
CA LEU D 322 37.00 -12.28 4.26
C LEU D 322 38.39 -12.70 3.81
N LEU D 323 38.85 -12.13 2.69
CA LEU D 323 40.18 -12.46 2.20
C LEU D 323 41.27 -12.09 3.21
N LEU D 324 41.11 -10.95 3.90
CA LEU D 324 42.06 -10.59 4.94
C LEU D 324 42.09 -11.64 6.05
N ALA D 325 40.93 -11.93 6.64
CA ALA D 325 40.89 -12.75 7.84
C ALA D 325 41.22 -14.22 7.57
N TYR D 326 41.06 -14.65 6.32
CA TYR D 326 41.14 -16.07 6.00
C TYR D 326 42.53 -16.64 6.12
N GLU D 327 43.54 -15.81 5.91
CA GLU D 327 44.90 -16.30 6.03
C GLU D 327 45.17 -16.76 7.46
N ASN D 328 44.88 -15.90 8.42
CA ASN D 328 45.04 -16.24 9.82
C ASN D 328 44.11 -17.39 10.19
N PHE D 329 42.88 -17.37 9.68
CA PHE D 329 41.91 -18.40 10.01
C PHE D 329 42.42 -19.78 9.57
N LEU D 330 42.92 -19.85 8.33
CA LEU D 330 43.45 -21.08 7.78
C LEU D 330 44.67 -21.56 8.56
N LYS D 331 45.55 -20.63 8.94
CA LYS D 331 46.71 -21.03 9.74
C LYS D 331 46.29 -21.60 11.08
N GLU D 332 45.29 -20.98 11.72
CA GLU D 332 44.77 -21.52 12.98
C GLU D 332 44.22 -22.93 12.79
N ILE D 333 43.47 -23.14 11.70
CA ILE D 333 42.91 -24.46 11.43
C ILE D 333 44.01 -25.50 11.24
N GLU D 334 45.06 -25.16 10.50
CA GLU D 334 46.20 -26.07 10.34
C GLU D 334 46.82 -26.41 11.69
N ILE D 335 47.04 -25.39 12.51
CA ILE D 335 47.57 -25.60 13.86
C ILE D 335 46.71 -26.57 14.63
N LEU D 336 45.39 -26.38 14.56
CA LEU D 336 44.46 -27.27 15.26
C LEU D 336 44.56 -28.71 14.75
N ASN D 337 44.69 -28.89 13.44
CA ASN D 337 44.93 -30.22 12.88
C ASN D 337 46.11 -30.89 13.58
N HIS D 338 47.26 -30.19 13.58
CA HIS D 338 48.46 -30.75 14.20
C HIS D 338 48.24 -31.04 15.68
N GLN D 339 47.57 -30.12 16.39
CA GLN D 339 47.31 -30.31 17.82
C GLN D 339 46.48 -31.56 18.06
N ILE D 340 45.43 -31.76 17.27
CA ILE D 340 44.60 -32.96 17.41
C ILE D 340 45.47 -34.21 17.26
N LEU D 341 46.29 -34.24 16.20
CA LEU D 341 47.13 -35.41 15.96
C LEU D 341 48.07 -35.67 17.13
N GLU D 342 48.71 -34.61 17.63
CA GLU D 342 49.65 -34.79 18.73
C GLU D 342 48.95 -35.20 20.02
N GLN D 343 47.73 -34.72 20.26
CA GLN D 343 46.95 -35.21 21.40
C GLN D 343 46.69 -36.70 21.27
N LEU D 344 46.29 -37.13 20.07
CA LEU D 344 46.07 -38.56 19.82
C LEU D 344 47.33 -39.36 20.13
N LYS D 345 48.47 -38.89 19.63
CA LYS D 345 49.72 -39.61 19.86
C LYS D 345 50.11 -39.64 21.33
N SER D 346 49.86 -38.56 22.06
CA SER D 346 50.10 -38.55 23.50
C SER D 346 49.23 -39.58 24.21
N ILE D 347 47.96 -39.66 23.84
CA ILE D 347 47.06 -40.67 24.41
C ILE D 347 47.60 -42.06 24.16
N SER D 348 48.01 -42.33 22.91
CA SER D 348 48.51 -43.65 22.57
C SER D 348 49.82 -43.96 23.29
N GLU D 349 50.66 -42.94 23.50
CA GLU D 349 51.89 -43.14 24.27
C GLU D 349 51.58 -43.49 25.72
N ARG D 350 50.63 -42.79 26.34
CA ARG D 350 50.25 -43.13 27.71
C ARG D 350 49.73 -44.56 27.80
N ILE D 351 48.86 -44.94 26.86
CA ILE D 351 48.29 -46.28 26.91
C ILE D 351 49.37 -47.33 26.66
N SER D 352 50.33 -47.04 25.78
CA SER D 352 51.39 -48.01 25.52
C SER D 352 52.37 -48.09 26.69
N SER D 353 52.51 -47.00 27.44
CA SER D 353 53.27 -47.05 28.68
C SER D 353 52.58 -47.97 29.68
N GLU D 354 51.28 -47.80 29.86
CA GLU D 354 50.56 -48.60 30.85
C GLU D 354 50.33 -50.05 30.41
N ILE D 355 50.40 -50.35 29.11
CA ILE D 355 50.40 -51.73 28.67
C ILE D 355 51.64 -52.44 29.20
N PHE D 356 52.77 -51.74 29.15
CA PHE D 356 54.01 -52.26 29.71
C PHE D 356 53.97 -52.47 31.21
N ALA D 357 52.96 -51.96 31.94
CA ALA D 357 53.15 -52.00 33.38
C ALA D 357 52.81 -53.42 33.80
N SER D 358 51.54 -53.77 33.91
CA SER D 358 50.83 -54.73 33.09
C SER D 358 51.66 -55.73 32.28
N VAL D 359 52.97 -55.87 32.53
CA VAL D 359 53.71 -57.00 31.98
C VAL D 359 54.51 -57.56 33.15
N LYS D 360 53.88 -58.43 33.92
CA LYS D 360 54.47 -58.94 35.14
C LYS D 360 55.30 -60.17 34.78
N GLU D 361 56.02 -60.71 35.76
CA GLU D 361 56.76 -61.94 35.56
C GLU D 361 56.52 -62.84 36.77
N LYS D 362 56.12 -64.07 36.52
CA LYS D 362 55.89 -65.03 37.60
C LYS D 362 56.40 -66.41 37.21
N ASP D 363 55.86 -67.40 37.90
CA ASP D 363 56.55 -68.43 38.66
C ASP D 363 56.90 -69.72 37.90
N ALA D 364 56.55 -69.86 36.61
CA ALA D 364 55.93 -71.09 36.12
C ALA D 364 56.84 -72.30 35.85
N TYR D 365 56.28 -73.29 35.13
CA TYR D 365 56.72 -74.68 35.15
C TYR D 365 56.72 -75.28 33.76
N PHE D 366 57.82 -75.94 33.39
CA PHE D 366 57.94 -76.69 32.14
C PHE D 366 58.51 -78.07 32.43
N TYR D 367 57.84 -79.14 32.01
CA TYR D 367 58.39 -80.40 32.46
C TYR D 367 57.95 -81.57 31.60
N LYS D 368 58.92 -82.42 31.24
CA LYS D 368 58.68 -83.57 30.38
C LYS D 368 59.81 -84.58 30.50
N GLU D 369 59.43 -85.86 30.47
CA GLU D 369 60.23 -87.07 30.24
C GLU D 369 61.58 -87.18 30.96
N SER D 370 61.54 -87.48 32.26
CA SER D 370 62.70 -87.80 33.11
C SER D 370 63.67 -88.79 32.46
N LYS D 371 63.14 -89.65 31.58
CA LYS D 371 63.94 -90.60 30.82
C LYS D 371 64.69 -91.71 31.57
N GLY D 372 63.98 -92.76 32.02
CA GLY D 372 64.73 -93.93 32.43
C GLY D 372 64.28 -94.91 33.50
N PHE D 373 62.97 -95.01 33.76
CA PHE D 373 62.42 -95.94 34.74
C PHE D 373 61.76 -97.14 34.05
N LEU D 374 61.44 -98.15 34.87
CA LEU D 374 60.81 -99.35 34.33
C LEU D 374 59.35 -99.07 34.01
N LYS D 375 58.72 -98.21 34.81
CA LYS D 375 57.42 -97.68 34.49
C LYS D 375 57.59 -96.34 33.79
N LYS D 376 56.69 -96.04 32.86
CA LYS D 376 56.66 -94.73 32.24
C LYS D 376 55.87 -93.80 33.17
N ASP D 377 55.51 -92.61 32.71
CA ASP D 377 54.79 -91.60 33.51
C ASP D 377 55.69 -90.98 34.58
N LEU D 378 56.94 -90.78 34.19
CA LEU D 378 58.03 -90.23 34.99
C LEU D 378 58.05 -88.70 35.09
N TYR D 379 58.37 -87.95 34.04
CA TYR D 379 58.13 -86.49 34.02
C TYR D 379 58.75 -85.60 35.12
N THR D 380 60.05 -85.30 34.97
CA THR D 380 60.82 -84.37 35.81
C THR D 380 60.52 -82.90 35.48
N ARG D 381 60.38 -82.08 36.53
CA ARG D 381 60.03 -80.67 36.41
C ARG D 381 61.23 -79.75 36.26
N TYR D 382 61.06 -78.70 35.47
CA TYR D 382 62.00 -77.59 35.34
C TYR D 382 61.25 -76.29 35.59
N ASP D 383 61.99 -75.27 36.00
CA ASP D 383 61.39 -74.05 36.55
C ASP D 383 61.51 -72.89 35.57
N TYR D 384 60.47 -72.06 35.51
CA TYR D 384 60.34 -70.97 34.54
C TYR D 384 60.29 -69.59 35.18
N LYS D 385 61.32 -68.81 34.88
CA LYS D 385 61.19 -67.42 34.46
C LYS D 385 60.02 -67.32 33.49
N ALA D 386 58.97 -66.56 33.84
CA ALA D 386 57.87 -66.58 32.85
C ALA D 386 57.10 -65.27 32.69
N PRO D 387 56.92 -64.79 31.46
CA PRO D 387 56.20 -63.53 31.22
C PRO D 387 54.70 -63.70 31.46
N TYR D 388 54.20 -62.96 32.43
CA TYR D 388 52.82 -63.00 32.90
C TYR D 388 52.16 -61.70 32.46
N ILE D 389 50.93 -61.80 31.94
CA ILE D 389 50.23 -60.65 31.38
C ILE D 389 48.79 -60.65 31.90
N SER D 390 48.30 -59.46 32.24
CA SER D 390 47.19 -59.27 33.18
C SER D 390 45.81 -59.45 32.55
N SER D 391 45.71 -59.51 31.23
CA SER D 391 44.89 -58.59 30.44
C SER D 391 43.77 -57.88 31.20
N ASP D 392 43.00 -58.56 32.05
CA ASP D 392 41.85 -57.85 32.59
C ASP D 392 42.19 -57.00 33.81
N ASP D 393 43.03 -57.51 34.71
CA ASP D 393 43.45 -56.74 35.88
C ASP D 393 44.13 -55.44 35.48
N ALA D 394 44.96 -55.49 34.43
CA ALA D 394 45.64 -54.29 33.96
C ALA D 394 44.65 -53.23 33.49
N PHE D 395 43.65 -53.64 32.72
CA PHE D 395 42.62 -52.69 32.27
C PHE D 395 41.90 -52.07 33.45
N LEU D 396 41.52 -52.90 34.42
CA LEU D 396 40.84 -52.36 35.61
C LEU D 396 41.73 -51.34 36.33
N ALA D 397 43.02 -51.65 36.47
CA ALA D 397 43.93 -50.69 37.09
C ALA D 397 44.00 -49.40 36.31
N MET D 398 44.07 -49.50 34.98
CA MET D 398 44.22 -48.31 34.14
C MET D 398 43.01 -47.38 34.26
N PHE D 399 41.80 -47.91 34.08
CA PHE D 399 40.64 -47.03 34.00
C PHE D 399 39.61 -47.17 35.12
N TYR D 400 39.50 -48.32 35.77
CA TYR D 400 38.46 -48.50 36.77
C TYR D 400 38.94 -48.31 38.20
N ASN D 401 40.19 -48.67 38.51
CA ASN D 401 40.73 -48.41 39.84
C ASN D 401 41.13 -46.95 39.99
N SER D 402 42.04 -46.49 39.12
CA SER D 402 42.53 -45.11 39.13
C SER D 402 42.00 -44.38 37.91
N ASP D 403 41.57 -43.13 38.11
CA ASP D 403 40.87 -42.36 37.09
C ASP D 403 41.69 -41.18 36.57
N VAL D 404 43.01 -41.33 36.51
CA VAL D 404 43.87 -40.24 36.05
C VAL D 404 43.86 -40.15 34.53
N MET D 405 44.15 -41.27 33.87
CA MET D 405 44.11 -41.36 32.41
C MET D 405 42.77 -40.87 31.86
N SER D 406 41.68 -41.38 32.44
CA SER D 406 40.33 -41.00 32.03
C SER D 406 40.14 -39.48 32.07
N LYS D 407 40.48 -38.87 33.20
CA LYS D 407 40.33 -37.43 33.35
C LYS D 407 41.15 -36.67 32.32
N GLU D 408 42.41 -37.08 32.12
CA GLU D 408 43.25 -36.43 31.13
C GLU D 408 42.62 -36.48 29.74
N PHE D 409 42.14 -37.66 29.34
CA PHE D 409 41.54 -37.80 28.02
C PHE D 409 40.27 -36.97 27.90
N LYS D 410 39.45 -36.93 28.95
CA LYS D 410 38.24 -36.12 28.91
C LYS D 410 38.58 -34.63 28.79
N LYS D 411 39.62 -34.17 29.48
CA LYS D 411 40.07 -32.79 29.33
C LYS D 411 40.49 -32.51 27.88
N ILE D 412 41.23 -33.43 27.29
CA ILE D 412 41.65 -33.28 25.88
C ILE D 412 40.44 -33.16 24.97
N LYS D 413 39.46 -34.06 25.17
CA LYS D 413 38.27 -34.06 24.33
C LYS D 413 37.49 -32.76 24.47
N ASN D 414 37.34 -32.27 25.70
CA ASN D 414 36.65 -31.00 25.91
C ASN D 414 37.37 -29.85 25.21
N GLU D 415 38.70 -29.84 25.28
CA GLU D 415 39.46 -28.80 24.58
C GLU D 415 39.19 -28.85 23.07
N LEU D 416 39.25 -30.04 22.49
CA LEU D 416 38.98 -30.16 21.05
C LEU D 416 37.56 -29.73 20.69
N TYR D 417 36.58 -30.11 21.52
CA TYR D 417 35.20 -29.68 21.30
C TYR D 417 35.10 -28.16 21.31
N LYS D 418 35.76 -27.52 22.28
CA LYS D 418 35.77 -26.05 22.33
C LYS D 418 36.39 -25.45 21.08
N SER D 419 37.49 -26.04 20.60
CA SER D 419 38.12 -25.55 19.37
C SER D 419 37.18 -25.64 18.17
N PHE D 420 36.51 -26.77 18.02
CA PHE D 420 35.52 -26.94 16.95
C PHE D 420 34.44 -25.86 17.04
N GLU D 421 33.93 -25.65 18.26
CA GLU D 421 32.94 -24.60 18.50
C GLU D 421 33.47 -23.25 18.04
N GLU D 422 34.73 -22.95 18.38
CA GLU D 422 35.38 -21.71 17.97
C GLU D 422 35.31 -21.51 16.46
N ILE D 423 35.69 -22.55 15.70
CA ILE D 423 35.69 -22.44 14.24
C ILE D 423 34.27 -22.14 13.73
N LYS D 424 33.29 -22.90 14.23
CA LYS D 424 31.90 -22.67 13.83
C LYS D 424 31.48 -21.24 14.15
N MET D 425 31.85 -20.76 15.34
CA MET D 425 31.52 -19.40 15.76
C MET D 425 32.11 -18.36 14.80
N LYS D 426 33.36 -18.53 14.40
CA LYS D 426 33.97 -17.61 13.44
C LYS D 426 33.17 -17.55 12.13
N LEU D 427 32.79 -18.71 11.60
CA LEU D 427 32.00 -18.72 10.37
C LEU D 427 30.68 -17.96 10.57
N LYS D 428 30.00 -18.24 11.69
CA LYS D 428 28.76 -17.55 12.02
C LYS D 428 28.97 -16.04 12.07
N ASP D 429 30.06 -15.60 12.68
CA ASP D 429 30.36 -14.17 12.77
C ASP D 429 30.50 -13.54 11.38
N PHE D 430 31.19 -14.22 10.46
CA PHE D 430 31.29 -13.71 9.10
C PHE D 430 29.90 -13.46 8.51
N ILE D 431 29.04 -14.49 8.59
CA ILE D 431 27.70 -14.37 8.03
C ILE D 431 26.93 -13.23 8.71
N ASN D 432 27.08 -13.10 10.03
CA ASN D 432 26.41 -12.02 10.76
C ASN D 432 26.85 -10.64 10.29
N ILE D 433 28.15 -10.46 10.05
CA ILE D 433 28.64 -9.19 9.49
C ILE D 433 27.88 -8.84 8.22
N LEU D 434 27.94 -9.76 7.24
CA LEU D 434 27.23 -9.54 5.97
C LEU D 434 25.77 -9.20 6.21
N GLU D 435 25.12 -9.99 7.07
CA GLU D 435 23.70 -9.82 7.39
C GLU D 435 23.41 -8.44 7.93
N ARG D 436 24.22 -7.97 8.88
CA ARG D 436 24.05 -6.63 9.45
C ARG D 436 24.03 -5.60 8.34
N GLU D 437 25.02 -5.66 7.44
CA GLU D 437 25.05 -4.67 6.37
C GLU D 437 23.82 -4.76 5.47
N ILE D 438 23.43 -5.99 5.11
CA ILE D 438 22.31 -6.18 4.20
C ILE D 438 21.01 -5.66 4.82
N LEU D 439 20.79 -5.96 6.10
CA LEU D 439 19.56 -5.52 6.75
C LEU D 439 19.55 -4.00 6.94
N LEU D 440 20.69 -3.38 7.19
CA LEU D 440 20.71 -1.92 7.22
C LEU D 440 20.31 -1.34 5.87
N PHE D 441 20.83 -1.91 4.78
CA PHE D 441 20.42 -1.47 3.44
C PHE D 441 18.91 -1.60 3.27
N LYS D 442 18.36 -2.76 3.64
CA LYS D 442 16.93 -2.98 3.54
C LYS D 442 16.14 -1.94 4.32
N ALA D 443 16.54 -1.69 5.57
CA ALA D 443 15.82 -0.75 6.41
C ALA D 443 15.85 0.65 5.83
N GLU D 444 17.00 1.08 5.30
CA GLU D 444 17.08 2.41 4.71
C GLU D 444 16.18 2.54 3.49
N PHE D 445 16.25 1.58 2.57
CA PHE D 445 15.72 1.82 1.23
C PHE D 445 14.35 1.21 0.99
N SER D 446 13.77 0.51 1.97
CA SER D 446 12.37 0.14 1.87
C SER D 446 11.44 1.34 2.03
N ASN D 447 11.98 2.48 2.46
CA ASN D 447 11.18 3.65 2.79
C ASN D 447 11.53 4.93 2.02
N ILE D 448 12.51 4.90 1.12
CA ILE D 448 12.90 6.12 0.42
C ILE D 448 11.70 6.69 -0.33
N GLN D 449 11.45 7.98 -0.11
CA GLN D 449 10.27 8.67 -0.62
C GLN D 449 10.74 9.81 -1.51
N LYS D 450 10.05 10.01 -2.63
CA LYS D 450 10.46 11.03 -3.60
C LYS D 450 10.45 12.44 -2.97
N ASP D 451 11.36 13.27 -3.48
CA ASP D 451 11.54 14.64 -3.00
C ASP D 451 10.63 15.64 -3.70
N HIS D 452 10.47 15.50 -5.01
CA HIS D 452 10.01 16.56 -5.87
C HIS D 452 8.80 16.14 -6.69
N ILE D 453 8.03 17.16 -7.10
CA ILE D 453 6.77 16.96 -7.81
C ILE D 453 6.94 15.98 -8.96
N PHE D 454 7.93 16.23 -9.81
CA PHE D 454 8.10 15.53 -11.09
C PHE D 454 8.82 14.21 -10.95
N GLN D 455 9.01 13.71 -9.74
CA GLN D 455 9.75 12.48 -9.55
C GLN D 455 8.78 11.31 -9.61
N SER D 456 9.24 10.21 -10.20
CA SER D 456 8.43 9.04 -10.51
C SER D 456 7.98 8.22 -9.30
N ASP D 457 6.80 8.54 -8.76
CA ASP D 457 6.25 7.76 -7.64
C ASP D 457 6.37 6.26 -7.87
N LYS D 458 6.03 5.80 -9.08
CA LYS D 458 6.09 4.37 -9.37
C LYS D 458 7.52 3.84 -9.25
N ASN D 459 8.49 4.60 -9.78
CA ASN D 459 9.90 4.23 -9.63
C ASN D 459 10.23 3.97 -8.16
N PHE D 460 9.91 4.93 -7.31
CA PHE D 460 10.24 4.83 -5.88
C PHE D 460 9.53 3.64 -5.25
N SER D 461 8.24 3.45 -5.56
CA SER D 461 7.51 2.30 -5.03
C SER D 461 8.21 0.98 -5.37
N GLU D 462 8.59 0.83 -6.64
CA GLU D 462 9.27 -0.39 -7.05
C GLU D 462 10.60 -0.57 -6.31
N LEU D 463 11.36 0.52 -6.13
CA LEU D 463 12.57 0.46 -5.32
C LEU D 463 12.27 -0.01 -3.90
N ARG D 464 11.24 0.56 -3.30
CA ARG D 464 10.87 0.20 -1.94
C ARG D 464 10.58 -1.30 -1.82
N ALA D 465 9.80 -1.84 -2.76
CA ALA D 465 9.49 -3.26 -2.74
C ALA D 465 10.75 -4.11 -2.89
N PHE D 466 11.64 -3.73 -3.81
CA PHE D 466 12.85 -4.51 -4.08
C PHE D 466 13.75 -4.56 -2.84
N CYS D 467 14.00 -3.40 -2.25
CA CYS D 467 14.84 -3.35 -1.07
C CYS D 467 14.20 -4.08 0.09
N ASN D 468 12.86 -4.08 0.18
CA ASN D 468 12.21 -4.90 1.20
C ASN D 468 12.48 -6.38 0.98
N ALA D 469 12.40 -6.86 -0.28
CA ALA D 469 12.73 -8.24 -0.63
C ALA D 469 14.24 -8.58 -0.53
N SER D 470 15.07 -7.63 -0.15
CA SER D 470 16.52 -7.86 -0.19
C SER D 470 17.04 -8.99 0.72
N ASP D 471 16.29 -9.44 1.73
CA ASP D 471 16.73 -10.64 2.46
C ASP D 471 16.80 -11.83 1.52
N GLU D 472 15.65 -12.18 0.94
CA GLU D 472 15.59 -13.23 -0.06
C GLU D 472 16.65 -13.03 -1.12
N TYR D 473 16.84 -11.77 -1.54
CA TYR D 473 17.76 -11.51 -2.65
C TYR D 473 19.22 -11.80 -2.28
N PHE D 474 19.69 -11.30 -1.12
CA PHE D 474 21.13 -11.24 -0.88
C PHE D 474 21.66 -12.06 0.30
N LEU D 475 20.82 -12.65 1.13
CA LEU D 475 21.29 -13.16 2.40
C LEU D 475 21.16 -14.67 2.56
N LYS D 476 20.10 -15.26 2.01
CA LYS D 476 19.70 -16.61 2.42
C LYS D 476 20.67 -17.67 1.92
N ASP D 477 21.20 -17.48 0.71
CA ASP D 477 22.17 -18.44 0.16
C ASP D 477 23.39 -18.58 1.07
N PHE D 478 23.89 -17.45 1.55
CA PHE D 478 25.01 -17.45 2.49
C PHE D 478 24.69 -18.25 3.75
N LYS D 479 23.49 -18.04 4.31
CA LYS D 479 23.07 -18.80 5.49
C LYS D 479 23.05 -20.30 5.20
N GLU D 480 22.48 -20.69 4.06
CA GLU D 480 22.46 -22.10 3.68
C GLU D 480 23.87 -22.68 3.61
N LEU D 481 24.78 -21.93 2.98
CA LEU D 481 26.18 -22.35 2.90
C LEU D 481 26.77 -22.55 4.30
N LEU D 482 26.52 -21.58 5.18
CA LEU D 482 27.01 -21.67 6.56
C LEU D 482 26.49 -22.92 7.25
N PHE D 483 25.19 -23.19 7.10
CA PHE D 483 24.60 -24.39 7.68
C PHE D 483 25.25 -25.66 7.14
N LYS D 484 25.48 -25.73 5.82
CA LYS D 484 26.17 -26.88 5.24
C LYS D 484 27.51 -27.10 5.92
N SER D 485 28.31 -26.04 6.01
CA SER D 485 29.63 -26.12 6.63
C SER D 485 29.53 -26.61 8.07
N ILE D 486 28.58 -26.05 8.84
CA ILE D 486 28.40 -26.46 10.23
C ILE D 486 28.08 -27.95 10.33
N LEU D 487 27.17 -28.42 9.47
CA LEU D 487 26.84 -29.85 9.43
C LEU D 487 28.08 -30.70 9.25
N GLU D 488 28.87 -30.38 8.23
CA GLU D 488 30.07 -31.17 7.96
C GLU D 488 31.04 -31.14 9.14
N LEU D 489 31.26 -29.95 9.72
CA LEU D 489 32.16 -29.83 10.87
C LEU D 489 31.70 -30.70 12.03
N ASP D 490 30.40 -30.66 12.35
CA ASP D 490 29.87 -31.47 13.44
C ASP D 490 30.06 -32.96 13.15
N LEU D 491 29.82 -33.37 11.91
CA LEU D 491 30.02 -34.78 11.54
C LEU D 491 31.47 -35.20 11.73
N PHE D 492 32.41 -34.33 11.33
CA PHE D 492 33.83 -34.66 11.52
C PHE D 492 34.19 -34.79 13.00
N PHE D 493 33.69 -33.86 13.83
CA PHE D 493 33.97 -34.00 15.26
C PHE D 493 33.38 -35.28 15.82
N GLU D 494 32.16 -35.63 15.40
CA GLU D 494 31.57 -36.88 15.86
C GLU D 494 32.43 -38.07 15.47
N LYS D 495 32.95 -38.08 14.23
CA LYS D 495 33.84 -39.15 13.81
C LYS D 495 35.06 -39.24 14.70
N LEU D 496 35.72 -38.10 14.96
CA LEU D 496 36.92 -38.10 15.80
C LEU D 496 36.59 -38.57 17.22
N ASN D 497 35.46 -38.12 17.76
CA ASN D 497 35.03 -38.56 19.08
C ASN D 497 34.83 -40.07 19.13
N LEU D 498 34.01 -40.60 18.22
CA LEU D 498 33.54 -41.97 18.38
C LEU D 498 34.56 -43.00 17.93
N LYS D 499 35.51 -42.63 17.06
CA LYS D 499 36.57 -43.57 16.76
C LYS D 499 37.82 -43.41 17.61
N ALA D 500 38.01 -42.26 18.29
CA ALA D 500 39.21 -42.11 19.11
C ALA D 500 38.95 -41.78 20.58
N PHE D 501 38.28 -40.66 20.87
CA PHE D 501 38.23 -40.14 22.24
C PHE D 501 37.15 -40.80 23.10
N THR D 502 36.49 -41.83 22.60
CA THR D 502 35.68 -42.72 23.42
C THR D 502 36.14 -44.16 23.35
N ASN D 503 36.67 -44.60 22.20
CA ASN D 503 37.09 -45.98 22.00
C ASN D 503 38.51 -46.22 22.47
N TYR D 504 38.98 -45.41 23.43
CA TYR D 504 40.32 -45.64 23.97
C TYR D 504 40.32 -46.86 24.90
N GLU D 505 39.24 -47.03 25.67
CA GLU D 505 39.08 -48.24 26.48
C GLU D 505 39.14 -49.49 25.61
N ASN D 506 38.36 -49.48 24.52
CA ASN D 506 38.32 -50.62 23.61
C ASN D 506 39.69 -50.88 23.00
N ALA D 507 40.37 -49.82 22.57
CA ALA D 507 41.71 -49.95 22.01
C ALA D 507 42.67 -50.57 23.02
N THR D 508 42.60 -50.10 24.27
CA THR D 508 43.45 -50.67 25.32
C THR D 508 43.18 -52.16 25.49
N LYS D 509 41.90 -52.53 25.60
CA LYS D 509 41.56 -53.95 25.77
C LYS D 509 42.07 -54.78 24.59
N LEU D 510 41.90 -54.28 23.37
CA LEU D 510 42.25 -55.07 22.19
C LEU D 510 43.76 -55.25 22.10
N SER D 511 44.53 -54.16 22.18
CA SER D 511 45.98 -54.27 22.08
C SER D 511 46.55 -55.09 23.25
N LEU D 512 46.01 -54.88 24.45
CA LEU D 512 46.46 -55.60 25.64
C LEU D 512 46.23 -57.08 25.49
N ALA D 513 45.03 -57.48 25.05
CA ALA D 513 44.73 -58.89 24.86
C ALA D 513 45.58 -59.49 23.74
N PHE D 514 45.80 -58.73 22.67
CA PHE D 514 46.66 -59.22 21.59
C PHE D 514 48.06 -59.53 22.10
N PHE D 515 48.64 -58.62 22.88
CA PHE D 515 49.96 -58.86 23.44
C PHE D 515 49.95 -60.02 24.42
N SER D 516 48.88 -60.17 25.22
CA SER D 516 48.76 -61.33 26.08
C SER D 516 48.83 -62.64 25.30
N ARG D 517 48.03 -62.71 24.23
CA ARG D 517 48.00 -63.90 23.39
C ARG D 517 49.36 -64.16 22.75
N LYS D 518 50.02 -63.09 22.30
CA LYS D 518 51.37 -63.25 21.75
C LYS D 518 52.34 -63.78 22.80
N ILE D 519 52.22 -63.30 24.04
CA ILE D 519 53.06 -63.79 25.13
C ILE D 519 52.87 -65.29 25.31
N ASN D 520 51.61 -65.73 25.37
CA ASN D 520 51.34 -67.15 25.56
C ASN D 520 51.81 -67.99 24.37
N GLU D 521 51.64 -67.46 23.15
CA GLU D 521 52.19 -68.13 21.97
C GLU D 521 53.70 -68.28 22.07
N SER D 522 54.38 -67.24 22.53
CA SER D 522 55.82 -67.34 22.77
C SER D 522 56.11 -68.44 23.79
N ARG D 523 55.32 -68.49 24.86
CA ARG D 523 55.54 -69.47 25.92
C ARG D 523 55.42 -70.89 25.41
N VAL D 524 54.38 -71.19 24.61
CA VAL D 524 54.18 -72.56 24.15
C VAL D 524 55.31 -73.05 23.25
N LEU D 525 56.25 -72.17 22.88
CA LEU D 525 57.56 -72.62 22.39
C LEU D 525 58.38 -73.04 23.61
N TYR D 526 58.18 -74.29 24.00
CA TYR D 526 59.00 -74.99 24.98
C TYR D 526 60.20 -75.55 24.22
N GLU D 527 60.81 -76.62 24.73
CA GLU D 527 61.90 -77.38 24.10
C GLU D 527 63.26 -76.76 24.36
N LEU D 528 63.36 -75.81 25.29
CA LEU D 528 64.57 -75.06 25.56
C LEU D 528 65.26 -74.61 24.27
N ASP D 529 64.47 -74.12 23.32
CA ASP D 529 64.90 -73.66 22.00
C ASP D 529 66.31 -73.07 21.94
N TYR D 537 59.94 -60.09 25.07
CA TYR D 537 58.76 -60.64 24.41
C TYR D 537 57.79 -59.54 23.89
N PRO D 538 57.40 -58.56 24.74
CA PRO D 538 56.88 -57.29 24.21
C PRO D 538 57.91 -56.16 24.21
N LYS D 539 58.12 -55.49 23.08
CA LYS D 539 58.84 -54.22 23.08
C LYS D 539 57.86 -53.05 23.15
N LYS D 540 58.33 -51.92 23.69
CA LYS D 540 57.45 -50.76 23.89
C LYS D 540 57.05 -50.12 22.56
N SER D 541 57.98 -50.03 21.61
CA SER D 541 57.66 -49.46 20.30
C SER D 541 56.50 -50.20 19.65
N GLU D 542 56.54 -51.54 19.70
CA GLU D 542 55.46 -52.36 19.15
C GLU D 542 54.14 -52.02 19.82
N ILE D 543 54.14 -51.90 21.15
CA ILE D 543 52.94 -51.57 21.89
C ILE D 543 52.38 -50.23 21.43
N TYR D 544 53.26 -49.23 21.30
CA TYR D 544 52.84 -47.90 20.85
C TYR D 544 52.20 -47.99 19.48
N GLU D 545 52.83 -48.72 18.55
CA GLU D 545 52.27 -48.87 17.21
C GLU D 545 50.91 -49.55 17.24
N ARG D 546 50.76 -50.58 18.07
CA ARG D 546 49.49 -51.31 18.12
C ARG D 546 48.37 -50.43 18.68
N VAL D 547 48.65 -49.70 19.76
CA VAL D 547 47.65 -48.80 20.32
C VAL D 547 47.32 -47.69 19.32
N LEU D 548 48.32 -47.20 18.59
CA LEU D 548 48.06 -46.21 17.55
C LEU D 548 47.12 -46.75 16.48
N ASN D 549 47.35 -47.99 16.04
CA ASN D 549 46.48 -48.61 15.05
C ASN D 549 45.05 -48.74 15.57
N GLU D 550 44.90 -49.18 16.82
CA GLU D 550 43.55 -49.33 17.37
C GLU D 550 42.81 -48.00 17.47
N LEU D 551 43.51 -46.91 17.82
CA LEU D 551 42.87 -45.60 17.83
C LEU D 551 42.59 -45.01 16.45
N ASN D 552 42.87 -45.74 15.35
CA ASN D 552 42.61 -45.28 13.98
C ASN D 552 43.41 -44.04 13.63
N VAL D 553 44.68 -43.99 14.06
CA VAL D 553 45.45 -42.77 13.86
C VAL D 553 46.12 -42.71 12.48
N TYR D 554 46.09 -43.79 11.71
CA TYR D 554 46.39 -43.66 10.29
C TYR D 554 45.28 -42.90 9.57
N GLU D 555 44.04 -43.31 9.82
CA GLU D 555 42.88 -42.66 9.22
C GLU D 555 42.81 -41.19 9.64
N PHE D 556 43.02 -40.92 10.92
CA PHE D 556 42.96 -39.54 11.39
C PHE D 556 44.20 -38.75 11.01
N GLU D 557 45.36 -39.39 10.83
CA GLU D 557 46.48 -38.67 10.23
C GLU D 557 46.14 -38.24 8.81
N THR D 558 45.53 -39.14 8.04
CA THR D 558 45.13 -38.80 6.67
C THR D 558 44.11 -37.66 6.67
N LEU D 559 43.14 -37.71 7.58
CA LEU D 559 42.09 -36.69 7.59
C LEU D 559 42.52 -35.38 8.23
N LEU D 560 43.54 -35.40 9.08
CA LEU D 560 44.05 -34.19 9.72
C LEU D 560 45.15 -33.50 8.93
N ILE D 561 46.00 -34.24 8.20
CA ILE D 561 47.19 -33.68 7.57
C ILE D 561 47.21 -33.94 6.07
N ASN D 562 47.06 -35.21 5.65
CA ASN D 562 47.10 -35.52 4.22
C ASN D 562 45.98 -34.80 3.46
N LYS D 563 44.74 -34.99 3.89
CA LYS D 563 43.59 -34.32 3.31
C LYS D 563 42.90 -33.56 4.44
N PRO D 564 43.42 -32.40 4.83
CA PRO D 564 42.91 -31.72 6.02
C PRO D 564 41.46 -31.33 5.84
N ILE D 565 40.62 -31.85 6.73
CA ILE D 565 39.18 -31.74 6.57
C ILE D 565 38.72 -30.32 6.89
N LEU D 566 39.17 -29.79 8.02
CA LEU D 566 38.80 -28.44 8.44
C LEU D 566 39.23 -27.41 7.40
N THR D 567 40.46 -27.54 6.89
CA THR D 567 40.94 -26.63 5.85
C THR D 567 40.07 -26.72 4.60
N LYS D 568 39.71 -27.95 4.19
CA LYS D 568 38.83 -28.14 3.03
C LYS D 568 37.48 -27.47 3.23
N ILE D 569 36.89 -27.67 4.42
CA ILE D 569 35.64 -27.01 4.76
C ILE D 569 35.81 -25.50 4.62
N ALA D 570 36.92 -24.97 5.16
CA ALA D 570 37.18 -23.53 5.12
C ALA D 570 37.23 -23.01 3.69
N LYS D 571 37.99 -23.72 2.85
CA LYS D 571 38.11 -23.31 1.45
C LYS D 571 36.77 -23.39 0.73
N ASN D 572 35.97 -24.42 1.03
CA ASN D 572 34.63 -24.53 0.45
C ASN D 572 33.81 -23.29 0.77
N PHE D 573 33.77 -22.91 2.05
CA PHE D 573 33.01 -21.73 2.45
C PHE D 573 33.49 -20.49 1.70
N LEU D 574 34.80 -20.29 1.64
CA LEU D 574 35.32 -19.06 1.03
C LEU D 574 34.98 -19.00 -0.47
N GLU D 575 35.24 -20.09 -1.19
CA GLU D 575 35.02 -20.09 -2.63
C GLU D 575 33.53 -19.93 -2.96
N GLN D 576 32.67 -20.62 -2.21
CA GLN D 576 31.24 -20.53 -2.52
C GLN D 576 30.70 -19.14 -2.17
N SER D 577 31.18 -18.52 -1.09
CA SER D 577 30.75 -17.17 -0.79
C SER D 577 31.21 -16.18 -1.86
N GLN D 578 32.43 -16.36 -2.37
CA GLN D 578 32.88 -15.54 -3.49
C GLN D 578 31.97 -15.72 -4.72
N ASN D 579 31.61 -16.97 -5.03
CA ASN D 579 30.70 -17.23 -6.13
C ASN D 579 29.37 -16.50 -5.93
N LEU D 580 28.82 -16.61 -4.71
CA LEU D 580 27.55 -15.95 -4.40
C LEU D 580 27.67 -14.44 -4.57
N ILE D 581 28.76 -13.85 -4.10
CA ILE D 581 28.99 -12.41 -4.25
C ILE D 581 28.99 -12.02 -5.73
N GLN D 582 29.68 -12.81 -6.56
CA GLN D 582 29.72 -12.54 -7.99
C GLN D 582 28.32 -12.57 -8.61
N GLU D 583 27.53 -13.60 -8.26
CA GLU D 583 26.17 -13.70 -8.79
C GLU D 583 25.32 -12.50 -8.36
N LYS D 584 25.43 -12.10 -7.09
CA LYS D 584 24.72 -10.92 -6.62
C LYS D 584 25.12 -9.68 -7.43
N ASN D 585 26.42 -9.55 -7.71
CA ASN D 585 26.90 -8.42 -8.51
C ASN D 585 26.27 -8.40 -9.90
N LYS D 586 26.21 -9.57 -10.55
CA LYS D 586 25.56 -9.66 -11.86
C LYS D 586 24.10 -9.22 -11.77
N PHE D 587 23.42 -9.73 -10.75
CA PHE D 587 22.00 -9.42 -10.54
C PHE D 587 21.80 -7.91 -10.40
N LEU D 588 22.65 -7.24 -9.63
CA LEU D 588 22.57 -5.78 -9.49
C LEU D 588 22.93 -5.06 -10.79
N ASP D 589 23.89 -5.59 -11.55
CA ASP D 589 24.21 -4.99 -12.85
C ASP D 589 22.98 -4.92 -13.74
N LEU D 590 22.06 -5.88 -13.62
CA LEU D 590 20.80 -5.77 -14.36
C LEU D 590 20.07 -4.46 -14.05
N LYS D 591 19.91 -4.16 -12.75
CA LYS D 591 19.23 -2.94 -12.33
C LYS D 591 19.96 -1.70 -12.84
N LYS D 592 21.29 -1.71 -12.72
CA LYS D 592 22.07 -0.56 -13.21
C LYS D 592 21.84 -0.35 -14.71
N ALA D 593 21.77 -1.44 -15.47
CA ALA D 593 21.48 -1.31 -16.90
C ALA D 593 20.11 -0.69 -17.16
N GLU D 594 19.10 -1.10 -16.39
CA GLU D 594 17.77 -0.50 -16.53
C GLU D 594 17.83 1.02 -16.28
N LEU D 595 18.48 1.41 -15.17
CA LEU D 595 18.65 2.82 -14.86
C LEU D 595 19.37 3.55 -15.99
N GLN D 596 20.37 2.90 -16.58
CA GLN D 596 21.10 3.48 -17.71
C GLN D 596 20.19 3.72 -18.90
N LYS D 597 19.30 2.77 -19.21
CA LYS D 597 18.26 3.00 -20.21
C LYS D 597 17.53 4.32 -19.96
N ARG D 598 17.00 4.48 -18.74
CA ARG D 598 16.28 5.73 -18.41
C ARG D 598 17.15 6.97 -18.64
N ARG D 599 18.36 6.96 -18.07
CA ARG D 599 19.26 8.10 -18.19
C ARG D 599 19.58 8.42 -19.65
N ALA D 600 19.80 7.38 -20.47
CA ALA D 600 20.10 7.59 -21.88
C ALA D 600 18.94 8.29 -22.59
N GLN D 601 17.70 7.88 -22.30
CA GLN D 601 16.57 8.60 -22.89
C GLN D 601 16.55 10.06 -22.45
N ILE D 602 16.79 10.31 -21.17
CA ILE D 602 16.79 11.69 -20.67
C ILE D 602 17.84 12.51 -21.40
N LEU D 603 19.05 11.96 -21.54
CA LEU D 603 20.12 12.67 -22.23
C LEU D 603 19.80 12.88 -23.71
N ASN D 604 19.09 11.94 -24.34
CA ASN D 604 18.65 12.15 -25.72
C ASN D 604 17.75 13.38 -25.81
N VAL D 605 16.80 13.50 -24.88
CA VAL D 605 15.93 14.68 -24.86
C VAL D 605 16.76 15.94 -24.63
N ARG D 606 17.74 15.86 -23.73
CA ARG D 606 18.57 17.03 -23.42
C ARG D 606 19.33 17.51 -24.66
N GLU D 607 20.00 16.59 -25.34
CA GLU D 607 20.76 16.97 -26.53
C GLU D 607 19.85 17.42 -27.66
N SER D 608 18.65 16.86 -27.76
CA SER D 608 17.67 17.36 -28.73
C SER D 608 17.32 18.81 -28.44
N ILE D 609 17.08 19.14 -27.17
CA ILE D 609 16.78 20.52 -26.80
C ILE D 609 17.96 21.42 -27.11
N LYS D 610 19.18 20.95 -26.86
CA LYS D 610 20.36 21.78 -26.91
C LYS D 610 20.88 22.01 -28.33
N GLU D 611 20.38 21.28 -29.32
CA GLU D 611 20.85 21.44 -30.70
C GLU D 611 19.75 21.89 -31.65
N ASP D 612 18.63 22.43 -31.16
CA ASP D 612 17.57 22.85 -32.06
C ASP D 612 17.61 24.32 -32.48
N HIS D 613 18.13 25.21 -31.64
CA HIS D 613 18.21 26.62 -32.00
C HIS D 613 19.32 26.88 -33.01
N HIS D 614 19.02 27.74 -33.99
CA HIS D 614 19.98 28.11 -35.02
C HIS D 614 19.78 29.56 -35.43
#